data_2MVG
#
_entry.id   2MVG
#
_entity_poly.entity_id   1
_entity_poly.type   'polypeptide(L)'
_entity_poly.pdbx_seq_one_letter_code
;SSIGLVERTNAALESSSKDLKNKILKIKKEATGKGVLFEAFTGLKTGSKVTSGGLALREAKVQAIVETGKFLKIIEEEAL
KLKETGNSGQFLAMFDLMLEVVESLEDVGIIGLKARVLEESKNNPINTAERLLAAKAQIENQLKVVKEKQNIENGGEKKN
NKSKKKK
;
_entity_poly.pdbx_strand_id   A
#
# COMPACT_ATOMS: atom_id res chain seq x y z
N SER A 1 30.04 13.49 -17.31
CA SER A 1 29.58 13.29 -15.90
C SER A 1 28.42 12.31 -15.87
N SER A 2 27.71 12.21 -17.00
CA SER A 2 26.57 11.30 -17.10
C SER A 2 26.36 10.88 -18.55
N ILE A 3 25.81 9.68 -18.74
CA ILE A 3 25.56 9.14 -20.09
C ILE A 3 24.10 8.74 -20.22
N GLY A 4 23.20 9.69 -19.99
CA GLY A 4 21.78 9.43 -20.10
C GLY A 4 21.25 8.72 -18.86
N LEU A 5 22.18 8.25 -18.02
CA LEU A 5 21.81 7.54 -16.80
C LEU A 5 21.50 8.54 -15.70
N VAL A 6 21.43 8.06 -14.46
CA VAL A 6 21.14 8.90 -13.31
C VAL A 6 22.10 8.60 -12.16
N GLU A 7 22.19 9.54 -11.23
CA GLU A 7 23.07 9.38 -10.08
C GLU A 7 22.61 8.22 -9.21
N ARG A 8 23.55 7.58 -8.53
CA ARG A 8 23.22 6.47 -7.65
C ARG A 8 22.46 5.39 -8.41
N THR A 9 22.37 5.55 -9.72
CA THR A 9 21.68 4.60 -10.56
C THR A 9 20.22 4.44 -10.10
N ASN A 10 19.37 4.02 -11.02
CA ASN A 10 17.96 3.83 -10.69
C ASN A 10 17.75 2.50 -9.97
N ALA A 11 18.87 1.84 -9.64
CA ALA A 11 18.79 0.55 -8.95
C ALA A 11 17.84 0.63 -7.75
N ALA A 12 18.20 1.47 -6.78
CA ALA A 12 17.36 1.63 -5.59
C ALA A 12 15.91 1.88 -5.98
N LEU A 13 15.71 2.61 -7.06
CA LEU A 13 14.39 2.92 -7.54
C LEU A 13 13.53 3.53 -6.44
N GLU A 14 14.18 3.93 -5.35
CA GLU A 14 13.47 4.52 -4.24
C GLU A 14 12.91 5.89 -4.62
N SER A 15 13.49 6.49 -5.64
CA SER A 15 13.04 7.81 -6.09
C SER A 15 11.61 7.75 -6.62
N SER A 16 11.39 6.84 -7.57
CA SER A 16 10.06 6.69 -8.16
C SER A 16 9.09 6.07 -7.16
N SER A 17 9.63 5.29 -6.21
CA SER A 17 8.80 4.64 -5.21
C SER A 17 8.04 5.68 -4.38
N LYS A 18 8.73 6.78 -4.07
CA LYS A 18 8.13 7.85 -3.28
C LYS A 18 6.92 8.43 -4.00
N ASP A 19 6.89 8.26 -5.32
CA ASP A 19 5.79 8.78 -6.11
C ASP A 19 4.54 7.93 -5.92
N LEU A 20 4.72 6.75 -5.29
CA LEU A 20 3.58 5.85 -5.10
C LEU A 20 2.67 6.38 -3.99
N LYS A 21 3.21 6.49 -2.80
CA LYS A 21 2.43 6.99 -1.65
C LYS A 21 1.84 8.36 -1.98
N ASN A 22 2.49 9.08 -2.90
CA ASN A 22 2.02 10.40 -3.30
C ASN A 22 1.00 10.29 -4.43
N LYS A 23 1.08 9.20 -5.18
CA LYS A 23 0.15 9.01 -6.30
C LYS A 23 -1.28 9.01 -5.84
N ILE A 24 -1.51 8.68 -4.60
CA ILE A 24 -2.86 8.64 -4.07
C ILE A 24 -3.53 9.98 -4.23
N LEU A 25 -2.77 11.07 -4.06
CA LEU A 25 -3.33 12.41 -4.15
C LEU A 25 -4.35 12.51 -5.29
N LYS A 26 -4.19 11.63 -6.27
CA LYS A 26 -5.07 11.60 -7.42
C LYS A 26 -6.33 10.79 -7.12
N ILE A 27 -6.13 9.64 -6.48
CA ILE A 27 -7.24 8.76 -6.13
C ILE A 27 -8.19 9.47 -5.19
N LYS A 28 -7.68 10.47 -4.47
CA LYS A 28 -8.51 11.22 -3.54
C LYS A 28 -9.49 12.13 -4.29
N LYS A 29 -8.99 12.81 -5.31
CA LYS A 29 -9.81 13.72 -6.09
C LYS A 29 -10.98 12.99 -6.71
N GLU A 30 -10.82 11.70 -6.94
CA GLU A 30 -11.89 10.91 -7.54
C GLU A 30 -13.21 11.12 -6.79
N ALA A 31 -13.18 10.88 -5.49
CA ALA A 31 -14.39 11.03 -4.68
C ALA A 31 -14.86 12.48 -4.69
N THR A 32 -13.94 13.40 -4.47
CA THR A 32 -14.28 14.83 -4.44
C THR A 32 -15.10 15.21 -5.67
N GLY A 33 -14.76 14.63 -6.81
CA GLY A 33 -15.48 14.92 -8.04
C GLY A 33 -16.97 14.66 -7.87
N LYS A 34 -17.32 13.63 -7.09
CA LYS A 34 -18.72 13.28 -6.85
C LYS A 34 -19.31 14.17 -5.75
N GLY A 35 -18.65 15.29 -5.49
CA GLY A 35 -19.13 16.21 -4.48
C GLY A 35 -19.03 15.59 -3.09
N VAL A 36 -18.15 14.60 -2.96
CA VAL A 36 -17.97 13.92 -1.67
C VAL A 36 -17.11 14.78 -0.75
N LEU A 37 -17.33 14.64 0.56
CA LEU A 37 -16.59 15.41 1.56
C LEU A 37 -15.67 14.48 2.36
N PHE A 38 -14.44 14.93 2.58
CA PHE A 38 -13.47 14.14 3.33
C PHE A 38 -13.61 14.42 4.82
N GLU A 39 -14.65 15.17 5.20
CA GLU A 39 -14.88 15.48 6.61
C GLU A 39 -15.98 14.60 7.18
N ALA A 40 -16.91 14.18 6.32
CA ALA A 40 -18.02 13.33 6.75
C ALA A 40 -17.65 11.86 6.65
N PHE A 41 -16.42 11.53 7.01
CA PHE A 41 -15.96 10.15 6.95
C PHE A 41 -16.88 9.25 7.76
N THR A 42 -16.67 9.25 9.07
CA THR A 42 -17.47 8.42 9.96
C THR A 42 -17.38 8.94 11.39
N GLY A 43 -18.50 9.42 11.92
CA GLY A 43 -18.54 9.94 13.30
C GLY A 43 -19.58 11.05 13.43
N LEU A 44 -19.87 11.71 12.32
CA LEU A 44 -20.84 12.80 12.31
C LEU A 44 -22.25 12.25 12.50
N LYS A 45 -22.38 11.19 13.30
CA LYS A 45 -23.67 10.56 13.55
C LYS A 45 -24.19 9.88 12.28
N THR A 46 -23.73 10.34 11.12
CA THR A 46 -24.16 9.77 9.86
C THR A 46 -25.68 9.61 9.82
N GLY A 47 -26.37 10.42 10.64
CA GLY A 47 -27.82 10.35 10.70
C GLY A 47 -28.45 10.76 9.37
N SER A 48 -28.04 11.92 8.85
CA SER A 48 -28.57 12.41 7.58
C SER A 48 -27.63 12.03 6.44
N LYS A 49 -26.35 11.82 6.76
CA LYS A 49 -25.35 11.46 5.75
C LYS A 49 -25.37 9.95 5.51
N VAL A 50 -26.54 9.35 5.64
CA VAL A 50 -26.67 7.92 5.43
C VAL A 50 -25.94 7.48 4.14
N THR A 51 -24.66 7.14 4.29
CA THR A 51 -23.87 6.72 3.14
C THR A 51 -24.08 7.66 1.96
N SER A 52 -24.12 8.96 2.24
CA SER A 52 -24.32 9.96 1.20
C SER A 52 -23.16 9.95 0.21
N GLY A 53 -22.02 9.41 0.65
CA GLY A 53 -20.85 9.34 -0.20
C GLY A 53 -21.11 8.47 -1.43
N GLY A 54 -21.91 7.43 -1.24
CA GLY A 54 -22.24 6.53 -2.34
C GLY A 54 -21.13 5.51 -2.55
N LEU A 55 -21.21 4.77 -3.66
CA LEU A 55 -20.21 3.75 -3.98
C LEU A 55 -19.02 4.37 -4.67
N ALA A 56 -19.03 5.69 -4.78
CA ALA A 56 -17.94 6.39 -5.44
C ALA A 56 -16.76 6.55 -4.50
N LEU A 57 -17.01 6.47 -3.20
CA LEU A 57 -15.95 6.59 -2.21
C LEU A 57 -15.30 5.24 -1.90
N ARG A 58 -16.09 4.17 -2.00
CA ARG A 58 -15.58 2.83 -1.72
C ARG A 58 -14.72 2.34 -2.87
N GLU A 59 -15.09 2.73 -4.08
CA GLU A 59 -14.34 2.32 -5.26
C GLU A 59 -12.98 3.00 -5.28
N ALA A 60 -12.85 4.10 -4.54
CA ALA A 60 -11.60 4.84 -4.48
C ALA A 60 -10.54 4.06 -3.70
N LYS A 61 -10.97 3.49 -2.58
CA LYS A 61 -10.05 2.73 -1.74
C LYS A 61 -9.48 1.55 -2.51
N VAL A 62 -10.23 1.07 -3.48
CA VAL A 62 -9.80 -0.06 -4.31
C VAL A 62 -8.92 0.40 -5.47
N GLN A 63 -9.30 1.52 -6.07
CA GLN A 63 -8.56 2.06 -7.21
C GLN A 63 -7.07 2.21 -6.85
N ALA A 64 -6.79 2.31 -5.56
CA ALA A 64 -5.41 2.47 -5.13
C ALA A 64 -4.63 1.18 -5.39
N ILE A 65 -5.00 0.12 -4.67
CA ILE A 65 -4.32 -1.17 -4.80
C ILE A 65 -4.04 -1.47 -6.27
N VAL A 66 -4.99 -1.15 -7.13
CA VAL A 66 -4.83 -1.39 -8.55
C VAL A 66 -3.57 -0.68 -9.05
N GLU A 67 -3.39 0.57 -8.63
CA GLU A 67 -2.22 1.34 -9.03
C GLU A 67 -0.95 0.76 -8.42
N THR A 68 -1.05 0.34 -7.16
CA THR A 68 0.09 -0.22 -6.46
C THR A 68 0.54 -1.52 -7.11
N GLY A 69 -0.42 -2.36 -7.48
CA GLY A 69 -0.10 -3.63 -8.11
C GLY A 69 0.75 -3.43 -9.37
N LYS A 70 0.58 -2.27 -10.01
CA LYS A 70 1.33 -1.97 -11.23
C LYS A 70 2.76 -1.62 -10.89
N PHE A 71 2.94 -0.80 -9.87
CA PHE A 71 4.28 -0.38 -9.46
C PHE A 71 5.00 -1.53 -8.77
N LEU A 72 4.24 -2.36 -8.08
CA LEU A 72 4.81 -3.49 -7.36
C LEU A 72 5.44 -4.48 -8.33
N LYS A 73 4.86 -4.59 -9.51
CA LYS A 73 5.36 -5.51 -10.52
C LYS A 73 6.69 -5.03 -11.07
N ILE A 74 6.95 -3.74 -10.93
CA ILE A 74 8.20 -3.16 -11.43
C ILE A 74 9.35 -3.47 -10.47
N ILE A 75 9.06 -3.50 -9.18
CA ILE A 75 10.10 -3.76 -8.19
C ILE A 75 10.62 -5.19 -8.32
N GLU A 76 9.78 -6.08 -8.82
CA GLU A 76 10.17 -7.48 -8.98
C GLU A 76 11.44 -7.60 -9.81
N GLU A 77 11.48 -6.91 -10.94
CA GLU A 77 12.64 -6.96 -11.81
C GLU A 77 13.76 -6.11 -11.23
N GLU A 78 13.49 -5.43 -10.12
CA GLU A 78 14.50 -4.58 -9.49
C GLU A 78 15.29 -5.36 -8.44
N ALA A 79 14.55 -5.99 -7.53
CA ALA A 79 15.18 -6.77 -6.47
C ALA A 79 15.86 -8.00 -7.05
N LEU A 80 15.23 -8.59 -8.05
CA LEU A 80 15.78 -9.78 -8.68
C LEU A 80 17.24 -9.57 -9.06
N LYS A 81 17.56 -8.34 -9.43
CA LYS A 81 18.92 -8.02 -9.81
C LYS A 81 19.86 -8.09 -8.62
N LEU A 82 19.49 -7.42 -7.53
CA LEU A 82 20.32 -7.39 -6.32
C LEU A 82 20.81 -8.78 -5.97
N LYS A 83 20.19 -9.79 -6.55
CA LYS A 83 20.58 -11.17 -6.28
C LYS A 83 22.11 -11.31 -6.34
N GLU A 84 22.73 -10.61 -7.29
CA GLU A 84 24.17 -10.68 -7.42
C GLU A 84 24.85 -9.94 -6.27
N THR A 85 24.31 -8.79 -5.89
CA THR A 85 24.90 -8.00 -4.81
C THR A 85 24.67 -8.68 -3.47
N GLY A 86 23.45 -9.14 -3.23
CA GLY A 86 23.13 -9.82 -1.99
C GLY A 86 23.48 -8.95 -0.79
N ASN A 87 23.64 -7.65 -1.03
CA ASN A 87 23.98 -6.72 0.03
C ASN A 87 22.78 -6.50 0.95
N SER A 88 22.83 -7.10 2.14
CA SER A 88 21.73 -6.96 3.10
C SER A 88 21.38 -5.50 3.31
N GLY A 89 22.39 -4.64 3.33
CA GLY A 89 22.18 -3.21 3.52
C GLY A 89 21.24 -2.64 2.47
N GLN A 90 21.44 -3.04 1.22
CA GLN A 90 20.60 -2.56 0.12
C GLN A 90 19.29 -3.35 0.07
N PHE A 91 19.33 -4.59 0.53
CA PHE A 91 18.13 -5.45 0.52
C PHE A 91 17.22 -5.09 1.69
N LEU A 92 17.82 -4.65 2.78
CA LEU A 92 17.06 -4.31 3.97
C LEU A 92 16.11 -3.15 3.66
N ALA A 93 16.58 -2.21 2.87
CA ALA A 93 15.76 -1.07 2.52
C ALA A 93 14.54 -1.53 1.74
N MET A 94 14.72 -2.54 0.91
CA MET A 94 13.62 -3.06 0.10
C MET A 94 12.48 -3.54 0.99
N PHE A 95 12.82 -4.28 2.04
CA PHE A 95 11.82 -4.80 2.96
C PHE A 95 11.02 -3.66 3.56
N ASP A 96 11.72 -2.62 3.99
CA ASP A 96 11.08 -1.47 4.59
C ASP A 96 10.39 -0.62 3.54
N LEU A 97 10.77 -0.83 2.29
CA LEU A 97 10.18 -0.06 1.17
C LEU A 97 8.80 -0.60 0.78
N MET A 98 8.74 -1.88 0.46
CA MET A 98 7.49 -2.50 0.05
C MET A 98 6.42 -2.32 1.11
N LEU A 99 6.85 -2.19 2.35
CA LEU A 99 5.94 -2.00 3.47
C LEU A 99 5.58 -0.54 3.66
N GLU A 100 6.47 0.35 3.23
CA GLU A 100 6.23 1.78 3.38
C GLU A 100 5.08 2.23 2.52
N VAL A 101 5.08 1.82 1.25
CA VAL A 101 4.02 2.22 0.32
C VAL A 101 2.65 1.87 0.89
N VAL A 102 2.63 0.95 1.83
CA VAL A 102 1.39 0.48 2.48
C VAL A 102 1.00 1.40 3.63
N GLU A 103 1.90 2.31 3.98
CA GLU A 103 1.66 3.23 5.10
C GLU A 103 0.83 4.44 4.68
N SER A 104 0.97 4.85 3.42
CA SER A 104 0.22 6.02 2.92
C SER A 104 -1.21 5.65 2.57
N LEU A 105 -1.48 4.35 2.47
CA LEU A 105 -2.82 3.89 2.13
C LEU A 105 -3.76 4.06 3.32
N GLU A 106 -3.20 4.12 4.52
CA GLU A 106 -4.01 4.29 5.72
C GLU A 106 -4.83 5.56 5.65
N ASP A 107 -4.45 6.46 4.74
CA ASP A 107 -5.15 7.73 4.57
C ASP A 107 -6.45 7.54 3.82
N VAL A 108 -6.66 6.32 3.30
CA VAL A 108 -7.86 6.00 2.52
C VAL A 108 -8.65 4.88 3.20
N GLY A 109 -8.55 4.80 4.51
CA GLY A 109 -9.28 3.78 5.25
C GLY A 109 -8.81 2.39 4.87
N ILE A 110 -7.58 2.28 4.38
CA ILE A 110 -7.00 0.99 3.99
C ILE A 110 -6.02 0.53 5.06
N ILE A 111 -6.30 -0.63 5.64
CA ILE A 111 -5.46 -1.19 6.69
C ILE A 111 -5.20 -2.66 6.44
N GLY A 112 -4.10 -2.93 5.77
CA GLY A 112 -3.72 -4.30 5.48
C GLY A 112 -3.08 -4.94 6.70
N LEU A 113 -2.86 -6.25 6.62
CA LEU A 113 -2.24 -7.00 7.71
C LEU A 113 -0.73 -6.82 7.69
N LYS A 114 -0.28 -5.69 7.16
CA LYS A 114 1.14 -5.43 7.10
C LYS A 114 1.77 -5.57 8.48
N ALA A 115 1.20 -4.87 9.46
CA ALA A 115 1.73 -4.90 10.83
C ALA A 115 2.15 -6.30 11.23
N ARG A 116 1.44 -7.28 10.68
CA ARG A 116 1.73 -8.69 10.97
C ARG A 116 2.96 -9.17 10.19
N VAL A 117 3.17 -8.62 9.00
CA VAL A 117 4.30 -9.00 8.18
C VAL A 117 5.62 -8.61 8.84
N LEU A 118 5.57 -7.66 9.76
CA LEU A 118 6.78 -7.21 10.42
C LEU A 118 7.43 -8.37 11.19
N GLU A 119 6.60 -9.15 11.86
CA GLU A 119 7.12 -10.27 12.62
C GLU A 119 7.71 -11.34 11.70
N GLU A 120 7.30 -11.31 10.44
CA GLU A 120 7.77 -12.30 9.48
C GLU A 120 9.30 -12.28 9.42
N SER A 121 9.87 -11.09 9.24
CA SER A 121 11.32 -10.96 9.16
C SER A 121 11.95 -11.14 10.53
N LYS A 122 11.18 -10.86 11.57
CA LYS A 122 11.69 -10.99 12.94
C LYS A 122 11.99 -12.45 13.24
N ASN A 123 11.11 -13.34 12.79
CA ASN A 123 11.28 -14.77 13.03
C ASN A 123 12.36 -15.33 12.14
N ASN A 124 12.32 -14.98 10.85
CA ASN A 124 13.31 -15.47 9.88
C ASN A 124 14.31 -14.37 9.52
N PRO A 125 15.60 -14.66 9.52
CA PRO A 125 16.64 -13.64 9.18
C PRO A 125 16.58 -13.23 7.71
N ILE A 126 16.23 -11.96 7.46
CA ILE A 126 16.13 -11.45 6.09
C ILE A 126 17.38 -10.65 5.74
N ASN A 127 18.36 -11.34 5.17
CA ASN A 127 19.63 -10.71 4.77
C ASN A 127 20.10 -11.27 3.44
N THR A 128 19.18 -11.80 2.65
CA THR A 128 19.52 -12.37 1.35
C THR A 128 18.45 -12.01 0.33
N ALA A 129 18.65 -12.47 -0.91
CA ALA A 129 17.72 -12.21 -2.01
C ALA A 129 16.73 -13.33 -2.14
N GLU A 130 17.17 -14.48 -2.67
CA GLU A 130 16.30 -15.65 -2.87
C GLU A 130 15.17 -15.69 -1.84
N ARG A 131 15.53 -15.83 -0.58
CA ARG A 131 14.53 -15.89 0.48
C ARG A 131 13.64 -14.67 0.45
N LEU A 132 14.21 -13.54 0.10
CA LEU A 132 13.44 -12.29 0.07
C LEU A 132 12.16 -12.49 -0.74
N LEU A 133 12.31 -12.99 -1.96
CA LEU A 133 11.16 -13.21 -2.82
C LEU A 133 10.03 -13.88 -2.05
N ALA A 134 10.39 -14.60 -1.00
CA ALA A 134 9.41 -15.28 -0.18
C ALA A 134 8.56 -14.26 0.58
N ALA A 135 9.19 -13.17 1.01
CA ALA A 135 8.49 -12.14 1.75
C ALA A 135 7.50 -11.41 0.85
N LYS A 136 7.94 -11.09 -0.36
CA LYS A 136 7.09 -10.38 -1.31
C LYS A 136 5.90 -11.24 -1.71
N ALA A 137 6.20 -12.48 -2.09
CA ALA A 137 5.17 -13.42 -2.51
C ALA A 137 3.94 -13.31 -1.62
N GLN A 138 4.18 -12.97 -0.36
CA GLN A 138 3.09 -12.80 0.60
C GLN A 138 2.40 -11.46 0.42
N ILE A 139 3.17 -10.42 0.13
CA ILE A 139 2.60 -9.09 -0.05
C ILE A 139 1.62 -9.06 -1.22
N GLU A 140 2.04 -9.57 -2.36
CA GLU A 140 1.18 -9.60 -3.53
C GLU A 140 0.02 -10.57 -3.36
N ASN A 141 0.32 -11.73 -2.77
CA ASN A 141 -0.70 -12.75 -2.56
C ASN A 141 -1.75 -12.24 -1.58
N GLN A 142 -1.33 -11.48 -0.59
CA GLN A 142 -2.25 -10.96 0.41
C GLN A 142 -3.03 -9.77 -0.14
N LEU A 143 -2.38 -8.93 -0.93
CA LEU A 143 -3.05 -7.76 -1.48
C LEU A 143 -4.22 -8.18 -2.36
N LYS A 144 -4.01 -9.20 -3.17
CA LYS A 144 -5.04 -9.67 -4.06
C LYS A 144 -6.23 -10.18 -3.26
N VAL A 145 -6.00 -10.51 -2.00
CA VAL A 145 -7.06 -11.01 -1.12
C VAL A 145 -7.84 -9.86 -0.52
N VAL A 146 -7.21 -8.70 -0.42
CA VAL A 146 -7.86 -7.53 0.15
C VAL A 146 -8.96 -7.02 -0.78
N LYS A 147 -8.70 -7.05 -2.07
CA LYS A 147 -9.65 -6.57 -3.05
C LYS A 147 -10.95 -7.36 -3.00
N GLU A 148 -10.85 -8.65 -2.72
CA GLU A 148 -12.02 -9.51 -2.67
C GLU A 148 -12.94 -9.10 -1.51
N LYS A 149 -12.37 -8.38 -0.55
CA LYS A 149 -13.13 -7.97 0.61
C LYS A 149 -14.27 -7.05 0.23
N GLN A 150 -14.30 -6.66 -1.04
CA GLN A 150 -15.35 -5.79 -1.54
C GLN A 150 -16.62 -6.59 -1.81
N ASN A 151 -16.67 -7.82 -1.30
CA ASN A 151 -17.84 -8.67 -1.51
C ASN A 151 -19.09 -7.97 -0.98
N ILE A 152 -19.04 -7.54 0.29
CA ILE A 152 -20.19 -6.87 0.90
C ILE A 152 -19.78 -6.24 2.24
N GLU A 153 -18.50 -5.93 2.37
CA GLU A 153 -18.02 -5.33 3.61
C GLU A 153 -18.41 -6.21 4.81
N ASN A 154 -18.99 -5.59 5.84
CA ASN A 154 -19.40 -6.31 7.03
C ASN A 154 -18.21 -7.09 7.62
N GLY A 155 -17.03 -6.49 7.55
CA GLY A 155 -15.83 -7.13 8.06
C GLY A 155 -14.67 -6.15 8.14
N GLY A 156 -13.67 -6.36 7.28
CA GLY A 156 -12.51 -5.49 7.27
C GLY A 156 -12.89 -4.07 6.87
N GLU A 157 -13.66 -3.95 5.79
CA GLU A 157 -14.10 -2.65 5.30
C GLU A 157 -15.17 -2.07 6.24
N LYS A 158 -14.99 -0.80 6.60
CA LYS A 158 -15.93 -0.13 7.48
C LYS A 158 -16.10 -0.92 8.77
N LYS A 159 -15.10 -0.83 9.64
CA LYS A 159 -15.15 -1.54 10.92
C LYS A 159 -16.25 -0.96 11.81
N ASN A 160 -16.95 -1.84 12.52
CA ASN A 160 -18.02 -1.41 13.41
C ASN A 160 -17.45 -0.88 14.71
N ASN A 161 -18.10 0.14 15.28
CA ASN A 161 -17.66 0.74 16.52
C ASN A 161 -17.75 -0.27 17.66
N LYS A 162 -18.79 -1.09 17.63
CA LYS A 162 -18.97 -2.10 18.67
C LYS A 162 -17.79 -3.08 18.68
N SER A 163 -17.29 -3.43 17.51
CA SER A 163 -16.17 -4.35 17.40
C SER A 163 -14.88 -3.66 17.84
N LYS A 164 -14.59 -3.74 19.13
CA LYS A 164 -13.38 -3.11 19.67
C LYS A 164 -12.14 -3.77 19.08
N LYS A 165 -12.15 -5.10 19.04
CA LYS A 165 -11.02 -5.86 18.50
C LYS A 165 -9.71 -5.37 19.11
N LYS A 166 -9.39 -5.88 20.30
CA LYS A 166 -8.16 -5.47 20.98
C LYS A 166 -7.75 -6.52 22.00
N LYS A 167 -7.38 -7.70 21.51
CA LYS A 167 -6.96 -8.78 22.39
C LYS A 167 -6.44 -9.96 21.58
N SER A 1 19.54 23.06 -7.43
CA SER A 1 19.54 21.69 -8.02
C SER A 1 18.12 21.12 -7.96
N SER A 2 17.54 20.87 -9.13
CA SER A 2 16.19 20.33 -9.20
C SER A 2 16.18 18.89 -8.74
N ILE A 3 15.03 18.43 -8.25
CA ILE A 3 14.89 17.04 -7.78
C ILE A 3 14.33 16.17 -8.88
N GLY A 4 14.04 14.91 -8.54
CA GLY A 4 13.50 13.96 -9.51
C GLY A 4 14.62 13.25 -10.26
N LEU A 5 15.81 13.84 -10.22
CA LEU A 5 16.97 13.26 -10.90
C LEU A 5 17.47 12.03 -10.15
N VAL A 6 18.15 12.27 -9.04
CA VAL A 6 18.70 11.19 -8.23
C VAL A 6 19.40 10.16 -9.11
N GLU A 7 20.62 10.47 -9.52
CA GLU A 7 21.39 9.56 -10.36
C GLU A 7 21.85 8.35 -9.56
N ARG A 8 22.42 8.61 -8.39
CA ARG A 8 22.91 7.52 -7.53
C ARG A 8 21.79 7.00 -6.65
N THR A 9 21.97 5.79 -6.14
CA THR A 9 20.96 5.18 -5.27
C THR A 9 19.69 4.87 -6.07
N ASN A 10 19.74 5.12 -7.37
CA ASN A 10 18.59 4.88 -8.23
C ASN A 10 18.47 3.39 -8.53
N ALA A 11 19.12 2.56 -7.73
CA ALA A 11 19.07 1.11 -7.92
C ALA A 11 17.86 0.51 -7.22
N ALA A 12 17.41 1.17 -6.15
CA ALA A 12 16.25 0.69 -5.39
C ALA A 12 14.96 1.17 -6.02
N LEU A 13 15.07 2.05 -7.00
CA LEU A 13 13.91 2.57 -7.68
C LEU A 13 13.03 3.37 -6.72
N GLU A 14 13.66 4.03 -5.77
CA GLU A 14 12.93 4.81 -4.78
C GLU A 14 12.36 6.08 -5.40
N SER A 15 12.86 6.42 -6.59
CA SER A 15 12.40 7.62 -7.28
C SER A 15 10.95 7.46 -7.72
N SER A 16 10.60 6.28 -8.22
CA SER A 16 9.24 6.01 -8.68
C SER A 16 8.37 5.57 -7.51
N SER A 17 9.02 5.16 -6.42
CA SER A 17 8.28 4.71 -5.23
C SER A 17 7.65 5.88 -4.50
N LYS A 18 8.45 6.89 -4.19
CA LYS A 18 7.95 8.06 -3.49
C LYS A 18 6.79 8.68 -4.24
N ASP A 19 6.70 8.41 -5.54
CA ASP A 19 5.64 8.98 -6.35
C ASP A 19 4.36 8.18 -6.19
N LEU A 20 4.47 6.99 -5.62
CA LEU A 20 3.31 6.14 -5.43
C LEU A 20 2.55 6.53 -4.16
N LYS A 21 3.29 6.89 -3.13
CA LYS A 21 2.67 7.28 -1.86
C LYS A 21 1.86 8.54 -2.00
N ASN A 22 2.42 9.53 -2.65
CA ASN A 22 1.73 10.80 -2.85
C ASN A 22 0.65 10.62 -3.90
N LYS A 23 0.79 9.60 -4.74
CA LYS A 23 -0.18 9.37 -5.80
C LYS A 23 -1.60 9.41 -5.29
N ILE A 24 -1.81 8.84 -4.13
CA ILE A 24 -3.14 8.81 -3.51
C ILE A 24 -3.81 10.19 -3.61
N LEU A 25 -3.01 11.20 -3.86
CA LEU A 25 -3.52 12.55 -3.95
C LEU A 25 -4.52 12.65 -5.11
N LYS A 26 -4.33 11.81 -6.13
CA LYS A 26 -5.20 11.82 -7.31
C LYS A 26 -6.38 10.90 -7.08
N ILE A 27 -6.18 9.83 -6.31
CA ILE A 27 -7.25 8.87 -6.06
C ILE A 27 -8.35 9.48 -5.23
N LYS A 28 -8.08 9.70 -3.96
CA LYS A 28 -9.09 10.27 -3.06
C LYS A 28 -9.79 11.47 -3.72
N LYS A 29 -9.09 12.09 -4.67
CA LYS A 29 -9.62 13.26 -5.34
C LYS A 29 -10.85 12.89 -6.16
N GLU A 30 -10.80 11.76 -6.84
CA GLU A 30 -11.92 11.32 -7.66
C GLU A 30 -13.25 11.48 -6.90
N ALA A 31 -13.24 11.08 -5.63
CA ALA A 31 -14.43 11.16 -4.80
C ALA A 31 -14.83 12.62 -4.58
N THR A 32 -13.83 13.50 -4.63
CA THR A 32 -14.08 14.92 -4.42
C THR A 32 -14.99 15.48 -5.51
N GLY A 33 -14.77 15.03 -6.74
CA GLY A 33 -15.58 15.50 -7.87
C GLY A 33 -17.02 15.04 -7.73
N LYS A 34 -17.21 13.89 -7.08
CA LYS A 34 -18.55 13.35 -6.89
C LYS A 34 -19.34 14.18 -5.91
N GLY A 35 -18.78 15.32 -5.53
CA GLY A 35 -19.45 16.22 -4.59
C GLY A 35 -19.36 15.69 -3.17
N VAL A 36 -18.39 14.82 -2.93
CA VAL A 36 -18.21 14.24 -1.59
C VAL A 36 -17.17 15.03 -0.83
N LEU A 37 -17.40 15.19 0.49
CA LEU A 37 -16.48 15.93 1.35
C LEU A 37 -15.84 14.99 2.34
N PHE A 38 -14.53 15.15 2.54
CA PHE A 38 -13.77 14.30 3.47
C PHE A 38 -12.97 15.16 4.44
N GLU A 39 -13.21 16.47 4.41
CA GLU A 39 -12.51 17.39 5.31
C GLU A 39 -13.21 17.46 6.65
N ALA A 40 -14.53 17.61 6.62
CA ALA A 40 -15.32 17.70 7.86
C ALA A 40 -15.57 16.30 8.42
N PHE A 41 -15.37 15.28 7.59
CA PHE A 41 -15.59 13.90 8.02
C PHE A 41 -16.98 13.75 8.64
N THR A 42 -17.08 14.01 9.93
CA THR A 42 -18.36 13.90 10.65
C THR A 42 -18.96 15.29 10.84
N GLY A 43 -20.18 15.33 11.36
CA GLY A 43 -20.87 16.60 11.60
C GLY A 43 -21.87 16.89 10.49
N LEU A 44 -21.55 16.43 9.28
CA LEU A 44 -22.44 16.66 8.13
C LEU A 44 -23.33 15.44 7.90
N LYS A 45 -24.16 15.13 8.89
CA LYS A 45 -25.05 13.97 8.79
C LYS A 45 -24.24 12.70 8.49
N THR A 46 -22.93 12.81 8.52
CA THR A 46 -22.07 11.67 8.25
C THR A 46 -22.39 11.07 6.88
N GLY A 47 -22.00 9.82 6.71
CA GLY A 47 -22.24 9.11 5.45
C GLY A 47 -23.73 9.03 5.16
N SER A 48 -24.55 9.17 6.21
CA SER A 48 -25.99 9.11 6.05
C SER A 48 -26.49 10.23 5.15
N LYS A 49 -25.62 11.19 4.88
CA LYS A 49 -25.97 12.33 4.04
C LYS A 49 -26.41 11.85 2.67
N VAL A 50 -25.69 10.88 2.13
CA VAL A 50 -26.01 10.34 0.82
C VAL A 50 -25.35 8.98 0.64
N THR A 51 -26.06 8.05 0.01
CA THR A 51 -25.52 6.72 -0.25
C THR A 51 -24.81 6.68 -1.60
N SER A 52 -25.29 7.45 -2.56
CA SER A 52 -24.69 7.47 -3.89
C SER A 52 -23.19 7.75 -3.80
N GLY A 53 -22.82 8.69 -2.94
CA GLY A 53 -21.41 9.04 -2.76
C GLY A 53 -20.63 7.84 -2.21
N GLY A 54 -21.28 7.07 -1.35
CA GLY A 54 -20.63 5.91 -0.74
C GLY A 54 -20.20 4.90 -1.81
N LEU A 55 -21.05 4.72 -2.81
CA LEU A 55 -20.75 3.77 -3.89
C LEU A 55 -19.52 4.23 -4.66
N ALA A 56 -19.42 5.53 -4.88
CA ALA A 56 -18.28 6.07 -5.63
C ALA A 56 -17.08 6.23 -4.71
N LEU A 57 -17.34 6.41 -3.42
CA LEU A 57 -16.26 6.58 -2.46
C LEU A 57 -15.45 5.29 -2.31
N ARG A 58 -16.12 4.24 -1.85
CA ARG A 58 -15.46 2.95 -1.64
C ARG A 58 -14.65 2.56 -2.87
N GLU A 59 -15.06 3.08 -4.03
CA GLU A 59 -14.38 2.78 -5.28
C GLU A 59 -12.99 3.40 -5.30
N ALA A 60 -12.84 4.54 -4.62
CA ALA A 60 -11.57 5.23 -4.58
C ALA A 60 -10.60 4.56 -3.60
N LYS A 61 -11.18 3.85 -2.63
CA LYS A 61 -10.38 3.16 -1.62
C LYS A 61 -9.67 1.94 -2.20
N VAL A 62 -10.34 1.27 -3.13
CA VAL A 62 -9.79 0.08 -3.78
C VAL A 62 -8.91 0.46 -4.96
N GLN A 63 -9.26 1.55 -5.64
CA GLN A 63 -8.50 1.97 -6.81
C GLN A 63 -7.02 2.04 -6.50
N ALA A 64 -6.69 2.50 -5.30
CA ALA A 64 -5.29 2.61 -4.90
C ALA A 64 -4.57 1.29 -5.09
N ILE A 65 -5.07 0.26 -4.42
CA ILE A 65 -4.44 -1.07 -4.48
C ILE A 65 -4.09 -1.42 -5.92
N VAL A 66 -5.01 -1.16 -6.84
CA VAL A 66 -4.79 -1.47 -8.24
C VAL A 66 -3.48 -0.84 -8.72
N GLU A 67 -3.24 0.39 -8.32
CA GLU A 67 -2.03 1.09 -8.73
C GLU A 67 -0.79 0.39 -8.18
N THR A 68 -0.93 -0.22 -7.01
CA THR A 68 0.19 -0.92 -6.39
C THR A 68 0.37 -2.30 -7.00
N GLY A 69 -0.70 -2.82 -7.60
CA GLY A 69 -0.65 -4.13 -8.21
C GLY A 69 0.39 -4.20 -9.31
N LYS A 70 0.44 -3.18 -10.13
CA LYS A 70 1.39 -3.12 -11.25
C LYS A 70 2.77 -2.69 -10.77
N PHE A 71 2.79 -1.85 -9.74
CA PHE A 71 4.04 -1.34 -9.21
C PHE A 71 4.90 -2.45 -8.63
N LEU A 72 4.26 -3.53 -8.22
CA LEU A 72 4.98 -4.65 -7.64
C LEU A 72 5.76 -5.41 -8.71
N LYS A 73 5.31 -5.30 -9.96
CA LYS A 73 5.95 -5.99 -11.07
C LYS A 73 7.19 -5.24 -11.50
N ILE A 74 7.25 -3.96 -11.14
CA ILE A 74 8.39 -3.12 -11.50
C ILE A 74 9.54 -3.36 -10.53
N ILE A 75 9.23 -3.68 -9.29
CA ILE A 75 10.26 -3.92 -8.28
C ILE A 75 10.80 -5.34 -8.40
N GLU A 76 9.96 -6.26 -8.82
CA GLU A 76 10.36 -7.66 -8.95
C GLU A 76 11.53 -7.79 -9.92
N GLU A 77 11.52 -6.95 -10.96
CA GLU A 77 12.58 -6.98 -11.96
C GLU A 77 13.82 -6.27 -11.44
N GLU A 78 13.63 -5.42 -10.42
CA GLU A 78 14.76 -4.68 -9.85
C GLU A 78 15.56 -5.58 -8.93
N ALA A 79 14.88 -6.19 -7.97
CA ALA A 79 15.56 -7.07 -7.02
C ALA A 79 16.27 -8.19 -7.75
N LEU A 80 15.69 -8.65 -8.84
CA LEU A 80 16.28 -9.73 -9.61
C LEU A 80 17.77 -9.52 -9.80
N LYS A 81 18.16 -8.27 -9.97
CA LYS A 81 19.56 -7.94 -10.15
C LYS A 81 20.32 -8.01 -8.83
N LEU A 82 19.76 -7.43 -7.79
CA LEU A 82 20.40 -7.41 -6.49
C LEU A 82 20.82 -8.79 -6.06
N LYS A 83 20.16 -9.79 -6.62
CA LYS A 83 20.49 -11.17 -6.29
C LYS A 83 21.97 -11.44 -6.48
N GLU A 84 22.68 -10.49 -7.08
CA GLU A 84 24.11 -10.63 -7.32
C GLU A 84 24.91 -9.99 -6.17
N THR A 85 24.47 -8.81 -5.74
CA THR A 85 25.17 -8.12 -4.65
C THR A 85 24.87 -8.76 -3.31
N GLY A 86 23.60 -9.07 -3.07
CA GLY A 86 23.20 -9.70 -1.81
C GLY A 86 23.54 -8.81 -0.62
N ASN A 87 23.49 -7.50 -0.84
CA ASN A 87 23.79 -6.54 0.23
C ASN A 87 22.57 -6.34 1.12
N SER A 88 22.63 -6.89 2.33
CA SER A 88 21.51 -6.76 3.27
C SER A 88 21.12 -5.30 3.46
N GLY A 89 22.11 -4.43 3.57
CA GLY A 89 21.86 -3.01 3.76
C GLY A 89 20.94 -2.47 2.68
N GLN A 90 21.18 -2.89 1.44
CA GLN A 90 20.36 -2.43 0.33
C GLN A 90 18.98 -3.08 0.36
N PHE A 91 18.94 -4.35 0.72
CA PHE A 91 17.68 -5.09 0.76
C PHE A 91 16.82 -4.59 1.91
N LEU A 92 17.44 -4.23 3.01
CA LEU A 92 16.69 -3.78 4.18
C LEU A 92 15.83 -2.59 3.81
N ALA A 93 16.38 -1.67 3.04
CA ALA A 93 15.65 -0.50 2.62
C ALA A 93 14.44 -0.92 1.78
N MET A 94 14.59 -2.03 1.07
CA MET A 94 13.52 -2.53 0.23
C MET A 94 12.31 -2.92 1.09
N PHE A 95 12.58 -3.53 2.24
CA PHE A 95 11.50 -3.97 3.11
C PHE A 95 10.61 -2.80 3.50
N ASP A 96 11.23 -1.69 3.86
CA ASP A 96 10.48 -0.50 4.25
C ASP A 96 9.88 0.20 3.03
N LEU A 97 10.40 -0.15 1.86
CA LEU A 97 9.92 0.46 0.63
C LEU A 97 8.64 -0.20 0.13
N MET A 98 8.66 -1.52 0.04
CA MET A 98 7.52 -2.25 -0.45
C MET A 98 6.32 -2.08 0.46
N LEU A 99 6.59 -1.96 1.75
CA LEU A 99 5.53 -1.79 2.74
C LEU A 99 5.07 -0.35 2.81
N GLU A 100 5.93 0.56 2.37
CA GLU A 100 5.60 1.98 2.41
C GLU A 100 4.44 2.32 1.48
N VAL A 101 4.44 1.71 0.32
CA VAL A 101 3.40 1.99 -0.66
C VAL A 101 2.02 1.70 -0.10
N VAL A 102 1.90 0.58 0.60
CA VAL A 102 0.64 0.17 1.19
C VAL A 102 0.39 0.90 2.49
N GLU A 103 1.45 1.50 3.02
CA GLU A 103 1.34 2.24 4.28
C GLU A 103 0.78 3.64 4.05
N SER A 104 1.10 4.22 2.89
CA SER A 104 0.64 5.57 2.58
C SER A 104 -0.88 5.63 2.55
N LEU A 105 -1.50 4.47 2.34
CA LEU A 105 -2.96 4.40 2.28
C LEU A 105 -3.56 4.63 3.67
N GLU A 106 -2.76 5.17 4.58
CA GLU A 106 -3.24 5.43 5.92
C GLU A 106 -4.44 6.35 5.90
N ASP A 107 -4.56 7.13 4.83
CA ASP A 107 -5.69 8.07 4.71
C ASP A 107 -7.00 7.30 4.66
N VAL A 108 -7.06 6.27 3.82
CA VAL A 108 -8.27 5.47 3.69
C VAL A 108 -8.37 4.48 4.85
N GLY A 109 -7.65 4.76 5.94
CA GLY A 109 -7.74 3.88 7.10
C GLY A 109 -7.31 2.47 6.74
N ILE A 110 -6.14 2.32 6.13
CA ILE A 110 -5.66 1.01 5.73
C ILE A 110 -5.31 0.16 6.93
N ILE A 111 -5.83 -1.07 6.96
CA ILE A 111 -5.54 -2.00 8.05
C ILE A 111 -5.39 -3.42 7.53
N GLY A 112 -4.35 -3.64 6.76
CA GLY A 112 -4.08 -4.95 6.21
C GLY A 112 -3.41 -5.85 7.23
N LEU A 113 -3.04 -7.06 6.81
CA LEU A 113 -2.39 -8.01 7.73
C LEU A 113 -0.88 -7.84 7.65
N LYS A 114 -0.43 -6.65 7.27
CA LYS A 114 1.00 -6.40 7.17
C LYS A 114 1.71 -6.83 8.43
N ALA A 115 1.28 -6.30 9.58
CA ALA A 115 1.91 -6.64 10.87
C ALA A 115 2.28 -8.13 10.91
N ARG A 116 1.54 -8.95 10.15
CA ARG A 116 1.81 -10.37 10.10
C ARG A 116 3.14 -10.64 9.38
N VAL A 117 3.36 -9.97 8.26
CA VAL A 117 4.58 -10.19 7.47
C VAL A 117 5.80 -9.71 8.23
N LEU A 118 5.60 -8.79 9.16
CA LEU A 118 6.70 -8.24 9.94
C LEU A 118 7.37 -9.34 10.75
N GLU A 119 6.57 -10.23 11.28
CA GLU A 119 7.10 -11.33 12.08
C GLU A 119 7.98 -12.23 11.21
N GLU A 120 7.71 -12.24 9.92
CA GLU A 120 8.45 -13.11 9.01
C GLU A 120 9.94 -12.87 9.17
N SER A 121 10.36 -11.62 9.05
CA SER A 121 11.75 -11.28 9.18
C SER A 121 12.26 -11.60 10.58
N LYS A 122 11.39 -11.43 11.58
CA LYS A 122 11.77 -11.69 12.96
C LYS A 122 12.14 -13.16 13.15
N ASN A 123 11.36 -14.05 12.57
CA ASN A 123 11.60 -15.48 12.69
C ASN A 123 12.41 -15.99 11.50
N ASN A 124 13.12 -15.07 10.85
CA ASN A 124 13.93 -15.43 9.70
C ASN A 124 14.87 -14.28 9.30
N PRO A 125 16.12 -14.31 9.70
CA PRO A 125 17.09 -13.23 9.37
C PRO A 125 17.04 -12.87 7.89
N ILE A 126 16.73 -11.60 7.60
CA ILE A 126 16.63 -11.13 6.22
C ILE A 126 17.90 -10.39 5.82
N ASN A 127 18.92 -11.16 5.42
CA ASN A 127 20.20 -10.57 4.99
C ASN A 127 20.60 -11.12 3.63
N THR A 128 19.62 -11.33 2.77
CA THR A 128 19.89 -11.86 1.42
C THR A 128 18.69 -11.59 0.51
N ALA A 129 18.81 -12.06 -0.73
CA ALA A 129 17.76 -11.87 -1.73
C ALA A 129 16.83 -13.06 -1.79
N GLU A 130 17.37 -14.24 -2.12
CA GLU A 130 16.57 -15.47 -2.23
C GLU A 130 15.31 -15.42 -1.38
N ARG A 131 15.47 -15.60 -0.07
CA ARG A 131 14.35 -15.58 0.84
C ARG A 131 13.55 -14.30 0.72
N LEU A 132 14.23 -13.22 0.37
CA LEU A 132 13.55 -11.94 0.27
C LEU A 132 12.33 -12.05 -0.63
N LEU A 133 12.49 -12.69 -1.76
CA LEU A 133 11.38 -12.84 -2.69
C LEU A 133 10.15 -13.33 -1.96
N ALA A 134 10.36 -14.08 -0.88
CA ALA A 134 9.24 -14.59 -0.11
C ALA A 134 8.44 -13.43 0.47
N ALA A 135 9.07 -12.68 1.40
CA ALA A 135 8.40 -11.54 2.04
C ALA A 135 7.51 -10.83 1.03
N LYS A 136 8.03 -10.65 -0.18
CA LYS A 136 7.25 -10.03 -1.25
C LYS A 136 6.08 -10.93 -1.64
N ALA A 137 6.40 -12.18 -1.98
CA ALA A 137 5.38 -13.15 -2.40
C ALA A 137 4.17 -13.09 -1.47
N GLN A 138 4.44 -12.80 -0.20
CA GLN A 138 3.38 -12.69 0.80
C GLN A 138 2.51 -11.47 0.55
N ILE A 139 3.13 -10.39 0.08
CA ILE A 139 2.40 -9.15 -0.18
C ILE A 139 1.35 -9.38 -1.25
N GLU A 140 1.70 -10.11 -2.28
CA GLU A 140 0.77 -10.38 -3.37
C GLU A 140 -0.51 -11.01 -2.83
N ASN A 141 -0.39 -11.77 -1.75
CA ASN A 141 -1.55 -12.42 -1.16
C ASN A 141 -2.47 -11.40 -0.51
N GLN A 142 -1.90 -10.29 -0.06
CA GLN A 142 -2.68 -9.25 0.57
C GLN A 142 -3.67 -8.62 -0.41
N LEU A 143 -3.16 -8.23 -1.55
CA LEU A 143 -3.99 -7.58 -2.58
C LEU A 143 -5.28 -8.37 -2.80
N LYS A 144 -5.15 -9.68 -2.86
CA LYS A 144 -6.29 -10.55 -3.07
C LYS A 144 -7.13 -10.65 -1.79
N VAL A 145 -6.53 -10.27 -0.68
CA VAL A 145 -7.21 -10.29 0.63
C VAL A 145 -7.90 -8.98 0.92
N VAL A 146 -7.24 -7.88 0.59
CA VAL A 146 -7.77 -6.55 0.87
C VAL A 146 -8.79 -6.15 -0.19
N LYS A 147 -8.46 -6.41 -1.44
CA LYS A 147 -9.33 -6.02 -2.54
C LYS A 147 -10.72 -6.63 -2.40
N GLU A 148 -10.76 -7.86 -1.92
CA GLU A 148 -12.04 -8.56 -1.75
C GLU A 148 -12.88 -7.92 -0.66
N LYS A 149 -12.24 -7.11 0.18
CA LYS A 149 -12.95 -6.47 1.28
C LYS A 149 -14.04 -5.58 0.78
N GLN A 150 -14.05 -5.31 -0.52
CA GLN A 150 -15.09 -4.47 -1.11
C GLN A 150 -16.45 -5.17 -1.05
N ASN A 151 -16.66 -5.97 -0.01
CA ASN A 151 -17.92 -6.69 0.16
C ASN A 151 -18.92 -5.82 0.88
N ILE A 152 -20.14 -6.31 1.02
CA ILE A 152 -21.20 -5.57 1.71
C ILE A 152 -22.01 -6.50 2.59
N GLU A 153 -22.62 -5.93 3.64
CA GLU A 153 -23.44 -6.71 4.54
C GLU A 153 -22.67 -7.89 5.07
N ASN A 154 -21.43 -7.66 5.49
CA ASN A 154 -20.59 -8.71 6.02
C ASN A 154 -19.62 -8.16 7.06
N GLY A 155 -20.01 -8.26 8.33
CA GLY A 155 -19.19 -7.77 9.42
C GLY A 155 -19.10 -6.25 9.41
N GLY A 156 -20.04 -5.62 8.71
CA GLY A 156 -20.06 -4.17 8.63
C GLY A 156 -18.86 -3.64 7.88
N GLU A 157 -19.09 -3.15 6.66
CA GLU A 157 -18.01 -2.63 5.84
C GLU A 157 -17.41 -1.38 6.48
N LYS A 158 -18.26 -0.57 7.08
CA LYS A 158 -17.80 0.65 7.71
C LYS A 158 -16.89 0.33 8.89
N LYS A 159 -15.72 0.96 8.93
CA LYS A 159 -14.78 0.75 10.01
C LYS A 159 -13.65 1.78 9.95
N ASN A 160 -13.32 2.36 11.10
CA ASN A 160 -12.26 3.35 11.17
C ASN A 160 -12.55 4.51 10.21
N ASN A 161 -13.82 4.73 9.93
CA ASN A 161 -14.23 5.81 9.04
C ASN A 161 -14.12 7.16 9.73
N LYS A 162 -14.04 7.11 11.06
CA LYS A 162 -13.94 8.35 11.84
C LYS A 162 -12.65 9.09 11.51
N SER A 163 -11.58 8.32 11.28
CA SER A 163 -10.28 8.92 10.96
C SER A 163 -9.85 9.92 12.03
N LYS A 164 -8.75 9.62 12.71
CA LYS A 164 -8.26 10.49 13.76
C LYS A 164 -8.00 11.89 13.20
N LYS A 165 -8.66 12.89 13.80
CA LYS A 165 -8.50 14.26 13.36
C LYS A 165 -7.06 14.73 13.60
N LYS A 166 -6.51 14.35 14.75
CA LYS A 166 -5.15 14.77 15.09
C LYS A 166 -4.16 14.21 14.06
N LYS A 167 -3.43 15.11 13.41
CA LYS A 167 -2.46 14.71 12.40
C LYS A 167 -1.25 14.06 13.07
N SER A 1 24.12 8.36 10.57
CA SER A 1 23.55 7.44 9.55
C SER A 1 23.38 8.18 8.22
N SER A 2 23.21 9.50 8.31
CA SER A 2 23.04 10.32 7.13
C SER A 2 21.86 9.82 6.29
N ILE A 3 21.41 10.64 5.35
CA ILE A 3 20.29 10.28 4.50
C ILE A 3 20.64 9.07 3.63
N GLY A 4 21.83 9.10 3.04
CA GLY A 4 22.29 8.00 2.20
C GLY A 4 21.50 7.97 0.88
N LEU A 5 21.24 9.14 0.32
CA LEU A 5 20.50 9.23 -0.93
C LEU A 5 21.17 8.37 -2.00
N VAL A 6 20.70 8.53 -3.24
CA VAL A 6 21.26 7.76 -4.35
C VAL A 6 22.66 8.26 -4.71
N GLU A 7 23.67 7.58 -4.17
CA GLU A 7 25.06 7.95 -4.44
C GLU A 7 25.42 7.66 -5.88
N ARG A 8 24.99 6.49 -6.37
CA ARG A 8 25.28 6.10 -7.75
C ARG A 8 24.40 4.92 -8.15
N THR A 9 24.37 3.89 -7.31
CA THR A 9 23.57 2.71 -7.60
C THR A 9 22.10 3.09 -7.66
N ASN A 10 21.44 2.75 -8.78
CA ASN A 10 20.02 3.06 -8.99
C ASN A 10 19.19 1.78 -8.95
N ALA A 11 19.66 0.79 -8.21
CA ALA A 11 18.95 -0.48 -8.09
C ALA A 11 17.82 -0.38 -7.07
N ALA A 12 18.00 0.51 -6.10
CA ALA A 12 16.98 0.70 -5.06
C ALA A 12 15.70 1.23 -5.65
N LEU A 13 15.82 2.13 -6.63
CA LEU A 13 14.67 2.72 -7.28
C LEU A 13 13.71 3.31 -6.25
N GLU A 14 14.19 3.47 -5.04
CA GLU A 14 13.37 4.02 -3.97
C GLU A 14 13.03 5.49 -4.26
N SER A 15 13.77 6.09 -5.18
CA SER A 15 13.53 7.50 -5.53
C SER A 15 12.23 7.65 -6.30
N SER A 16 11.98 6.72 -7.22
CA SER A 16 10.76 6.76 -8.02
C SER A 16 9.55 6.37 -7.18
N SER A 17 9.76 5.49 -6.22
CA SER A 17 8.68 5.04 -5.37
C SER A 17 8.06 6.21 -4.61
N LYS A 18 8.82 7.29 -4.47
CA LYS A 18 8.34 8.46 -3.78
C LYS A 18 7.11 9.02 -4.47
N ASP A 19 7.04 8.81 -5.78
CA ASP A 19 5.91 9.29 -6.57
C ASP A 19 4.67 8.46 -6.27
N LEU A 20 4.84 7.36 -5.54
CA LEU A 20 3.71 6.50 -5.22
C LEU A 20 2.91 7.05 -4.03
N LYS A 21 3.61 7.71 -3.14
CA LYS A 21 2.97 8.25 -1.96
C LYS A 21 1.95 9.31 -2.32
N ASN A 22 2.28 10.14 -3.30
CA ASN A 22 1.38 11.20 -3.75
C ASN A 22 0.41 10.70 -4.80
N LYS A 23 0.77 9.62 -5.48
CA LYS A 23 -0.08 9.07 -6.53
C LYS A 23 -1.55 8.99 -6.11
N ILE A 24 -1.78 8.93 -4.82
CA ILE A 24 -3.14 8.84 -4.29
C ILE A 24 -3.94 10.07 -4.64
N LEU A 25 -3.30 11.23 -4.62
CA LEU A 25 -3.98 12.48 -4.95
C LEU A 25 -4.95 12.30 -6.13
N LYS A 26 -4.72 11.25 -6.91
CA LYS A 26 -5.57 10.94 -8.07
C LYS A 26 -6.81 10.18 -7.60
N ILE A 27 -6.62 9.21 -6.72
CA ILE A 27 -7.73 8.42 -6.24
C ILE A 27 -8.77 9.29 -5.56
N LYS A 28 -8.38 9.91 -4.44
CA LYS A 28 -9.30 10.76 -3.70
C LYS A 28 -10.04 11.71 -4.64
N LYS A 29 -9.36 12.12 -5.70
CA LYS A 29 -9.94 13.03 -6.66
C LYS A 29 -11.20 12.41 -7.26
N GLU A 30 -11.15 11.11 -7.52
CA GLU A 30 -12.29 10.42 -8.10
C GLU A 30 -13.55 10.67 -7.29
N ALA A 31 -13.55 10.21 -6.04
CA ALA A 31 -14.70 10.39 -5.17
C ALA A 31 -15.03 11.87 -5.04
N THR A 32 -14.03 12.67 -4.71
CA THR A 32 -14.24 14.12 -4.55
C THR A 32 -15.03 14.68 -5.72
N GLY A 33 -14.72 14.20 -6.92
CA GLY A 33 -15.42 14.65 -8.12
C GLY A 33 -16.88 14.19 -8.11
N LYS A 34 -17.13 13.03 -7.50
CA LYS A 34 -18.47 12.47 -7.43
C LYS A 34 -19.32 13.22 -6.41
N GLY A 35 -18.89 14.43 -6.07
CA GLY A 35 -19.63 15.24 -5.12
C GLY A 35 -19.51 14.66 -3.71
N VAL A 36 -18.58 13.73 -3.54
CA VAL A 36 -18.37 13.10 -2.23
C VAL A 36 -17.61 14.04 -1.32
N LEU A 37 -17.87 13.92 -0.02
CA LEU A 37 -17.21 14.77 0.97
C LEU A 37 -15.82 14.21 1.27
N PHE A 38 -14.83 15.10 1.29
CA PHE A 38 -13.45 14.70 1.57
C PHE A 38 -12.74 15.80 2.37
N GLU A 39 -13.04 17.05 2.05
CA GLU A 39 -12.42 18.17 2.74
C GLU A 39 -12.58 18.03 4.25
N ALA A 40 -13.61 17.28 4.67
CA ALA A 40 -13.87 17.07 6.08
C ALA A 40 -13.23 15.77 6.55
N PHE A 41 -12.17 15.35 5.85
CA PHE A 41 -11.47 14.12 6.20
C PHE A 41 -11.20 14.05 7.70
N THR A 42 -11.32 12.86 8.28
CA THR A 42 -11.10 12.68 9.71
C THR A 42 -11.88 13.71 10.52
N GLY A 43 -13.21 13.66 10.42
CA GLY A 43 -14.04 14.61 11.14
C GLY A 43 -15.51 14.27 10.99
N LEU A 44 -15.81 13.16 10.31
CA LEU A 44 -17.18 12.71 10.07
C LEU A 44 -17.39 11.32 10.62
N LYS A 45 -16.60 10.96 11.63
CA LYS A 45 -16.68 9.64 12.24
C LYS A 45 -16.42 8.55 11.22
N THR A 46 -16.27 8.93 9.94
CA THR A 46 -16.03 7.98 8.86
C THR A 46 -17.23 7.05 8.67
N GLY A 47 -17.96 6.79 9.75
CA GLY A 47 -19.14 5.93 9.70
C GLY A 47 -20.37 6.72 9.29
N SER A 48 -20.33 8.03 9.52
CA SER A 48 -21.46 8.90 9.17
C SER A 48 -21.56 9.07 7.66
N LYS A 49 -20.80 8.25 6.93
CA LYS A 49 -20.80 8.31 5.48
C LYS A 49 -22.10 7.75 4.92
N VAL A 50 -22.65 6.72 5.59
CA VAL A 50 -23.89 6.06 5.17
C VAL A 50 -24.08 6.16 3.64
N THR A 51 -25.07 6.96 3.22
CA THR A 51 -25.35 7.17 1.80
C THR A 51 -24.63 8.42 1.31
N SER A 52 -24.10 9.22 2.24
CA SER A 52 -23.39 10.44 1.86
C SER A 52 -22.23 10.12 0.93
N GLY A 53 -21.41 9.15 1.33
CA GLY A 53 -20.26 8.75 0.52
C GLY A 53 -20.72 8.01 -0.73
N GLY A 54 -21.65 7.08 -0.55
CA GLY A 54 -22.19 6.28 -1.65
C GLY A 54 -21.27 5.11 -1.96
N LEU A 55 -21.70 4.25 -2.90
CA LEU A 55 -20.91 3.09 -3.27
C LEU A 55 -19.74 3.50 -4.16
N ALA A 56 -19.71 4.78 -4.52
CA ALA A 56 -18.64 5.31 -5.35
C ALA A 56 -17.43 5.63 -4.51
N LEU A 57 -17.63 5.77 -3.19
CA LEU A 57 -16.54 6.07 -2.27
C LEU A 57 -15.86 4.80 -1.78
N ARG A 58 -16.62 3.72 -1.71
CA ARG A 58 -16.10 2.45 -1.21
C ARG A 58 -15.10 1.85 -2.20
N GLU A 59 -15.39 2.01 -3.49
CA GLU A 59 -14.53 1.50 -4.55
C GLU A 59 -13.41 2.48 -4.85
N ALA A 60 -13.56 3.72 -4.39
CA ALA A 60 -12.54 4.75 -4.63
C ALA A 60 -11.26 4.42 -3.88
N LYS A 61 -11.39 4.00 -2.63
CA LYS A 61 -10.19 3.68 -1.84
C LYS A 61 -9.50 2.45 -2.39
N VAL A 62 -10.21 1.32 -2.36
CA VAL A 62 -9.65 0.05 -2.84
C VAL A 62 -8.99 0.25 -4.21
N GLN A 63 -9.49 1.20 -4.97
CA GLN A 63 -8.95 1.49 -6.29
C GLN A 63 -7.48 1.88 -6.19
N ALA A 64 -7.07 2.33 -5.01
CA ALA A 64 -5.69 2.74 -4.81
C ALA A 64 -4.75 1.55 -4.90
N ILE A 65 -4.93 0.60 -3.98
CA ILE A 65 -4.08 -0.61 -3.94
C ILE A 65 -3.91 -1.19 -5.34
N VAL A 66 -4.91 -1.01 -6.18
CA VAL A 66 -4.86 -1.52 -7.54
C VAL A 66 -3.81 -0.77 -8.36
N GLU A 67 -3.81 0.56 -8.22
CA GLU A 67 -2.86 1.38 -8.97
C GLU A 67 -1.45 1.19 -8.44
N THR A 68 -1.32 0.57 -7.27
CA THR A 68 0.00 0.32 -6.67
C THR A 68 0.58 -1.01 -7.16
N GLY A 69 -0.31 -1.91 -7.58
CA GLY A 69 0.10 -3.22 -8.06
C GLY A 69 0.95 -3.12 -9.31
N LYS A 70 0.81 -2.00 -10.03
CA LYS A 70 1.56 -1.80 -11.27
C LYS A 70 3.00 -1.42 -10.96
N PHE A 71 3.18 -0.56 -9.95
CA PHE A 71 4.51 -0.11 -9.55
C PHE A 71 5.20 -1.20 -8.75
N LEU A 72 4.42 -1.98 -8.03
CA LEU A 72 4.97 -3.04 -7.21
C LEU A 72 5.60 -4.15 -8.06
N LYS A 73 5.02 -4.38 -9.22
CA LYS A 73 5.50 -5.43 -10.12
C LYS A 73 6.86 -5.09 -10.71
N ILE A 74 7.21 -3.81 -10.70
CA ILE A 74 8.48 -3.36 -11.27
C ILE A 74 9.59 -3.48 -10.23
N ILE A 75 9.22 -3.40 -8.96
CA ILE A 75 10.21 -3.44 -7.89
C ILE A 75 10.90 -4.80 -7.86
N GLU A 76 10.11 -5.84 -7.98
CA GLU A 76 10.63 -7.20 -7.94
C GLU A 76 11.57 -7.45 -9.11
N GLU A 77 11.50 -6.60 -10.13
CA GLU A 77 12.35 -6.75 -11.31
C GLU A 77 13.72 -6.16 -11.05
N GLU A 78 13.80 -5.23 -10.09
CA GLU A 78 15.08 -4.57 -9.78
C GLU A 78 15.83 -5.37 -8.72
N ALA A 79 15.09 -6.12 -7.92
CA ALA A 79 15.70 -6.93 -6.87
C ALA A 79 16.60 -7.99 -7.47
N LEU A 80 16.18 -8.55 -8.59
CA LEU A 80 16.94 -9.61 -9.24
C LEU A 80 18.39 -9.20 -9.41
N LYS A 81 18.61 -8.07 -10.05
CA LYS A 81 19.96 -7.61 -10.29
C LYS A 81 20.70 -7.46 -8.97
N LEU A 82 20.11 -6.72 -8.05
CA LEU A 82 20.74 -6.48 -6.75
C LEU A 82 21.31 -7.77 -6.18
N LYS A 83 20.73 -8.90 -6.59
CA LYS A 83 21.18 -10.20 -6.12
C LYS A 83 22.69 -10.30 -6.13
N GLU A 84 23.31 -9.77 -7.19
CA GLU A 84 24.75 -9.83 -7.33
C GLU A 84 25.45 -9.37 -6.05
N THR A 85 24.98 -8.28 -5.46
CA THR A 85 25.59 -7.76 -4.24
C THR A 85 25.32 -8.68 -3.05
N GLY A 86 24.05 -9.09 -2.89
CA GLY A 86 23.69 -9.97 -1.79
C GLY A 86 23.84 -9.27 -0.44
N ASN A 87 23.95 -7.94 -0.48
CA ASN A 87 24.10 -7.16 0.76
C ASN A 87 22.76 -7.01 1.46
N SER A 88 22.72 -7.38 2.74
CA SER A 88 21.49 -7.27 3.51
C SER A 88 21.02 -5.83 3.59
N GLY A 89 21.95 -4.92 3.85
CA GLY A 89 21.61 -3.50 3.98
C GLY A 89 20.79 -3.03 2.78
N GLN A 90 21.18 -3.49 1.59
CA GLN A 90 20.48 -3.12 0.38
C GLN A 90 19.06 -3.70 0.36
N PHE A 91 18.94 -4.96 0.78
CA PHE A 91 17.64 -5.63 0.81
C PHE A 91 16.83 -5.16 2.00
N LEU A 92 17.52 -4.64 3.01
CA LEU A 92 16.84 -4.18 4.21
C LEU A 92 15.87 -3.06 3.88
N ALA A 93 16.30 -2.16 3.02
CA ALA A 93 15.47 -1.04 2.63
C ALA A 93 14.30 -1.52 1.80
N MET A 94 14.48 -2.65 1.13
CA MET A 94 13.43 -3.21 0.30
C MET A 94 12.22 -3.57 1.16
N PHE A 95 12.47 -4.14 2.33
CA PHE A 95 11.40 -4.54 3.23
C PHE A 95 10.57 -3.33 3.63
N ASP A 96 11.24 -2.25 3.97
CA ASP A 96 10.56 -1.01 4.38
C ASP A 96 9.95 -0.31 3.18
N LEU A 97 10.39 -0.69 1.98
CA LEU A 97 9.88 -0.08 0.76
C LEU A 97 8.55 -0.71 0.32
N MET A 98 8.60 -2.00 0.02
CA MET A 98 7.41 -2.72 -0.45
C MET A 98 6.23 -2.47 0.48
N LEU A 99 6.54 -2.20 1.73
CA LEU A 99 5.51 -1.91 2.73
C LEU A 99 5.12 -0.43 2.73
N GLU A 100 5.96 0.41 2.15
CA GLU A 100 5.70 1.84 2.12
C GLU A 100 4.53 2.18 1.20
N VAL A 101 4.48 1.55 0.05
CA VAL A 101 3.41 1.83 -0.91
C VAL A 101 2.04 1.68 -0.25
N VAL A 102 1.87 0.59 0.49
CA VAL A 102 0.61 0.31 1.19
C VAL A 102 0.48 1.18 2.44
N GLU A 103 1.57 1.87 2.78
CA GLU A 103 1.58 2.74 3.96
C GLU A 103 0.97 4.11 3.65
N SER A 104 1.30 4.67 2.49
CA SER A 104 0.79 5.98 2.12
C SER A 104 -0.73 5.98 2.05
N LEU A 105 -1.29 4.81 1.82
CA LEU A 105 -2.74 4.68 1.72
C LEU A 105 -3.41 5.05 3.03
N GLU A 106 -2.67 4.93 4.12
CA GLU A 106 -3.21 5.27 5.45
C GLU A 106 -4.02 6.58 5.39
N ASP A 107 -3.79 7.38 4.36
CA ASP A 107 -4.49 8.64 4.20
C ASP A 107 -6.00 8.40 4.15
N VAL A 108 -6.43 7.53 3.23
CA VAL A 108 -7.85 7.21 3.06
C VAL A 108 -8.31 6.31 4.20
N GLY A 109 -7.74 6.49 5.37
CA GLY A 109 -8.13 5.71 6.53
C GLY A 109 -7.98 4.23 6.25
N ILE A 110 -6.92 3.87 5.51
CA ILE A 110 -6.66 2.48 5.16
C ILE A 110 -5.77 1.85 6.21
N ILE A 111 -6.15 0.65 6.64
CA ILE A 111 -5.40 -0.09 7.65
C ILE A 111 -5.19 -1.53 7.20
N GLY A 112 -4.20 -1.72 6.37
CA GLY A 112 -3.89 -3.04 5.88
C GLY A 112 -3.39 -3.94 7.01
N LEU A 113 -3.65 -5.23 6.90
CA LEU A 113 -3.22 -6.18 7.92
C LEU A 113 -1.70 -6.37 7.86
N LYS A 114 -0.99 -5.27 7.69
CA LYS A 114 0.44 -5.34 7.62
C LYS A 114 1.01 -5.90 8.91
N ALA A 115 0.55 -5.37 10.05
CA ALA A 115 1.03 -5.84 11.35
C ALA A 115 1.16 -7.35 11.38
N ARG A 116 0.29 -8.04 10.65
CA ARG A 116 0.33 -9.48 10.60
C ARG A 116 1.58 -9.96 9.87
N VAL A 117 1.94 -9.28 8.79
CA VAL A 117 3.11 -9.67 8.00
C VAL A 117 4.40 -9.40 8.78
N LEU A 118 4.35 -8.42 9.69
CA LEU A 118 5.53 -8.07 10.46
C LEU A 118 6.02 -9.25 11.26
N GLU A 119 5.12 -9.97 11.90
CA GLU A 119 5.51 -11.11 12.69
C GLU A 119 6.35 -12.09 11.86
N GLU A 120 6.14 -12.06 10.54
CA GLU A 120 6.84 -12.96 9.66
C GLU A 120 8.36 -12.78 9.77
N SER A 121 8.82 -11.59 9.41
CA SER A 121 10.25 -11.29 9.46
C SER A 121 10.70 -11.10 10.90
N LYS A 122 9.77 -10.88 11.80
CA LYS A 122 10.09 -10.65 13.20
C LYS A 122 10.86 -11.84 13.78
N ASN A 123 10.44 -13.05 13.41
CA ASN A 123 11.08 -14.25 13.93
C ASN A 123 12.50 -14.34 13.40
N ASN A 124 12.73 -13.71 12.25
CA ASN A 124 14.05 -13.72 11.65
C ASN A 124 14.20 -12.56 10.64
N PRO A 125 15.29 -11.81 10.70
CA PRO A 125 15.51 -10.67 9.77
C PRO A 125 15.76 -11.13 8.34
N ILE A 126 14.72 -11.10 7.51
CA ILE A 126 14.86 -11.51 6.14
C ILE A 126 15.85 -10.59 5.42
N ASN A 127 16.80 -11.18 4.74
CA ASN A 127 17.80 -10.40 3.99
C ASN A 127 18.62 -11.34 3.12
N THR A 128 18.01 -12.42 2.66
CA THR A 128 18.73 -13.37 1.83
C THR A 128 19.12 -12.73 0.52
N ALA A 129 18.13 -12.49 -0.36
CA ALA A 129 18.36 -11.88 -1.68
C ALA A 129 17.30 -12.38 -2.66
N GLU A 130 17.59 -13.51 -3.31
CA GLU A 130 16.66 -14.06 -4.30
C GLU A 130 15.40 -14.58 -3.65
N ARG A 131 15.55 -15.56 -2.77
CA ARG A 131 14.41 -16.18 -2.11
C ARG A 131 13.48 -15.11 -1.54
N LEU A 132 14.03 -13.91 -1.35
CA LEU A 132 13.24 -12.81 -0.80
C LEU A 132 11.96 -12.63 -1.61
N LEU A 133 12.10 -12.77 -2.93
CA LEU A 133 10.95 -12.63 -3.82
C LEU A 133 9.78 -13.45 -3.31
N ALA A 134 10.10 -14.44 -2.48
CA ALA A 134 9.07 -15.30 -1.89
C ALA A 134 8.27 -14.53 -0.86
N ALA A 135 8.92 -13.59 -0.17
CA ALA A 135 8.23 -12.79 0.84
C ALA A 135 7.17 -11.92 0.19
N LYS A 136 7.56 -11.19 -0.85
CA LYS A 136 6.63 -10.30 -1.52
C LYS A 136 5.37 -11.06 -1.93
N ALA A 137 5.56 -12.29 -2.40
CA ALA A 137 4.43 -13.13 -2.83
C ALA A 137 3.28 -13.06 -1.82
N GLN A 138 3.62 -12.71 -0.56
CA GLN A 138 2.62 -12.61 0.50
C GLN A 138 1.91 -11.25 0.42
N ILE A 139 2.64 -10.23 0.00
CA ILE A 139 2.08 -8.88 -0.09
C ILE A 139 1.00 -8.85 -1.17
N GLU A 140 1.27 -9.51 -2.29
CA GLU A 140 0.32 -9.54 -3.38
C GLU A 140 -1.01 -10.11 -2.90
N ASN A 141 -0.93 -11.17 -2.09
CA ASN A 141 -2.15 -11.79 -1.56
C ASN A 141 -2.98 -10.73 -0.86
N GLN A 142 -2.39 -10.09 0.16
CA GLN A 142 -3.10 -9.06 0.93
C GLN A 142 -3.90 -8.16 -0.01
N LEU A 143 -3.31 -7.84 -1.14
CA LEU A 143 -4.00 -7.01 -2.12
C LEU A 143 -5.17 -7.78 -2.72
N LYS A 144 -4.94 -9.04 -3.07
CA LYS A 144 -5.96 -9.85 -3.69
C LYS A 144 -7.05 -10.17 -2.72
N VAL A 145 -6.73 -10.12 -1.43
CA VAL A 145 -7.69 -10.40 -0.38
C VAL A 145 -8.46 -9.13 0.01
N VAL A 146 -7.71 -8.08 0.35
CA VAL A 146 -8.33 -6.82 0.78
C VAL A 146 -9.23 -6.27 -0.32
N LYS A 147 -8.84 -6.51 -1.57
CA LYS A 147 -9.61 -6.01 -2.68
C LYS A 147 -11.02 -6.60 -2.68
N GLU A 148 -11.12 -7.87 -2.30
CA GLU A 148 -12.42 -8.54 -2.28
C GLU A 148 -13.32 -7.93 -1.20
N LYS A 149 -12.71 -7.31 -0.21
CA LYS A 149 -13.45 -6.69 0.89
C LYS A 149 -14.19 -5.46 0.42
N GLN A 150 -13.97 -5.08 -0.84
CA GLN A 150 -14.63 -3.91 -1.40
C GLN A 150 -16.15 -4.06 -1.31
N ASN A 151 -16.60 -5.23 -0.88
CA ASN A 151 -18.03 -5.47 -0.75
C ASN A 151 -18.28 -6.80 -0.05
N ILE A 152 -19.35 -6.87 0.74
CA ILE A 152 -19.67 -8.10 1.48
C ILE A 152 -21.19 -8.23 1.62
N GLU A 153 -21.80 -7.25 2.29
CA GLU A 153 -23.24 -7.25 2.52
C GLU A 153 -23.65 -8.50 3.28
N ASN A 154 -24.67 -8.37 4.12
CA ASN A 154 -25.15 -9.51 4.91
C ASN A 154 -24.04 -10.05 5.81
N GLY A 155 -24.34 -10.16 7.11
CA GLY A 155 -23.35 -10.66 8.07
C GLY A 155 -22.46 -9.53 8.56
N GLY A 156 -21.39 -9.90 9.25
CA GLY A 156 -20.44 -8.92 9.77
C GLY A 156 -19.72 -8.20 8.64
N GLU A 157 -19.18 -7.02 8.94
CA GLU A 157 -18.47 -6.23 7.95
C GLU A 157 -17.79 -5.04 8.60
N LYS A 158 -18.01 -4.86 9.90
CA LYS A 158 -17.42 -3.74 10.62
C LYS A 158 -15.94 -3.99 10.86
N LYS A 159 -15.10 -3.55 9.92
CA LYS A 159 -13.65 -3.72 10.01
C LYS A 159 -12.96 -2.37 10.22
N ASN A 160 -13.32 -1.40 9.40
CA ASN A 160 -12.74 -0.07 9.51
C ASN A 160 -13.17 0.61 10.79
N ASN A 161 -14.23 0.09 11.41
CA ASN A 161 -14.75 0.65 12.64
C ASN A 161 -13.71 0.51 13.75
N LYS A 162 -13.02 -0.61 13.79
CA LYS A 162 -12.01 -0.86 14.82
C LYS A 162 -10.94 0.23 14.76
N SER A 163 -10.95 1.01 13.70
CA SER A 163 -9.96 2.08 13.53
C SER A 163 -9.83 2.90 14.82
N LYS A 164 -10.88 3.68 15.13
CA LYS A 164 -10.88 4.52 16.33
C LYS A 164 -9.52 5.19 16.53
N LYS A 165 -9.09 5.95 15.53
CA LYS A 165 -7.81 6.62 15.60
C LYS A 165 -7.84 7.71 16.66
N LYS A 166 -6.84 7.70 17.53
CA LYS A 166 -6.74 8.68 18.61
C LYS A 166 -5.76 9.78 18.25
N LYS A 167 -6.30 10.89 17.75
CA LYS A 167 -5.48 12.02 17.36
C LYS A 167 -4.41 11.58 16.36
N SER A 1 11.14 -0.55 -21.78
CA SER A 1 11.90 -1.82 -21.87
C SER A 1 13.39 -1.53 -21.72
N SER A 2 13.79 -0.31 -22.06
CA SER A 2 15.19 0.09 -21.96
C SER A 2 16.08 -0.91 -22.68
N ILE A 3 16.32 -0.67 -23.96
CA ILE A 3 17.15 -1.57 -24.76
C ILE A 3 18.61 -1.38 -24.38
N GLY A 4 19.40 -2.45 -24.55
CA GLY A 4 20.82 -2.40 -24.23
C GLY A 4 21.07 -2.59 -22.75
N LEU A 5 20.00 -2.93 -22.02
CA LEU A 5 20.10 -3.15 -20.58
C LEU A 5 20.77 -1.98 -19.90
N VAL A 6 20.97 -2.11 -18.59
CA VAL A 6 21.62 -1.06 -17.83
C VAL A 6 22.24 -1.62 -16.57
N GLU A 7 23.43 -1.14 -16.24
CA GLU A 7 24.15 -1.59 -15.05
C GLU A 7 23.71 -0.78 -13.83
N ARG A 8 24.69 -0.25 -13.08
CA ARG A 8 24.40 0.53 -11.89
C ARG A 8 23.39 -0.20 -11.01
N THR A 9 22.34 0.50 -10.59
CA THR A 9 21.31 -0.08 -9.75
C THR A 9 20.01 0.70 -9.91
N ASN A 10 18.90 -0.02 -10.06
CA ASN A 10 17.59 0.60 -10.21
C ASN A 10 16.70 0.27 -9.02
N ALA A 11 16.97 -0.87 -8.37
CA ALA A 11 16.16 -1.31 -7.22
C ALA A 11 15.84 -0.12 -6.31
N ALA A 12 16.68 0.90 -6.37
CA ALA A 12 16.47 2.11 -5.57
C ALA A 12 15.01 2.55 -5.64
N LEU A 13 14.58 3.00 -6.82
CA LEU A 13 13.19 3.45 -7.01
C LEU A 13 12.74 4.32 -5.83
N GLU A 14 13.70 4.87 -5.12
CA GLU A 14 13.38 5.68 -3.98
C GLU A 14 12.56 6.89 -4.40
N SER A 15 12.96 7.54 -5.49
CA SER A 15 12.25 8.71 -5.98
C SER A 15 10.86 8.33 -6.48
N SER A 16 10.79 7.25 -7.25
CA SER A 16 9.51 6.79 -7.79
C SER A 16 8.57 6.36 -6.67
N SER A 17 9.12 5.72 -5.65
CA SER A 17 8.32 5.25 -4.54
C SER A 17 7.65 6.40 -3.84
N LYS A 18 8.33 7.54 -3.79
CA LYS A 18 7.78 8.72 -3.15
C LYS A 18 6.59 9.26 -3.95
N ASP A 19 6.66 9.07 -5.25
CA ASP A 19 5.60 9.55 -6.11
C ASP A 19 4.30 8.85 -5.78
N LEU A 20 4.39 7.63 -5.22
CA LEU A 20 3.19 6.88 -4.90
C LEU A 20 2.47 7.48 -3.69
N LYS A 21 3.20 7.54 -2.59
CA LYS A 21 2.66 8.04 -1.31
C LYS A 21 1.74 9.23 -1.54
N ASN A 22 2.14 10.08 -2.46
CA ASN A 22 1.37 11.26 -2.79
C ASN A 22 0.33 10.96 -3.87
N LYS A 23 0.65 10.02 -4.77
CA LYS A 23 -0.28 9.68 -5.86
C LYS A 23 -1.71 9.58 -5.37
N ILE A 24 -1.87 9.33 -4.09
CA ILE A 24 -3.20 9.22 -3.54
C ILE A 24 -3.99 10.50 -3.75
N LEU A 25 -3.32 11.64 -3.60
CA LEU A 25 -3.99 12.93 -3.77
C LEU A 25 -4.96 12.92 -4.95
N LYS A 26 -4.65 12.04 -5.92
CA LYS A 26 -5.46 11.95 -7.13
C LYS A 26 -6.68 11.08 -6.88
N ILE A 27 -6.45 9.91 -6.29
CA ILE A 27 -7.54 8.99 -6.02
C ILE A 27 -8.66 9.73 -5.31
N LYS A 28 -8.33 10.44 -4.25
CA LYS A 28 -9.32 11.19 -3.51
C LYS A 28 -10.01 12.19 -4.42
N LYS A 29 -9.23 12.85 -5.27
CA LYS A 29 -9.78 13.84 -6.17
C LYS A 29 -10.82 13.20 -7.09
N GLU A 30 -10.51 12.01 -7.60
CA GLU A 30 -11.44 11.32 -8.48
C GLU A 30 -12.79 11.13 -7.79
N ALA A 31 -12.75 10.89 -6.49
CA ALA A 31 -13.98 10.67 -5.74
C ALA A 31 -14.76 11.96 -5.63
N THR A 32 -14.14 13.05 -6.03
CA THR A 32 -14.79 14.36 -5.97
C THR A 32 -15.93 14.45 -6.98
N GLY A 33 -15.83 13.64 -8.06
CA GLY A 33 -16.85 13.63 -9.13
C GLY A 33 -18.22 14.04 -8.62
N LYS A 34 -18.80 13.21 -7.76
CA LYS A 34 -20.09 13.53 -7.19
C LYS A 34 -20.01 14.76 -6.31
N GLY A 35 -18.96 14.85 -5.48
CA GLY A 35 -18.78 16.00 -4.57
C GLY A 35 -18.61 15.54 -3.13
N VAL A 36 -17.66 14.64 -2.90
CA VAL A 36 -17.42 14.14 -1.55
C VAL A 36 -16.70 15.19 -0.73
N LEU A 37 -16.81 15.09 0.60
CA LEU A 37 -16.18 16.05 1.51
C LEU A 37 -14.91 15.45 2.10
N PHE A 38 -13.83 15.50 1.32
CA PHE A 38 -12.55 14.97 1.77
C PHE A 38 -11.88 15.95 2.73
N GLU A 39 -12.24 17.23 2.62
CA GLU A 39 -11.66 18.25 3.49
C GLU A 39 -11.74 17.84 4.95
N ALA A 40 -12.94 17.51 5.40
CA ALA A 40 -13.14 17.10 6.78
C ALA A 40 -12.67 15.66 6.97
N PHE A 41 -13.35 14.72 6.31
CA PHE A 41 -13.00 13.31 6.41
C PHE A 41 -13.25 12.78 7.83
N THR A 42 -13.32 13.69 8.80
CA THR A 42 -13.53 13.33 10.21
C THR A 42 -14.34 14.40 10.92
N GLY A 43 -15.32 14.97 10.21
CA GLY A 43 -16.17 16.02 10.79
C GLY A 43 -17.52 16.08 10.10
N LEU A 44 -17.78 15.12 9.22
CA LEU A 44 -19.04 15.06 8.47
C LEU A 44 -19.90 13.91 8.98
N LYS A 45 -19.78 13.62 10.26
CA LYS A 45 -20.54 12.53 10.88
C LYS A 45 -20.15 11.20 10.25
N THR A 46 -19.17 11.23 9.35
CA THR A 46 -18.72 10.01 8.68
C THR A 46 -19.90 9.25 8.08
N GLY A 47 -21.07 9.90 8.05
CA GLY A 47 -22.27 9.29 7.50
C GLY A 47 -22.16 9.11 6.00
N SER A 48 -21.66 10.15 5.32
CA SER A 48 -21.50 10.12 3.87
C SER A 48 -20.18 9.47 3.50
N LYS A 49 -19.59 8.73 4.44
CA LYS A 49 -18.31 8.05 4.20
C LYS A 49 -18.54 6.63 3.70
N VAL A 50 -19.72 6.09 3.97
CA VAL A 50 -20.07 4.72 3.55
C VAL A 50 -21.41 4.71 2.86
N THR A 51 -21.50 3.98 1.74
CA THR A 51 -22.74 3.86 0.98
C THR A 51 -23.33 5.24 0.68
N SER A 52 -23.93 5.85 1.70
CA SER A 52 -24.53 7.17 1.55
C SER A 52 -23.60 8.10 0.77
N GLY A 53 -22.30 7.87 0.91
CA GLY A 53 -21.32 8.69 0.21
C GLY A 53 -21.47 8.54 -1.30
N GLY A 54 -21.42 7.30 -1.78
CA GLY A 54 -21.56 7.01 -3.21
C GLY A 54 -20.62 5.89 -3.63
N LEU A 55 -20.92 5.27 -4.76
CA LEU A 55 -20.09 4.18 -5.27
C LEU A 55 -18.70 4.71 -5.60
N ALA A 56 -18.62 5.99 -5.96
CA ALA A 56 -17.34 6.59 -6.31
C ALA A 56 -16.39 6.49 -5.13
N LEU A 57 -16.75 7.14 -4.03
CA LEU A 57 -15.91 7.14 -2.83
C LEU A 57 -15.45 5.71 -2.52
N ARG A 58 -16.38 4.79 -2.51
CA ARG A 58 -16.06 3.40 -2.21
C ARG A 58 -15.13 2.83 -3.28
N GLU A 59 -15.49 3.03 -4.54
CA GLU A 59 -14.71 2.54 -5.66
C GLU A 59 -13.38 3.27 -5.72
N ALA A 60 -13.29 4.42 -5.07
CA ALA A 60 -12.06 5.23 -5.06
C ALA A 60 -11.07 4.71 -4.02
N LYS A 61 -11.60 4.29 -2.87
CA LYS A 61 -10.74 3.78 -1.80
C LYS A 61 -9.97 2.56 -2.26
N VAL A 62 -10.61 1.75 -3.08
CA VAL A 62 -9.98 0.53 -3.60
C VAL A 62 -9.12 0.84 -4.81
N GLN A 63 -9.54 1.82 -5.64
CA GLN A 63 -8.82 2.14 -6.82
C GLN A 63 -7.32 2.26 -6.54
N ALA A 64 -6.98 2.83 -5.40
CA ALA A 64 -5.58 2.99 -5.05
C ALA A 64 -4.88 1.63 -5.06
N ILE A 65 -5.26 0.76 -4.12
CA ILE A 65 -4.64 -0.56 -4.01
C ILE A 65 -4.43 -1.19 -5.38
N VAL A 66 -5.48 -1.18 -6.19
CA VAL A 66 -5.39 -1.73 -7.53
C VAL A 66 -4.21 -1.13 -8.29
N GLU A 67 -4.05 0.19 -8.17
CA GLU A 67 -2.95 0.89 -8.84
C GLU A 67 -1.62 0.54 -8.18
N THR A 68 -1.60 0.52 -6.85
CA THR A 68 -0.35 0.22 -6.14
C THR A 68 0.23 -1.12 -6.58
N GLY A 69 -0.64 -2.12 -6.72
CA GLY A 69 -0.20 -3.45 -7.13
C GLY A 69 0.72 -3.38 -8.35
N LYS A 70 0.49 -2.38 -9.20
CA LYS A 70 1.30 -2.23 -10.39
C LYS A 70 2.74 -1.86 -10.03
N PHE A 71 2.87 -1.00 -9.02
CA PHE A 71 4.17 -0.51 -8.58
C PHE A 71 4.94 -1.60 -7.88
N LEU A 72 4.21 -2.43 -7.15
CA LEU A 72 4.81 -3.51 -6.42
C LEU A 72 5.46 -4.52 -7.36
N LYS A 73 4.84 -4.71 -8.52
CA LYS A 73 5.36 -5.65 -9.50
C LYS A 73 6.68 -5.18 -10.05
N ILE A 74 6.87 -3.86 -10.10
CA ILE A 74 8.11 -3.31 -10.62
C ILE A 74 9.28 -3.59 -9.66
N ILE A 75 9.13 -3.14 -8.42
CA ILE A 75 10.19 -3.33 -7.43
C ILE A 75 10.61 -4.79 -7.37
N GLU A 76 9.70 -5.68 -7.78
CA GLU A 76 9.97 -7.11 -7.73
C GLU A 76 11.00 -7.52 -8.77
N GLU A 77 10.82 -7.06 -10.01
CA GLU A 77 11.74 -7.41 -11.10
C GLU A 77 12.98 -6.52 -11.07
N GLU A 78 12.92 -5.44 -10.30
CA GLU A 78 14.06 -4.52 -10.21
C GLU A 78 15.02 -4.98 -9.12
N ALA A 79 14.51 -5.67 -8.11
CA ALA A 79 15.33 -6.15 -7.03
C ALA A 79 16.07 -7.42 -7.43
N LEU A 80 15.44 -8.19 -8.30
CA LEU A 80 16.04 -9.44 -8.76
C LEU A 80 17.43 -9.20 -9.33
N LYS A 81 17.63 -8.01 -9.88
CA LYS A 81 18.92 -7.68 -10.46
C LYS A 81 20.00 -7.60 -9.39
N LEU A 82 19.73 -6.83 -8.36
CA LEU A 82 20.69 -6.64 -7.28
C LEU A 82 21.16 -7.97 -6.73
N LYS A 83 20.44 -9.03 -7.08
CA LYS A 83 20.77 -10.38 -6.61
C LYS A 83 22.27 -10.65 -6.77
N GLU A 84 22.84 -10.19 -7.88
CA GLU A 84 24.25 -10.42 -8.14
C GLU A 84 25.11 -9.88 -7.01
N THR A 85 24.74 -8.73 -6.47
CA THR A 85 25.50 -8.12 -5.38
C THR A 85 25.32 -8.91 -4.09
N GLY A 86 24.09 -9.28 -3.79
CA GLY A 86 23.80 -10.05 -2.58
C GLY A 86 24.04 -9.19 -1.34
N ASN A 87 23.96 -7.87 -1.50
CA ASN A 87 24.17 -6.95 -0.37
C ASN A 87 22.90 -6.82 0.44
N SER A 88 22.94 -7.35 1.67
CA SER A 88 21.78 -7.28 2.56
C SER A 88 21.40 -5.83 2.84
N GLY A 89 22.40 -4.96 2.97
CA GLY A 89 22.16 -3.56 3.26
C GLY A 89 21.24 -2.94 2.21
N GLN A 90 21.47 -3.27 0.95
CA GLN A 90 20.66 -2.74 -0.13
C GLN A 90 19.25 -3.35 -0.12
N PHE A 91 19.18 -4.65 0.14
CA PHE A 91 17.89 -5.34 0.17
C PHE A 91 17.09 -4.93 1.41
N LEU A 92 17.77 -4.52 2.44
CA LEU A 92 17.11 -4.12 3.67
C LEU A 92 16.18 -2.95 3.41
N ALA A 93 16.60 -2.04 2.55
CA ALA A 93 15.80 -0.89 2.21
C ALA A 93 14.54 -1.34 1.48
N MET A 94 14.66 -2.38 0.68
CA MET A 94 13.53 -2.89 -0.09
C MET A 94 12.42 -3.34 0.87
N PHE A 95 12.81 -4.04 1.93
CA PHE A 95 11.84 -4.53 2.90
C PHE A 95 11.07 -3.37 3.50
N ASP A 96 11.79 -2.31 3.82
CA ASP A 96 11.17 -1.12 4.41
C ASP A 96 10.43 -0.32 3.35
N LEU A 97 10.80 -0.51 2.09
CA LEU A 97 10.16 0.22 0.99
C LEU A 97 8.80 -0.37 0.67
N MET A 98 8.78 -1.65 0.31
CA MET A 98 7.53 -2.32 -0.06
C MET A 98 6.47 -2.08 1.00
N LEU A 99 6.91 -1.97 2.24
CA LEU A 99 6.00 -1.73 3.36
C LEU A 99 5.61 -0.25 3.45
N GLU A 100 6.47 0.62 2.92
CA GLU A 100 6.20 2.05 2.98
C GLU A 100 5.01 2.43 2.11
N VAL A 101 5.06 2.06 0.84
CA VAL A 101 3.97 2.40 -0.08
C VAL A 101 2.60 2.05 0.53
N VAL A 102 2.50 0.84 1.04
CA VAL A 102 1.27 0.33 1.64
C VAL A 102 1.00 1.04 2.95
N GLU A 103 1.95 1.87 3.37
CA GLU A 103 1.83 2.63 4.62
C GLU A 103 1.04 3.93 4.41
N SER A 104 1.34 4.65 3.33
CA SER A 104 0.67 5.93 3.08
C SER A 104 -0.82 5.72 2.84
N LEU A 105 -1.19 4.48 2.53
CA LEU A 105 -2.58 4.15 2.28
C LEU A 105 -3.39 4.16 3.56
N GLU A 106 -2.70 4.10 4.69
CA GLU A 106 -3.38 4.12 5.99
C GLU A 106 -4.44 5.22 6.04
N ASP A 107 -4.35 6.16 5.13
CA ASP A 107 -5.30 7.26 5.07
C ASP A 107 -6.73 6.75 4.91
N VAL A 108 -6.97 5.98 3.84
CA VAL A 108 -8.31 5.44 3.58
C VAL A 108 -8.61 4.27 4.51
N GLY A 109 -8.01 4.29 5.70
CA GLY A 109 -8.26 3.26 6.68
C GLY A 109 -7.79 1.90 6.20
N ILE A 110 -6.71 1.91 5.40
CA ILE A 110 -6.15 0.66 4.86
C ILE A 110 -5.09 0.15 5.82
N ILE A 111 -5.28 -1.07 6.28
CA ILE A 111 -4.35 -1.68 7.19
C ILE A 111 -4.39 -3.18 7.11
N GLY A 112 -5.27 -3.70 6.26
CA GLY A 112 -5.41 -5.14 6.09
C GLY A 112 -4.93 -5.92 7.30
N LEU A 113 -3.64 -6.29 7.28
CA LEU A 113 -3.02 -7.01 8.39
C LEU A 113 -1.50 -6.88 8.31
N LYS A 114 -1.03 -5.75 7.80
CA LYS A 114 0.41 -5.56 7.69
C LYS A 114 1.08 -5.75 9.03
N ALA A 115 0.59 -5.07 10.06
CA ALA A 115 1.20 -5.17 11.40
C ALA A 115 1.58 -6.61 11.74
N ARG A 116 0.80 -7.54 11.21
CA ARG A 116 1.04 -8.95 11.44
C ARG A 116 2.29 -9.43 10.69
N VAL A 117 2.47 -8.91 9.47
CA VAL A 117 3.63 -9.32 8.66
C VAL A 117 4.94 -8.90 9.31
N LEU A 118 4.86 -7.88 10.15
CA LEU A 118 6.05 -7.36 10.79
C LEU A 118 6.72 -8.43 11.61
N GLU A 119 5.92 -9.21 12.34
CA GLU A 119 6.48 -10.26 13.17
C GLU A 119 6.93 -11.43 12.29
N GLU A 120 6.38 -11.52 11.08
CA GLU A 120 6.74 -12.62 10.20
C GLU A 120 8.23 -12.57 9.88
N SER A 121 8.74 -11.38 9.57
CA SER A 121 10.15 -11.22 9.26
C SER A 121 11.00 -11.49 10.49
N LYS A 122 10.46 -11.18 11.65
CA LYS A 122 11.19 -11.37 12.90
C LYS A 122 11.53 -12.84 13.07
N ASN A 123 10.68 -13.72 12.54
CA ASN A 123 10.90 -15.15 12.68
C ASN A 123 12.09 -15.59 11.85
N ASN A 124 12.11 -15.19 10.57
CA ASN A 124 13.22 -15.54 9.66
C ASN A 124 13.90 -14.28 9.11
N PRO A 125 15.20 -14.31 8.91
CA PRO A 125 15.95 -13.13 8.39
C PRO A 125 15.57 -12.80 6.94
N ILE A 126 14.82 -11.70 6.77
CA ILE A 126 14.41 -11.27 5.42
C ILE A 126 15.36 -10.22 4.90
N ASN A 127 16.57 -10.65 4.52
CA ASN A 127 17.56 -9.74 3.99
C ASN A 127 18.59 -10.53 3.18
N THR A 128 18.21 -11.73 2.79
CA THR A 128 19.11 -12.58 2.01
C THR A 128 19.41 -11.98 0.64
N ALA A 129 18.41 -11.98 -0.24
CA ALA A 129 18.53 -11.45 -1.60
C ALA A 129 17.45 -12.10 -2.48
N GLU A 130 17.81 -13.22 -3.09
CA GLU A 130 16.88 -13.94 -3.94
C GLU A 130 15.79 -14.57 -3.11
N ARG A 131 16.17 -15.11 -1.96
CA ARG A 131 15.21 -15.72 -1.05
C ARG A 131 14.21 -14.68 -0.59
N LEU A 132 14.67 -13.45 -0.48
CA LEU A 132 13.83 -12.39 0.04
C LEU A 132 12.55 -12.29 -0.76
N LEU A 133 12.65 -12.51 -2.06
CA LEU A 133 11.49 -12.42 -2.95
C LEU A 133 10.34 -13.24 -2.37
N ALA A 134 10.68 -14.25 -1.57
CA ALA A 134 9.67 -15.09 -0.95
C ALA A 134 8.77 -14.26 -0.04
N ALA A 135 9.29 -13.12 0.41
CA ALA A 135 8.53 -12.22 1.28
C ALA A 135 7.41 -11.54 0.50
N LYS A 136 7.70 -11.13 -0.74
CA LYS A 136 6.71 -10.46 -1.57
C LYS A 136 5.53 -11.40 -1.84
N ALA A 137 5.85 -12.65 -2.16
CA ALA A 137 4.82 -13.65 -2.44
C ALA A 137 3.73 -13.59 -1.37
N GLN A 138 4.14 -13.40 -0.13
CA GLN A 138 3.20 -13.30 0.98
C GLN A 138 2.43 -11.98 0.90
N ILE A 139 3.13 -10.91 0.53
CA ILE A 139 2.49 -9.60 0.42
C ILE A 139 1.45 -9.61 -0.69
N GLU A 140 1.82 -10.17 -1.83
CA GLU A 140 0.90 -10.24 -2.95
C GLU A 140 -0.30 -11.10 -2.59
N ASN A 141 -0.04 -12.19 -1.89
CA ASN A 141 -1.11 -13.10 -1.49
C ASN A 141 -2.09 -12.40 -0.58
N GLN A 142 -1.66 -11.29 0.02
CA GLN A 142 -2.52 -10.51 0.89
C GLN A 142 -3.34 -9.51 0.10
N LEU A 143 -2.73 -8.89 -0.89
CA LEU A 143 -3.43 -7.89 -1.68
C LEU A 143 -4.59 -8.49 -2.44
N LYS A 144 -4.35 -9.63 -3.06
CA LYS A 144 -5.37 -10.31 -3.83
C LYS A 144 -6.56 -10.63 -2.95
N VAL A 145 -6.32 -10.78 -1.64
CA VAL A 145 -7.39 -11.09 -0.69
C VAL A 145 -8.17 -9.83 -0.31
N VAL A 146 -7.45 -8.75 -0.04
CA VAL A 146 -8.10 -7.50 0.36
C VAL A 146 -9.18 -7.12 -0.65
N LYS A 147 -8.87 -7.28 -1.92
CA LYS A 147 -9.82 -6.94 -2.97
C LYS A 147 -11.05 -7.84 -2.87
N GLU A 148 -10.85 -9.10 -2.53
CA GLU A 148 -11.96 -10.04 -2.43
C GLU A 148 -12.87 -9.67 -1.25
N LYS A 149 -12.27 -9.40 -0.11
CA LYS A 149 -13.04 -9.05 1.08
C LYS A 149 -13.74 -7.72 0.88
N GLN A 150 -13.38 -7.01 -0.18
CA GLN A 150 -13.97 -5.72 -0.45
C GLN A 150 -15.50 -5.82 -0.44
N ASN A 151 -16.01 -6.93 -0.96
CA ASN A 151 -17.45 -7.14 -1.02
C ASN A 151 -18.01 -7.40 0.37
N ILE A 152 -17.44 -6.74 1.40
CA ILE A 152 -17.89 -6.91 2.77
C ILE A 152 -17.87 -5.57 3.51
N GLU A 153 -18.89 -4.75 3.25
CA GLU A 153 -18.99 -3.44 3.89
C GLU A 153 -20.40 -2.88 3.73
N ASN A 154 -21.37 -3.78 3.54
CA ASN A 154 -22.75 -3.35 3.39
C ASN A 154 -23.27 -2.72 4.67
N GLY A 155 -24.32 -1.91 4.55
CA GLY A 155 -24.90 -1.26 5.71
C GLY A 155 -25.21 -2.27 6.82
N GLY A 156 -24.70 -2.00 8.03
CA GLY A 156 -24.92 -2.89 9.16
C GLY A 156 -23.86 -3.98 9.21
N GLU A 157 -23.16 -4.18 8.10
CA GLU A 157 -22.12 -5.20 8.02
C GLU A 157 -20.83 -4.67 8.63
N LYS A 158 -20.02 -5.58 9.18
CA LYS A 158 -18.75 -5.20 9.79
C LYS A 158 -17.95 -4.30 8.85
N LYS A 159 -17.24 -3.34 9.42
CA LYS A 159 -16.44 -2.40 8.64
C LYS A 159 -15.37 -1.74 9.51
N ASN A 160 -14.35 -2.52 9.86
CA ASN A 160 -13.27 -2.01 10.68
C ASN A 160 -13.81 -1.44 12.00
N ASN A 161 -14.89 -2.03 12.48
CA ASN A 161 -15.50 -1.60 13.72
C ASN A 161 -14.58 -1.86 14.91
N LYS A 162 -13.87 -2.99 14.86
CA LYS A 162 -12.95 -3.35 15.92
C LYS A 162 -11.95 -2.23 16.18
N SER A 163 -11.57 -1.53 15.12
CA SER A 163 -10.62 -0.44 15.24
C SER A 163 -11.22 0.69 16.07
N LYS A 164 -10.42 1.25 16.98
CA LYS A 164 -10.87 2.34 17.84
C LYS A 164 -10.45 3.69 17.26
N LYS A 165 -11.18 4.73 17.63
CA LYS A 165 -10.88 6.07 17.13
C LYS A 165 -9.46 6.48 17.53
N LYS A 166 -8.56 6.49 16.55
CA LYS A 166 -7.18 6.87 16.81
C LYS A 166 -7.09 8.33 17.20
N LYS A 167 -6.24 8.62 18.17
CA LYS A 167 -6.07 9.99 18.64
C LYS A 167 -7.42 10.58 19.07
N SER A 1 22.47 3.41 -16.10
CA SER A 1 22.22 4.25 -14.89
C SER A 1 23.24 5.39 -14.86
N SER A 2 23.07 6.36 -15.75
CA SER A 2 23.96 7.50 -15.81
C SER A 2 23.74 8.43 -14.63
N ILE A 3 22.82 8.04 -13.74
CA ILE A 3 22.51 8.84 -12.56
C ILE A 3 22.08 10.25 -12.97
N GLY A 4 23.06 11.10 -13.27
CA GLY A 4 22.78 12.47 -13.68
C GLY A 4 22.42 13.34 -12.48
N LEU A 5 23.17 13.19 -11.40
CA LEU A 5 22.93 13.96 -10.17
C LEU A 5 21.52 13.70 -9.66
N VAL A 6 20.61 14.65 -9.93
CA VAL A 6 19.22 14.56 -9.51
C VAL A 6 19.10 13.81 -8.17
N GLU A 7 18.11 12.96 -8.06
CA GLU A 7 17.91 12.18 -6.85
C GLU A 7 19.12 11.28 -6.63
N ARG A 8 19.58 11.21 -5.39
CA ARG A 8 20.73 10.39 -5.05
C ARG A 8 20.38 8.91 -5.21
N THR A 9 21.23 8.20 -5.95
CA THR A 9 21.02 6.76 -6.17
C THR A 9 19.58 6.49 -6.60
N ASN A 10 19.36 6.47 -7.91
CA ASN A 10 18.02 6.21 -8.46
C ASN A 10 17.86 4.72 -8.77
N ALA A 11 18.80 3.91 -8.30
CA ALA A 11 18.73 2.47 -8.53
C ALA A 11 17.68 1.83 -7.61
N ALA A 12 17.78 2.14 -6.32
CA ALA A 12 16.84 1.59 -5.35
C ALA A 12 15.43 2.13 -5.58
N LEU A 13 15.30 3.00 -6.57
CA LEU A 13 13.99 3.59 -6.89
C LEU A 13 13.38 4.23 -5.64
N GLU A 14 14.22 4.88 -4.86
CA GLU A 14 13.73 5.54 -3.66
C GLU A 14 12.80 6.69 -4.02
N SER A 15 13.17 7.47 -5.03
CA SER A 15 12.36 8.60 -5.47
C SER A 15 11.15 8.13 -6.28
N SER A 16 11.35 7.12 -7.10
CA SER A 16 10.26 6.60 -7.92
C SER A 16 9.13 6.10 -7.03
N SER A 17 9.48 5.37 -5.98
CA SER A 17 8.49 4.85 -5.06
C SER A 17 7.89 6.00 -4.26
N LYS A 18 8.69 7.01 -4.00
CA LYS A 18 8.24 8.16 -3.22
C LYS A 18 7.06 8.82 -3.91
N ASP A 19 7.00 8.68 -5.22
CA ASP A 19 5.92 9.26 -5.97
C ASP A 19 4.63 8.49 -5.72
N LEU A 20 4.73 7.32 -5.07
CA LEU A 20 3.55 6.50 -4.82
C LEU A 20 2.69 7.10 -3.70
N LYS A 21 3.29 7.18 -2.52
CA LYS A 21 2.60 7.69 -1.31
C LYS A 21 1.71 8.88 -1.65
N ASN A 22 2.18 9.68 -2.61
CA ASN A 22 1.44 10.85 -3.05
C ASN A 22 0.46 10.49 -4.16
N LYS A 23 0.83 9.51 -4.99
CA LYS A 23 -0.03 9.11 -6.11
C LYS A 23 -1.49 9.03 -5.70
N ILE A 24 -1.73 8.68 -4.45
CA ILE A 24 -3.09 8.56 -3.96
C ILE A 24 -3.83 9.87 -4.12
N LEU A 25 -3.14 11.00 -3.92
CA LEU A 25 -3.77 12.31 -4.02
C LEU A 25 -4.75 12.36 -5.18
N LYS A 26 -4.53 11.47 -6.14
CA LYS A 26 -5.37 11.40 -7.33
C LYS A 26 -6.61 10.58 -7.06
N ILE A 27 -6.42 9.44 -6.40
CA ILE A 27 -7.52 8.54 -6.08
C ILE A 27 -8.50 9.24 -5.15
N LYS A 28 -8.01 10.23 -4.41
CA LYS A 28 -8.86 10.98 -3.50
C LYS A 28 -9.74 11.97 -4.26
N LYS A 29 -9.14 12.69 -5.18
CA LYS A 29 -9.88 13.69 -5.97
C LYS A 29 -10.99 13.02 -6.77
N GLU A 30 -10.78 11.77 -7.16
CA GLU A 30 -11.78 11.05 -7.93
C GLU A 30 -13.12 11.05 -7.23
N ALA A 31 -13.16 10.53 -6.02
CA ALA A 31 -14.41 10.46 -5.25
C ALA A 31 -14.85 11.86 -4.82
N THR A 32 -13.91 12.80 -4.81
CA THR A 32 -14.21 14.18 -4.42
C THR A 32 -15.14 14.85 -5.43
N GLY A 33 -14.96 14.51 -6.71
CA GLY A 33 -15.78 15.10 -7.77
C GLY A 33 -17.15 14.44 -7.85
N LYS A 34 -17.34 13.37 -7.08
CA LYS A 34 -18.62 12.65 -7.08
C LYS A 34 -19.60 13.31 -6.15
N GLY A 35 -19.29 14.54 -5.74
CA GLY A 35 -20.17 15.30 -4.84
C GLY A 35 -19.83 15.01 -3.39
N VAL A 36 -18.72 14.29 -3.16
CA VAL A 36 -18.30 13.96 -1.81
C VAL A 36 -17.56 15.14 -1.19
N LEU A 37 -17.97 15.54 0.01
CA LEU A 37 -17.35 16.67 0.70
C LEU A 37 -16.20 16.19 1.56
N PHE A 38 -15.05 15.95 0.93
CA PHE A 38 -13.87 15.49 1.65
C PHE A 38 -13.25 16.64 2.42
N GLU A 39 -13.56 17.87 2.00
CA GLU A 39 -13.02 19.06 2.67
C GLU A 39 -13.75 19.34 3.98
N ALA A 40 -15.06 19.10 3.98
CA ALA A 40 -15.88 19.33 5.16
C ALA A 40 -15.85 18.12 6.07
N PHE A 41 -14.69 17.48 6.17
CA PHE A 41 -14.55 16.29 7.01
C PHE A 41 -14.82 16.65 8.47
N THR A 42 -15.34 15.67 9.22
CA THR A 42 -15.65 15.89 10.64
C THR A 42 -16.45 17.19 10.82
N GLY A 43 -17.72 17.15 10.46
CA GLY A 43 -18.58 18.33 10.59
C GLY A 43 -19.84 18.18 9.76
N LEU A 44 -20.18 16.94 9.41
CA LEU A 44 -21.36 16.65 8.59
C LEU A 44 -21.84 15.22 8.83
N LYS A 45 -22.88 14.83 8.12
CA LYS A 45 -23.42 13.48 8.23
C LYS A 45 -22.53 12.49 7.49
N THR A 46 -21.22 12.70 7.57
CA THR A 46 -20.25 11.81 6.90
C THR A 46 -20.69 11.51 5.47
N GLY A 47 -20.08 10.50 4.86
CA GLY A 47 -20.43 10.13 3.49
C GLY A 47 -21.90 9.76 3.38
N SER A 48 -22.50 9.39 4.52
CA SER A 48 -23.91 9.00 4.54
C SER A 48 -24.79 10.22 4.30
N LYS A 49 -24.17 11.35 3.99
CA LYS A 49 -24.92 12.58 3.73
C LYS A 49 -25.82 12.41 2.53
N VAL A 50 -25.26 11.86 1.45
CA VAL A 50 -26.03 11.64 0.21
C VAL A 50 -26.19 10.16 -0.07
N THR A 51 -25.40 9.35 0.62
CA THR A 51 -25.46 7.89 0.45
C THR A 51 -24.89 7.50 -0.92
N SER A 52 -25.26 8.24 -1.95
CA SER A 52 -24.78 7.96 -3.30
C SER A 52 -23.26 8.06 -3.36
N GLY A 53 -22.72 9.07 -2.72
CA GLY A 53 -21.28 9.28 -2.71
C GLY A 53 -20.57 8.10 -2.05
N GLY A 54 -21.21 7.51 -1.04
CA GLY A 54 -20.63 6.39 -0.33
C GLY A 54 -20.27 5.25 -1.28
N LEU A 55 -21.18 4.94 -2.20
CA LEU A 55 -20.94 3.87 -3.16
C LEU A 55 -19.76 4.23 -4.06
N ALA A 56 -19.72 5.49 -4.50
CA ALA A 56 -18.65 5.95 -5.36
C ALA A 56 -17.38 6.18 -4.55
N LEU A 57 -17.54 6.39 -3.25
CA LEU A 57 -16.39 6.63 -2.39
C LEU A 57 -15.58 5.37 -2.24
N ARG A 58 -16.20 4.34 -1.68
CA ARG A 58 -15.49 3.09 -1.44
C ARG A 58 -14.96 2.54 -2.74
N GLU A 59 -15.52 3.00 -3.84
CA GLU A 59 -15.10 2.54 -5.15
C GLU A 59 -13.68 3.01 -5.45
N ALA A 60 -13.37 4.24 -5.04
CA ALA A 60 -12.04 4.81 -5.28
C ALA A 60 -11.04 4.35 -4.22
N LYS A 61 -11.55 4.01 -3.06
CA LYS A 61 -10.71 3.56 -1.96
C LYS A 61 -9.98 2.27 -2.33
N VAL A 62 -10.62 1.45 -3.13
CA VAL A 62 -10.03 0.19 -3.57
C VAL A 62 -9.13 0.39 -4.78
N GLN A 63 -9.43 1.43 -5.57
CA GLN A 63 -8.65 1.71 -6.77
C GLN A 63 -7.18 1.91 -6.41
N ALA A 64 -6.91 2.20 -5.16
CA ALA A 64 -5.54 2.43 -4.73
C ALA A 64 -4.72 1.15 -4.88
N ILE A 65 -5.07 0.13 -4.10
CA ILE A 65 -4.35 -1.15 -4.13
C ILE A 65 -4.11 -1.60 -5.57
N VAL A 66 -5.07 -1.32 -6.43
CA VAL A 66 -4.96 -1.69 -7.82
C VAL A 66 -3.77 -0.98 -8.45
N GLU A 67 -3.56 0.28 -8.08
CA GLU A 67 -2.44 1.06 -8.61
C GLU A 67 -1.10 0.58 -8.04
N THR A 68 -1.14 0.00 -6.85
CA THR A 68 0.10 -0.48 -6.23
C THR A 68 0.63 -1.70 -6.96
N GLY A 69 -0.28 -2.55 -7.44
CA GLY A 69 0.11 -3.75 -8.15
C GLY A 69 0.99 -3.41 -9.36
N LYS A 70 0.89 -2.18 -9.85
CA LYS A 70 1.67 -1.76 -11.02
C LYS A 70 3.11 -1.47 -10.61
N PHE A 71 3.27 -0.72 -9.53
CA PHE A 71 4.59 -0.38 -9.06
C PHE A 71 5.32 -1.61 -8.55
N LEU A 72 4.54 -2.56 -8.06
CA LEU A 72 5.11 -3.79 -7.52
C LEU A 72 5.80 -4.58 -8.63
N LYS A 73 5.31 -4.43 -9.86
CA LYS A 73 5.88 -5.15 -10.99
C LYS A 73 7.23 -4.56 -11.37
N ILE A 74 7.47 -3.32 -10.95
CA ILE A 74 8.73 -2.65 -11.26
C ILE A 74 9.82 -3.07 -10.27
N ILE A 75 9.50 -3.04 -8.99
CA ILE A 75 10.46 -3.40 -7.97
C ILE A 75 10.87 -4.87 -8.11
N GLU A 76 9.88 -5.73 -8.34
CA GLU A 76 10.14 -7.16 -8.49
C GLU A 76 11.23 -7.40 -9.52
N GLU A 77 11.24 -6.57 -10.56
CA GLU A 77 12.24 -6.69 -11.61
C GLU A 77 13.55 -6.06 -11.18
N GLU A 78 13.50 -5.26 -10.11
CA GLU A 78 14.70 -4.59 -9.60
C GLU A 78 15.40 -5.48 -8.58
N ALA A 79 14.62 -6.27 -7.86
CA ALA A 79 15.17 -7.15 -6.84
C ALA A 79 16.04 -8.21 -7.48
N LEU A 80 15.59 -8.74 -8.60
CA LEU A 80 16.33 -9.78 -9.29
C LEU A 80 17.76 -9.36 -9.54
N LYS A 81 17.91 -8.26 -10.26
CA LYS A 81 19.23 -7.76 -10.59
C LYS A 81 19.99 -7.43 -9.32
N LEU A 82 19.31 -7.54 -8.18
CA LEU A 82 19.92 -7.21 -6.89
C LEU A 82 20.45 -8.46 -6.21
N LYS A 83 19.89 -9.59 -6.56
CA LYS A 83 20.32 -10.84 -5.96
C LYS A 83 21.83 -11.00 -6.08
N GLU A 84 22.40 -10.46 -7.16
CA GLU A 84 23.82 -10.58 -7.41
C GLU A 84 24.64 -10.06 -6.24
N THR A 85 24.24 -8.92 -5.70
CA THR A 85 24.95 -8.32 -4.58
C THR A 85 24.71 -9.13 -3.31
N GLY A 86 23.46 -9.52 -3.08
CA GLY A 86 23.13 -10.31 -1.90
C GLY A 86 23.44 -9.52 -0.61
N ASN A 87 23.90 -8.29 -0.78
CA ASN A 87 24.24 -7.46 0.37
C ASN A 87 22.99 -7.19 1.20
N SER A 88 23.02 -7.64 2.46
CA SER A 88 21.88 -7.45 3.34
C SER A 88 21.58 -5.98 3.54
N GLY A 89 22.63 -5.17 3.60
CA GLY A 89 22.47 -3.72 3.80
C GLY A 89 21.76 -3.08 2.61
N GLN A 90 22.14 -3.46 1.40
CA GLN A 90 21.53 -2.89 0.20
C GLN A 90 20.06 -3.29 0.10
N PHE A 91 19.81 -4.59 0.15
CA PHE A 91 18.45 -5.10 0.05
C PHE A 91 17.62 -4.53 1.19
N LEU A 92 18.27 -4.10 2.25
CA LEU A 92 17.54 -3.62 3.41
C LEU A 92 16.57 -2.52 3.00
N ALA A 93 17.01 -1.64 2.13
CA ALA A 93 16.17 -0.56 1.68
C ALA A 93 14.92 -1.12 1.04
N MET A 94 15.04 -2.31 0.45
CA MET A 94 13.90 -2.95 -0.19
C MET A 94 12.81 -3.23 0.85
N PHE A 95 13.23 -3.68 2.03
CA PHE A 95 12.27 -4.00 3.07
C PHE A 95 11.51 -2.76 3.49
N ASP A 96 12.19 -1.63 3.49
CA ASP A 96 11.58 -0.36 3.87
C ASP A 96 10.87 0.30 2.68
N LEU A 97 11.25 -0.14 1.47
CA LEU A 97 10.68 0.42 0.24
C LEU A 97 9.34 -0.20 -0.09
N MET A 98 9.20 -1.51 0.13
CA MET A 98 7.97 -2.21 -0.20
C MET A 98 6.96 -2.10 0.95
N LEU A 99 7.45 -1.78 2.14
CA LEU A 99 6.59 -1.68 3.33
C LEU A 99 5.93 -0.32 3.45
N GLU A 100 6.62 0.70 2.97
CA GLU A 100 6.09 2.05 3.07
C GLU A 100 4.93 2.24 2.10
N VAL A 101 4.92 1.45 1.02
CA VAL A 101 3.87 1.57 0.01
C VAL A 101 2.49 1.32 0.61
N VAL A 102 2.41 0.31 1.49
CA VAL A 102 1.17 -0.08 2.15
C VAL A 102 0.87 0.83 3.33
N GLU A 103 1.83 1.66 3.70
CA GLU A 103 1.66 2.58 4.81
C GLU A 103 0.91 3.84 4.39
N SER A 104 1.05 4.24 3.13
CA SER A 104 0.38 5.44 2.64
C SER A 104 -1.08 5.17 2.31
N LEU A 105 -1.43 3.90 2.19
CA LEU A 105 -2.79 3.51 1.87
C LEU A 105 -3.70 3.78 3.05
N GLU A 106 -3.14 3.80 4.25
CA GLU A 106 -3.95 4.04 5.46
C GLU A 106 -4.93 5.22 5.25
N ASP A 107 -4.67 6.03 4.24
CA ASP A 107 -5.51 7.19 3.91
C ASP A 107 -6.79 6.78 3.17
N VAL A 108 -6.90 5.49 2.84
CA VAL A 108 -8.05 4.94 2.10
C VAL A 108 -8.82 3.93 2.95
N GLY A 109 -8.84 4.13 4.27
CA GLY A 109 -9.54 3.21 5.17
C GLY A 109 -8.87 1.87 5.19
N ILE A 110 -7.55 1.87 5.12
CA ILE A 110 -6.79 0.62 5.18
C ILE A 110 -6.16 0.47 6.55
N ILE A 111 -6.67 -0.49 7.29
CA ILE A 111 -6.19 -0.79 8.62
C ILE A 111 -4.81 -1.43 8.56
N GLY A 112 -4.24 -1.76 9.73
CA GLY A 112 -2.94 -2.39 9.82
C GLY A 112 -2.98 -3.72 9.09
N LEU A 113 -2.34 -4.76 9.70
CA LEU A 113 -2.26 -6.14 9.15
C LEU A 113 -0.84 -6.42 8.68
N LYS A 114 -0.16 -5.38 8.25
CA LYS A 114 1.20 -5.53 7.78
C LYS A 114 2.10 -6.00 8.91
N ALA A 115 1.94 -5.40 10.09
CA ALA A 115 2.77 -5.76 11.25
C ALA A 115 2.98 -7.26 11.36
N ARG A 116 2.09 -8.01 10.71
CA ARG A 116 2.16 -9.46 10.70
C ARG A 116 3.36 -9.94 9.90
N VAL A 117 3.59 -9.33 8.72
CA VAL A 117 4.71 -9.73 7.87
C VAL A 117 6.04 -9.41 8.54
N LEU A 118 6.04 -8.42 9.41
CA LEU A 118 7.26 -7.99 10.06
C LEU A 118 7.83 -9.12 10.90
N GLU A 119 6.96 -9.86 11.57
CA GLU A 119 7.42 -10.95 12.40
C GLU A 119 8.06 -12.03 11.52
N GLU A 120 7.69 -12.07 10.25
CA GLU A 120 8.22 -13.08 9.36
C GLU A 120 9.74 -13.00 9.32
N SER A 121 10.26 -11.80 9.07
CA SER A 121 11.71 -11.61 9.01
C SER A 121 12.33 -11.80 10.38
N LYS A 122 11.57 -11.47 11.42
CA LYS A 122 12.06 -11.60 12.78
C LYS A 122 12.38 -13.05 13.10
N ASN A 123 11.53 -13.96 12.64
CA ASN A 123 11.73 -15.38 12.90
C ASN A 123 12.93 -15.90 12.14
N ASN A 124 12.96 -15.65 10.83
CA ASN A 124 14.07 -16.10 9.97
C ASN A 124 14.83 -14.91 9.38
N PRO A 125 16.13 -15.00 9.24
CA PRO A 125 16.97 -13.89 8.69
C PRO A 125 16.74 -13.71 7.19
N ILE A 126 16.21 -12.55 6.81
CA ILE A 126 15.96 -12.25 5.40
C ILE A 126 17.08 -11.40 4.83
N ASN A 127 18.04 -12.07 4.21
CA ASN A 127 19.19 -11.39 3.59
C ASN A 127 19.51 -12.02 2.25
N THR A 128 18.48 -12.41 1.50
CA THR A 128 18.66 -13.02 0.20
C THR A 128 17.48 -12.69 -0.72
N ALA A 129 17.77 -12.16 -1.90
CA ALA A 129 16.74 -11.81 -2.85
C ALA A 129 15.94 -13.04 -3.29
N GLU A 130 16.55 -14.21 -3.14
CA GLU A 130 15.88 -15.45 -3.55
C GLU A 130 14.66 -15.70 -2.66
N ARG A 131 14.91 -16.05 -1.41
CA ARG A 131 13.83 -16.33 -0.47
C ARG A 131 12.91 -15.13 -0.35
N LEU A 132 13.44 -13.97 -0.69
CA LEU A 132 12.66 -12.74 -0.57
C LEU A 132 11.36 -12.86 -1.36
N LEU A 133 11.45 -13.42 -2.56
CA LEU A 133 10.27 -13.56 -3.41
C LEU A 133 9.10 -14.11 -2.60
N ALA A 134 9.41 -14.75 -1.49
CA ALA A 134 8.39 -15.31 -0.63
C ALA A 134 7.62 -14.22 0.09
N ALA A 135 8.30 -13.13 0.43
CA ALA A 135 7.66 -12.02 1.13
C ALA A 135 6.60 -11.36 0.25
N LYS A 136 6.97 -11.01 -0.98
CA LYS A 136 6.03 -10.36 -1.89
C LYS A 136 4.82 -11.25 -2.10
N ALA A 137 5.07 -12.52 -2.37
CA ALA A 137 3.97 -13.46 -2.60
C ALA A 137 2.99 -13.47 -1.43
N GLN A 138 3.53 -13.40 -0.23
CA GLN A 138 2.69 -13.38 0.98
C GLN A 138 1.99 -12.04 1.13
N ILE A 139 2.72 -10.96 0.92
CA ILE A 139 2.13 -9.62 1.07
C ILE A 139 1.07 -9.38 0.00
N GLU A 140 1.38 -9.75 -1.23
CA GLU A 140 0.46 -9.57 -2.34
C GLU A 140 -0.87 -10.21 -2.02
N ASN A 141 -0.81 -11.43 -1.49
CA ASN A 141 -2.03 -12.15 -1.15
C ASN A 141 -2.93 -11.27 -0.28
N GLN A 142 -2.39 -10.85 0.87
CA GLN A 142 -3.17 -10.02 1.78
C GLN A 142 -3.88 -8.89 1.05
N LEU A 143 -3.17 -8.26 0.12
CA LEU A 143 -3.77 -7.16 -0.66
C LEU A 143 -4.88 -7.68 -1.55
N LYS A 144 -4.62 -8.78 -2.22
CA LYS A 144 -5.61 -9.38 -3.11
C LYS A 144 -6.78 -9.93 -2.32
N VAL A 145 -6.57 -10.15 -1.02
CA VAL A 145 -7.62 -10.70 -0.17
C VAL A 145 -8.55 -9.59 0.33
N VAL A 146 -7.98 -8.62 1.04
CA VAL A 146 -8.76 -7.53 1.59
C VAL A 146 -9.58 -6.84 0.51
N LYS A 147 -9.10 -6.95 -0.73
CA LYS A 147 -9.80 -6.34 -1.85
C LYS A 147 -11.18 -6.97 -2.01
N GLU A 148 -11.27 -8.28 -1.82
CA GLU A 148 -12.54 -8.98 -1.95
C GLU A 148 -13.48 -8.64 -0.78
N LYS A 149 -12.91 -8.43 0.39
CA LYS A 149 -13.69 -8.12 1.58
C LYS A 149 -14.41 -6.78 1.40
N GLN A 150 -14.05 -6.04 0.36
CA GLN A 150 -14.67 -4.75 0.09
C GLN A 150 -15.89 -4.91 -0.80
N ASN A 151 -16.06 -6.11 -1.35
CA ASN A 151 -17.21 -6.41 -2.23
C ASN A 151 -18.18 -7.36 -1.55
N ILE A 152 -18.10 -7.44 -0.22
CA ILE A 152 -18.98 -8.32 0.56
C ILE A 152 -19.51 -7.61 1.81
N GLU A 153 -18.81 -6.56 2.24
CA GLU A 153 -19.22 -5.82 3.41
C GLU A 153 -19.59 -6.77 4.55
N ASN A 154 -18.58 -7.37 5.17
CA ASN A 154 -18.83 -8.31 6.26
C ASN A 154 -19.45 -7.58 7.45
N GLY A 155 -20.74 -7.83 7.68
CA GLY A 155 -21.44 -7.20 8.78
C GLY A 155 -21.55 -5.69 8.56
N GLY A 156 -21.62 -5.27 7.30
CA GLY A 156 -21.74 -3.87 6.97
C GLY A 156 -20.43 -3.13 7.28
N GLU A 157 -19.43 -3.30 6.42
CA GLU A 157 -18.14 -2.66 6.61
C GLU A 157 -18.23 -1.16 6.28
N LYS A 158 -18.99 -0.44 7.10
CA LYS A 158 -19.15 1.00 6.89
C LYS A 158 -17.82 1.72 7.05
N LYS A 159 -17.07 1.32 8.06
CA LYS A 159 -15.76 1.94 8.32
C LYS A 159 -15.92 3.43 8.62
N ASN A 160 -14.89 4.19 8.29
CA ASN A 160 -14.89 5.63 8.50
C ASN A 160 -15.15 5.94 9.96
N ASN A 161 -14.74 5.02 10.84
CA ASN A 161 -14.94 5.20 12.29
C ASN A 161 -13.63 5.59 12.97
N LYS A 162 -12.56 5.67 12.17
CA LYS A 162 -11.24 6.03 12.70
C LYS A 162 -11.01 7.53 12.55
N SER A 163 -12.10 8.28 12.48
CA SER A 163 -12.01 9.72 12.34
C SER A 163 -11.28 10.33 13.54
N LYS A 164 -11.22 9.58 14.64
CA LYS A 164 -10.54 10.05 15.84
C LYS A 164 -9.04 10.14 15.61
N LYS A 165 -8.45 11.28 15.96
CA LYS A 165 -7.03 11.49 15.78
C LYS A 165 -6.61 11.23 14.34
N LYS A 166 -6.93 12.18 13.46
CA LYS A 166 -6.58 12.05 12.05
C LYS A 166 -6.82 13.37 11.32
N LYS A 167 -5.74 14.12 11.12
CA LYS A 167 -5.84 15.41 10.43
C LYS A 167 -6.88 16.30 11.11
N SER A 1 35.05 12.48 -15.69
CA SER A 1 34.42 13.80 -16.00
C SER A 1 32.98 13.58 -16.45
N SER A 2 32.30 12.65 -15.79
CA SER A 2 30.91 12.35 -16.13
C SER A 2 30.18 11.78 -14.92
N ILE A 3 28.86 12.01 -14.87
CA ILE A 3 28.06 11.51 -13.77
C ILE A 3 28.01 9.99 -13.78
N GLY A 4 27.96 9.43 -14.98
CA GLY A 4 27.89 7.98 -15.14
C GLY A 4 26.46 7.48 -14.99
N LEU A 5 25.54 8.12 -15.72
CA LEU A 5 24.13 7.73 -15.66
C LEU A 5 23.63 7.77 -14.23
N VAL A 6 22.40 7.30 -14.03
CA VAL A 6 21.80 7.28 -12.69
C VAL A 6 21.55 5.85 -12.23
N GLU A 7 22.39 4.93 -12.69
CA GLU A 7 22.26 3.53 -12.32
C GLU A 7 22.34 3.37 -10.81
N ARG A 8 23.07 4.27 -10.17
CA ARG A 8 23.23 4.22 -8.70
C ARG A 8 22.17 5.06 -8.02
N THR A 9 21.95 4.79 -6.74
CA THR A 9 20.94 5.54 -5.97
C THR A 9 19.55 5.27 -6.50
N ASN A 10 19.28 5.74 -7.71
CA ASN A 10 17.98 5.54 -8.33
C ASN A 10 17.75 4.07 -8.67
N ALA A 11 18.59 3.21 -8.11
CA ALA A 11 18.48 1.78 -8.36
C ALA A 11 17.28 1.20 -7.61
N ALA A 12 17.22 1.46 -6.31
CA ALA A 12 16.13 0.96 -5.49
C ALA A 12 14.84 1.71 -5.80
N LEU A 13 14.92 2.63 -6.76
CA LEU A 13 13.74 3.42 -7.13
C LEU A 13 13.18 4.15 -5.92
N GLU A 14 14.07 4.61 -5.06
CA GLU A 14 13.64 5.33 -3.87
C GLU A 14 12.96 6.64 -4.23
N SER A 15 13.50 7.30 -5.25
CA SER A 15 12.94 8.58 -5.69
C SER A 15 11.56 8.38 -6.30
N SER A 16 11.43 7.36 -7.14
CA SER A 16 10.16 7.07 -7.79
C SER A 16 9.15 6.52 -6.80
N SER A 17 9.65 5.77 -5.82
CA SER A 17 8.77 5.17 -4.81
C SER A 17 7.96 6.24 -4.10
N LYS A 18 8.60 7.37 -3.82
CA LYS A 18 7.91 8.47 -3.14
C LYS A 18 6.56 8.76 -3.79
N ASP A 19 6.45 8.43 -5.06
CA ASP A 19 5.21 8.67 -5.79
C ASP A 19 4.07 7.87 -5.19
N LEU A 20 4.24 6.55 -5.14
CA LEU A 20 3.19 5.68 -4.62
C LEU A 20 2.56 6.28 -3.37
N LYS A 21 3.37 6.83 -2.51
CA LYS A 21 2.87 7.42 -1.28
C LYS A 21 1.87 8.52 -1.57
N ASN A 22 2.26 9.46 -2.41
CA ASN A 22 1.39 10.60 -2.74
C ASN A 22 0.44 10.24 -3.88
N LYS A 23 0.79 9.21 -4.62
CA LYS A 23 -0.02 8.81 -5.77
C LYS A 23 -1.50 8.85 -5.44
N ILE A 24 -1.84 8.52 -4.22
CA ILE A 24 -3.22 8.50 -3.80
C ILE A 24 -3.86 9.86 -4.01
N LEU A 25 -3.10 10.92 -3.74
CA LEU A 25 -3.64 12.27 -3.86
C LEU A 25 -4.59 12.37 -5.08
N LYS A 26 -4.33 11.53 -6.09
CA LYS A 26 -5.14 11.53 -7.29
C LYS A 26 -6.41 10.76 -7.05
N ILE A 27 -6.29 9.60 -6.42
CA ILE A 27 -7.45 8.76 -6.12
C ILE A 27 -8.43 9.50 -5.24
N LYS A 28 -7.95 10.53 -4.56
CA LYS A 28 -8.81 11.33 -3.69
C LYS A 28 -9.64 12.32 -4.48
N LYS A 29 -9.04 12.90 -5.51
CA LYS A 29 -9.73 13.89 -6.33
C LYS A 29 -11.00 13.30 -6.91
N GLU A 30 -10.95 12.02 -7.26
CA GLU A 30 -12.11 11.37 -7.83
C GLU A 30 -13.34 11.54 -6.95
N ALA A 31 -13.30 10.94 -5.77
CA ALA A 31 -14.42 11.03 -4.84
C ALA A 31 -14.73 12.49 -4.52
N THR A 32 -13.69 13.32 -4.48
CA THR A 32 -13.86 14.72 -4.17
C THR A 32 -14.77 15.40 -5.19
N GLY A 33 -14.48 15.18 -6.47
CA GLY A 33 -15.27 15.78 -7.54
C GLY A 33 -16.74 15.43 -7.39
N LYS A 34 -17.01 14.31 -6.72
CA LYS A 34 -18.39 13.86 -6.53
C LYS A 34 -19.04 14.61 -5.36
N GLY A 35 -18.40 15.69 -4.94
CA GLY A 35 -18.93 16.49 -3.85
C GLY A 35 -18.77 15.78 -2.51
N VAL A 36 -17.66 15.06 -2.37
CA VAL A 36 -17.39 14.33 -1.13
C VAL A 36 -16.50 15.15 -0.22
N LEU A 37 -16.75 15.08 1.09
CA LEU A 37 -15.96 15.84 2.06
C LEU A 37 -15.22 14.89 2.99
N PHE A 38 -13.92 15.10 3.12
CA PHE A 38 -13.09 14.26 3.99
C PHE A 38 -13.01 14.85 5.39
N GLU A 39 -13.78 15.91 5.63
CA GLU A 39 -13.78 16.57 6.93
C GLU A 39 -14.36 15.64 7.99
N ALA A 40 -15.46 14.98 7.66
CA ALA A 40 -16.11 14.06 8.60
C ALA A 40 -16.52 12.79 7.88
N PHE A 41 -17.17 12.93 6.73
CA PHE A 41 -17.63 11.78 5.96
C PHE A 41 -18.69 10.99 6.73
N THR A 42 -18.66 11.11 8.06
CA THR A 42 -19.62 10.41 8.90
C THR A 42 -19.89 11.21 10.17
N GLY A 43 -21.08 11.02 10.73
CA GLY A 43 -21.46 11.74 11.95
C GLY A 43 -22.25 12.99 11.62
N LEU A 44 -22.14 13.46 10.38
CA LEU A 44 -22.85 14.66 9.94
C LEU A 44 -24.30 14.30 9.59
N LYS A 45 -24.88 15.08 8.66
CA LYS A 45 -26.24 14.83 8.21
C LYS A 45 -26.27 13.61 7.30
N THR A 46 -25.58 12.55 7.70
CA THR A 46 -25.54 11.32 6.91
C THR A 46 -26.94 10.94 6.41
N GLY A 47 -27.95 11.48 7.07
CA GLY A 47 -29.33 11.21 6.68
C GLY A 47 -29.62 11.72 5.28
N SER A 48 -29.28 12.98 5.03
CA SER A 48 -29.51 13.58 3.71
C SER A 48 -28.56 12.97 2.68
N LYS A 49 -27.35 12.66 3.13
CA LYS A 49 -26.35 12.09 2.23
C LYS A 49 -26.79 10.73 1.73
N VAL A 50 -27.77 10.13 2.42
CA VAL A 50 -28.29 8.82 2.04
C VAL A 50 -27.20 7.95 1.42
N THR A 51 -25.99 8.09 1.94
CA THR A 51 -24.84 7.34 1.42
C THR A 51 -24.79 7.43 -0.09
N SER A 52 -24.67 8.66 -0.61
CA SER A 52 -24.61 8.87 -2.06
C SER A 52 -23.17 8.75 -2.54
N GLY A 53 -22.27 9.51 -1.91
CA GLY A 53 -20.86 9.48 -2.30
C GLY A 53 -20.16 8.26 -1.71
N GLY A 54 -20.86 7.54 -0.85
CA GLY A 54 -20.29 6.35 -0.23
C GLY A 54 -19.83 5.35 -1.28
N LEU A 55 -20.72 5.04 -2.22
CA LEU A 55 -20.38 4.08 -3.27
C LEU A 55 -19.24 4.63 -4.14
N ALA A 56 -19.32 5.91 -4.48
CA ALA A 56 -18.30 6.54 -5.30
C ALA A 56 -16.96 6.53 -4.56
N LEU A 57 -17.00 6.74 -3.25
CA LEU A 57 -15.79 6.74 -2.46
C LEU A 57 -15.34 5.31 -2.15
N ARG A 58 -16.25 4.36 -2.31
CA ARG A 58 -15.94 2.96 -2.05
C ARG A 58 -15.02 2.41 -3.14
N GLU A 59 -15.36 2.68 -4.39
CA GLU A 59 -14.56 2.22 -5.52
C GLU A 59 -13.21 2.92 -5.53
N ALA A 60 -13.12 4.03 -4.80
CA ALA A 60 -11.86 4.78 -4.75
C ALA A 60 -10.80 4.01 -3.96
N LYS A 61 -11.20 3.44 -2.84
CA LYS A 61 -10.28 2.67 -2.02
C LYS A 61 -9.72 1.49 -2.80
N VAL A 62 -10.48 1.04 -3.79
CA VAL A 62 -10.06 -0.08 -4.63
C VAL A 62 -9.13 0.39 -5.74
N GLN A 63 -9.49 1.51 -6.36
CA GLN A 63 -8.68 2.05 -7.45
C GLN A 63 -7.21 2.14 -7.04
N ALA A 64 -6.97 2.23 -5.74
CA ALA A 64 -5.61 2.32 -5.24
C ALA A 64 -4.87 1.01 -5.50
N ILE A 65 -5.27 -0.05 -4.81
CA ILE A 65 -4.62 -1.35 -4.97
C ILE A 65 -4.30 -1.61 -6.43
N VAL A 66 -5.26 -1.34 -7.30
CA VAL A 66 -5.06 -1.53 -8.74
C VAL A 66 -3.75 -0.89 -9.19
N GLU A 67 -3.49 0.31 -8.68
CA GLU A 67 -2.26 1.02 -9.04
C GLU A 67 -1.05 0.38 -8.37
N THR A 68 -1.25 -0.10 -7.14
CA THR A 68 -0.15 -0.73 -6.40
C THR A 68 0.30 -2.00 -7.09
N GLY A 69 -0.63 -2.88 -7.40
CA GLY A 69 -0.32 -4.13 -8.07
C GLY A 69 0.57 -3.89 -9.29
N LYS A 70 0.35 -2.76 -9.96
CA LYS A 70 1.14 -2.40 -11.14
C LYS A 70 2.56 -2.00 -10.74
N PHE A 71 2.65 -1.19 -9.69
CA PHE A 71 3.96 -0.73 -9.21
C PHE A 71 4.73 -1.88 -8.56
N LEU A 72 3.99 -2.83 -8.01
CA LEU A 72 4.61 -3.96 -7.35
C LEU A 72 5.37 -4.82 -8.35
N LYS A 73 4.91 -4.82 -9.59
CA LYS A 73 5.53 -5.61 -10.63
C LYS A 73 6.84 -4.97 -11.07
N ILE A 74 7.00 -3.70 -10.75
CA ILE A 74 8.22 -2.96 -11.12
C ILE A 74 9.33 -3.23 -10.11
N ILE A 75 8.98 -3.24 -8.83
CA ILE A 75 9.97 -3.47 -7.79
C ILE A 75 10.51 -4.89 -7.86
N GLU A 76 9.71 -5.79 -8.43
CA GLU A 76 10.12 -7.18 -8.56
C GLU A 76 11.32 -7.30 -9.50
N GLU A 77 11.31 -6.50 -10.55
CA GLU A 77 12.40 -6.52 -11.53
C GLU A 77 13.69 -6.01 -10.90
N GLU A 78 13.56 -5.44 -9.69
CA GLU A 78 14.74 -4.92 -8.99
C GLU A 78 15.40 -6.00 -8.16
N ALA A 79 14.62 -6.66 -7.31
CA ALA A 79 15.13 -7.71 -6.45
C ALA A 79 15.78 -8.80 -7.28
N LEU A 80 15.14 -9.13 -8.40
CA LEU A 80 15.66 -10.17 -9.28
C LEU A 80 16.97 -9.72 -9.93
N LYS A 81 17.16 -8.43 -10.00
CA LYS A 81 18.35 -7.89 -10.62
C LYS A 81 19.47 -7.73 -9.60
N LEU A 82 19.11 -7.76 -8.32
CA LEU A 82 20.09 -7.63 -7.25
C LEU A 82 20.49 -8.99 -6.69
N LYS A 83 19.87 -10.04 -7.23
CA LYS A 83 20.16 -11.38 -6.77
C LYS A 83 21.62 -11.73 -7.03
N GLU A 84 22.26 -10.98 -7.92
CA GLU A 84 23.66 -11.23 -8.27
C GLU A 84 24.58 -10.72 -7.17
N THR A 85 24.30 -9.51 -6.68
CA THR A 85 25.13 -8.92 -5.62
C THR A 85 24.76 -9.51 -4.26
N GLY A 86 23.47 -9.57 -3.97
CA GLY A 86 23.01 -10.13 -2.70
C GLY A 86 23.38 -9.21 -1.54
N ASN A 87 23.49 -7.91 -1.83
CA ASN A 87 23.83 -6.94 -0.80
C ASN A 87 22.67 -6.73 0.15
N SER A 88 22.72 -7.41 1.30
CA SER A 88 21.65 -7.31 2.29
C SER A 88 21.29 -5.84 2.54
N GLY A 89 22.30 -4.99 2.62
CA GLY A 89 22.06 -3.58 2.85
C GLY A 89 21.13 -3.00 1.79
N GLN A 90 21.35 -3.38 0.54
CA GLN A 90 20.52 -2.88 -0.55
C GLN A 90 19.08 -3.39 -0.38
N PHE A 91 18.94 -4.64 0.04
CA PHE A 91 17.63 -5.23 0.24
C PHE A 91 16.98 -4.63 1.48
N LEU A 92 17.79 -4.30 2.48
CA LEU A 92 17.27 -3.74 3.71
C LEU A 92 16.32 -2.57 3.42
N ALA A 93 16.79 -1.64 2.60
CA ALA A 93 15.97 -0.49 2.23
C ALA A 93 14.69 -0.96 1.54
N MET A 94 14.81 -2.02 0.75
CA MET A 94 13.64 -2.57 0.05
C MET A 94 12.61 -3.05 1.05
N PHE A 95 13.07 -3.68 2.13
CA PHE A 95 12.15 -4.19 3.15
C PHE A 95 11.29 -3.06 3.69
N ASP A 96 11.92 -1.94 4.00
CA ASP A 96 11.20 -0.78 4.53
C ASP A 96 10.40 -0.11 3.42
N LEU A 97 10.73 -0.43 2.18
CA LEU A 97 10.04 0.16 1.03
C LEU A 97 8.71 -0.55 0.76
N MET A 98 8.79 -1.85 0.48
CA MET A 98 7.60 -2.61 0.17
C MET A 98 6.55 -2.46 1.26
N LEU A 99 7.00 -2.08 2.44
CA LEU A 99 6.10 -1.89 3.58
C LEU A 99 5.55 -0.47 3.60
N GLU A 100 6.33 0.47 3.09
CA GLU A 100 5.93 1.87 3.09
C GLU A 100 4.77 2.10 2.12
N VAL A 101 4.85 1.49 0.95
CA VAL A 101 3.82 1.68 -0.06
C VAL A 101 2.45 1.34 0.50
N VAL A 102 2.36 0.25 1.23
CA VAL A 102 1.11 -0.19 1.84
C VAL A 102 0.80 0.64 3.09
N GLU A 103 1.77 1.44 3.51
CA GLU A 103 1.61 2.25 4.71
C GLU A 103 0.89 3.56 4.41
N SER A 104 1.17 4.14 3.25
CA SER A 104 0.56 5.40 2.86
C SER A 104 -0.94 5.23 2.61
N LEU A 105 -1.33 4.02 2.23
CA LEU A 105 -2.73 3.74 1.95
C LEU A 105 -3.60 4.05 3.16
N GLU A 106 -2.96 4.35 4.27
CA GLU A 106 -3.69 4.67 5.49
C GLU A 106 -4.54 5.93 5.29
N ASP A 107 -4.23 6.68 4.26
CA ASP A 107 -4.95 7.93 3.98
C ASP A 107 -6.35 7.62 3.46
N VAL A 108 -6.60 6.37 3.14
CA VAL A 108 -7.90 5.95 2.60
C VAL A 108 -8.56 4.94 3.52
N GLY A 109 -8.29 5.04 4.81
CA GLY A 109 -8.87 4.13 5.77
C GLY A 109 -8.56 2.69 5.42
N ILE A 110 -7.35 2.45 4.92
CA ILE A 110 -6.94 1.10 4.54
C ILE A 110 -5.96 0.55 5.57
N ILE A 111 -6.15 -0.71 5.94
CA ILE A 111 -5.27 -1.35 6.94
C ILE A 111 -4.79 -2.69 6.42
N GLY A 112 -4.13 -3.45 7.29
CA GLY A 112 -3.63 -4.76 6.92
C GLY A 112 -2.98 -5.45 8.12
N LEU A 113 -2.49 -6.65 7.90
CA LEU A 113 -1.85 -7.43 8.98
C LEU A 113 -0.33 -7.39 8.81
N LYS A 114 0.21 -6.22 8.57
CA LYS A 114 1.65 -6.09 8.37
C LYS A 114 2.40 -6.58 9.61
N ALA A 115 2.01 -6.09 10.77
CA ALA A 115 2.66 -6.49 12.01
C ALA A 115 2.95 -7.99 12.03
N ARG A 116 2.17 -8.74 11.26
CA ARG A 116 2.34 -10.18 11.20
C ARG A 116 3.46 -10.57 10.25
N VAL A 117 3.62 -9.80 9.17
CA VAL A 117 4.64 -10.10 8.19
C VAL A 117 6.03 -9.82 8.75
N LEU A 118 6.10 -8.92 9.71
CA LEU A 118 7.37 -8.53 10.31
C LEU A 118 7.92 -9.69 11.11
N GLU A 119 7.04 -10.46 11.74
CA GLU A 119 7.47 -11.58 12.55
C GLU A 119 8.42 -12.50 11.79
N GLU A 120 8.25 -12.53 10.48
CA GLU A 120 9.09 -13.39 9.66
C GLU A 120 10.56 -13.01 9.78
N SER A 121 10.89 -11.80 9.36
CA SER A 121 12.27 -11.33 9.43
C SER A 121 12.76 -11.28 10.86
N LYS A 122 11.89 -10.84 11.77
CA LYS A 122 12.25 -10.72 13.17
C LYS A 122 12.67 -12.06 13.73
N ASN A 123 12.00 -13.12 13.27
CA ASN A 123 12.33 -14.47 13.75
C ASN A 123 13.66 -14.93 13.17
N ASN A 124 13.81 -14.80 11.84
CA ASN A 124 15.04 -15.21 11.17
C ASN A 124 15.62 -14.04 10.37
N PRO A 125 16.69 -13.43 10.87
CA PRO A 125 17.34 -12.28 10.19
C PRO A 125 17.47 -12.50 8.69
N ILE A 126 16.70 -11.75 7.91
CA ILE A 126 16.74 -11.90 6.47
C ILE A 126 17.91 -11.11 5.88
N ASN A 127 18.61 -11.71 4.93
CA ASN A 127 19.72 -11.04 4.29
C ASN A 127 20.17 -11.81 3.06
N THR A 128 19.22 -12.44 2.38
CA THR A 128 19.52 -13.22 1.19
C THR A 128 18.49 -12.95 0.10
N ALA A 129 18.90 -12.27 -0.96
CA ALA A 129 18.01 -11.96 -2.07
C ALA A 129 17.06 -13.13 -2.35
N GLU A 130 17.49 -14.34 -2.01
CA GLU A 130 16.68 -15.53 -2.21
C GLU A 130 15.45 -15.49 -1.31
N ARG A 131 15.63 -15.12 -0.04
CA ARG A 131 14.54 -15.05 0.90
C ARG A 131 13.62 -13.88 0.57
N LEU A 132 14.21 -12.77 0.17
CA LEU A 132 13.43 -11.58 -0.15
C LEU A 132 12.38 -11.88 -1.20
N LEU A 133 12.71 -12.76 -2.12
CA LEU A 133 11.79 -13.13 -3.16
C LEU A 133 10.55 -13.80 -2.56
N ALA A 134 10.76 -14.59 -1.53
CA ALA A 134 9.66 -15.28 -0.87
C ALA A 134 8.76 -14.28 -0.15
N ALA A 135 9.34 -13.16 0.27
CA ALA A 135 8.58 -12.14 0.98
C ALA A 135 7.48 -11.56 0.08
N LYS A 136 7.87 -11.14 -1.13
CA LYS A 136 6.92 -10.57 -2.06
C LYS A 136 5.74 -11.53 -2.27
N ALA A 137 6.06 -12.80 -2.43
CA ALA A 137 5.03 -13.82 -2.66
C ALA A 137 3.93 -13.70 -1.60
N GLN A 138 4.34 -13.40 -0.37
CA GLN A 138 3.38 -13.26 0.73
C GLN A 138 2.59 -11.96 0.58
N ILE A 139 3.27 -10.90 0.19
CA ILE A 139 2.62 -9.61 0.03
C ILE A 139 1.58 -9.66 -1.08
N GLU A 140 1.95 -10.27 -2.20
CA GLU A 140 1.02 -10.38 -3.32
C GLU A 140 -0.28 -11.03 -2.88
N ASN A 141 -0.18 -12.10 -2.09
CA ASN A 141 -1.38 -12.79 -1.62
C ASN A 141 -2.21 -11.85 -0.77
N GLN A 142 -1.65 -11.39 0.34
CA GLN A 142 -2.38 -10.48 1.23
C GLN A 142 -3.10 -9.41 0.42
N LEU A 143 -2.41 -8.81 -0.52
CA LEU A 143 -3.00 -7.78 -1.34
C LEU A 143 -4.32 -8.24 -1.94
N LYS A 144 -4.29 -9.37 -2.65
CA LYS A 144 -5.49 -9.93 -3.25
C LYS A 144 -6.61 -9.99 -2.21
N VAL A 145 -6.37 -10.74 -1.13
CA VAL A 145 -7.37 -10.87 -0.07
C VAL A 145 -8.00 -9.52 0.27
N VAL A 146 -7.16 -8.52 0.49
CA VAL A 146 -7.66 -7.19 0.82
C VAL A 146 -8.64 -6.71 -0.24
N LYS A 147 -8.27 -6.88 -1.50
CA LYS A 147 -9.13 -6.46 -2.59
C LYS A 147 -10.45 -7.20 -2.54
N GLU A 148 -10.41 -8.44 -2.08
CA GLU A 148 -11.62 -9.25 -1.98
C GLU A 148 -12.54 -8.73 -0.89
N LYS A 149 -11.95 -8.22 0.18
CA LYS A 149 -12.72 -7.70 1.29
C LYS A 149 -13.64 -6.59 0.84
N GLN A 150 -13.52 -6.20 -0.40
CA GLN A 150 -14.34 -5.11 -0.95
C GLN A 150 -15.48 -5.67 -1.76
N ASN A 151 -15.47 -6.99 -1.97
CA ASN A 151 -16.53 -7.65 -2.75
C ASN A 151 -17.42 -8.50 -1.84
N ILE A 152 -17.20 -8.40 -0.55
CA ILE A 152 -17.98 -9.17 0.41
C ILE A 152 -19.46 -8.92 0.21
N GLU A 153 -19.83 -7.65 0.02
CA GLU A 153 -21.23 -7.30 -0.17
C GLU A 153 -22.10 -7.87 0.93
N ASN A 154 -21.63 -7.73 2.18
CA ASN A 154 -22.38 -8.25 3.32
C ASN A 154 -23.65 -7.43 3.53
N GLY A 155 -23.61 -6.16 3.12
CA GLY A 155 -24.76 -5.29 3.28
C GLY A 155 -24.36 -3.83 3.13
N GLY A 156 -23.09 -3.53 3.40
CA GLY A 156 -22.59 -2.17 3.29
C GLY A 156 -21.10 -2.12 3.52
N GLU A 157 -20.58 -3.13 4.21
CA GLU A 157 -19.14 -3.19 4.50
C GLU A 157 -18.70 -1.93 5.23
N LYS A 158 -18.21 -0.94 4.47
CA LYS A 158 -17.74 0.30 5.05
C LYS A 158 -16.82 0.03 6.23
N LYS A 159 -15.54 -0.18 5.95
CA LYS A 159 -14.57 -0.45 6.99
C LYS A 159 -14.19 0.83 7.71
N ASN A 160 -13.60 0.70 8.89
CA ASN A 160 -13.19 1.86 9.68
C ASN A 160 -14.38 2.76 9.95
N ASN A 161 -15.53 2.16 10.22
CA ASN A 161 -16.74 2.93 10.51
C ASN A 161 -16.62 3.65 11.85
N LYS A 162 -15.60 3.28 12.62
CA LYS A 162 -15.38 3.90 13.92
C LYS A 162 -14.98 5.35 13.77
N SER A 163 -14.63 5.73 12.54
CA SER A 163 -14.22 7.12 12.27
C SER A 163 -12.99 7.47 13.09
N LYS A 164 -11.95 7.95 12.41
CA LYS A 164 -10.71 8.34 13.08
C LYS A 164 -10.91 9.64 13.84
N LYS A 165 -10.04 9.90 14.80
CA LYS A 165 -10.11 11.12 15.60
C LYS A 165 -8.75 11.47 16.20
N LYS A 166 -7.69 11.12 15.47
CA LYS A 166 -6.34 11.39 15.94
C LYS A 166 -6.09 12.90 16.01
N LYS A 167 -6.71 13.63 15.11
CA LYS A 167 -6.55 15.08 15.08
C LYS A 167 -7.10 15.71 16.36
N SER A 1 25.64 19.39 -0.94
CA SER A 1 24.79 19.08 0.23
C SER A 1 24.39 17.61 0.19
N SER A 2 23.81 17.18 -0.92
CA SER A 2 23.38 15.80 -1.07
C SER A 2 24.58 14.86 -1.06
N ILE A 3 24.46 13.77 -0.32
CA ILE A 3 25.54 12.80 -0.24
C ILE A 3 25.05 11.49 0.39
N GLY A 4 25.55 10.37 -0.11
CA GLY A 4 25.18 9.06 0.41
C GLY A 4 23.81 8.65 -0.12
N LEU A 5 22.98 9.64 -0.43
CA LEU A 5 21.64 9.37 -0.94
C LEU A 5 21.71 8.65 -2.28
N VAL A 6 22.56 9.15 -3.16
CA VAL A 6 22.72 8.55 -4.48
C VAL A 6 24.17 8.65 -4.93
N GLU A 7 24.58 7.72 -5.80
CA GLU A 7 25.95 7.68 -6.31
C GLU A 7 25.94 7.41 -7.81
N ARG A 8 26.00 6.15 -8.18
CA ARG A 8 26.02 5.78 -9.59
C ARG A 8 24.67 6.04 -10.24
N THR A 9 23.62 5.55 -9.60
CA THR A 9 22.27 5.74 -10.13
C THR A 9 21.23 5.39 -9.07
N ASN A 10 20.07 6.02 -9.16
CA ASN A 10 18.99 5.78 -8.20
C ASN A 10 18.28 4.47 -8.54
N ALA A 11 18.99 3.56 -9.21
CA ALA A 11 18.41 2.28 -9.59
C ALA A 11 17.59 1.68 -8.44
N ALA A 12 18.08 1.87 -7.22
CA ALA A 12 17.39 1.37 -6.04
C ALA A 12 15.90 1.70 -6.10
N LEU A 13 15.55 2.67 -6.93
CA LEU A 13 14.16 3.07 -7.09
C LEU A 13 13.54 3.40 -5.74
N GLU A 14 14.39 3.56 -4.75
CA GLU A 14 13.90 3.88 -3.41
C GLU A 14 13.07 5.15 -3.43
N SER A 15 13.60 6.21 -4.04
CA SER A 15 12.90 7.47 -4.11
C SER A 15 11.73 7.37 -5.06
N SER A 16 11.90 6.60 -6.14
CA SER A 16 10.85 6.44 -7.14
C SER A 16 9.52 6.04 -6.48
N SER A 17 9.61 5.51 -5.26
CA SER A 17 8.43 5.08 -4.54
C SER A 17 7.46 6.23 -4.36
N LYS A 18 7.98 7.44 -4.44
CA LYS A 18 7.16 8.64 -4.31
C LYS A 18 6.07 8.67 -5.38
N ASP A 19 6.27 7.88 -6.43
CA ASP A 19 5.31 7.85 -7.52
C ASP A 19 3.94 7.39 -7.04
N LEU A 20 3.91 6.28 -6.30
CA LEU A 20 2.66 5.74 -5.83
C LEU A 20 1.93 6.78 -4.97
N LYS A 21 2.58 7.21 -3.90
CA LYS A 21 1.97 8.19 -3.01
C LYS A 21 1.60 9.44 -3.78
N ASN A 22 2.42 9.77 -4.77
CA ASN A 22 2.18 10.94 -5.60
C ASN A 22 1.04 10.65 -6.57
N LYS A 23 0.73 9.37 -6.76
CA LYS A 23 -0.32 8.97 -7.69
C LYS A 23 -1.67 9.10 -7.03
N ILE A 24 -1.91 8.30 -6.00
CA ILE A 24 -3.19 8.32 -5.29
C ILE A 24 -3.68 9.74 -5.11
N LEU A 25 -2.76 10.70 -5.15
CA LEU A 25 -3.12 12.09 -5.00
C LEU A 25 -4.33 12.40 -5.89
N LYS A 26 -4.36 11.82 -7.09
CA LYS A 26 -5.43 12.09 -8.01
C LYS A 26 -6.68 11.37 -7.57
N ILE A 27 -6.53 10.08 -7.28
CA ILE A 27 -7.66 9.27 -6.85
C ILE A 27 -8.47 10.01 -5.78
N LYS A 28 -7.78 10.83 -5.02
CA LYS A 28 -8.45 11.61 -3.98
C LYS A 28 -9.25 12.76 -4.58
N LYS A 29 -8.73 13.35 -5.65
CA LYS A 29 -9.39 14.49 -6.29
C LYS A 29 -10.74 14.07 -6.85
N GLU A 30 -10.78 12.90 -7.46
CA GLU A 30 -12.02 12.39 -8.05
C GLU A 30 -13.18 12.47 -7.07
N ALA A 31 -13.09 11.66 -6.01
CA ALA A 31 -14.14 11.64 -4.99
C ALA A 31 -14.42 13.05 -4.49
N THR A 32 -13.36 13.80 -4.21
CA THR A 32 -13.51 15.15 -3.71
C THR A 32 -14.27 16.02 -4.71
N GLY A 33 -13.86 16.00 -5.96
CA GLY A 33 -14.50 16.79 -7.00
C GLY A 33 -15.91 16.30 -7.25
N LYS A 34 -16.30 15.24 -6.55
CA LYS A 34 -17.64 14.66 -6.71
C LYS A 34 -18.58 15.20 -5.64
N GLY A 35 -18.15 16.24 -4.94
CA GLY A 35 -18.97 16.84 -3.89
C GLY A 35 -18.89 16.04 -2.61
N VAL A 36 -17.75 15.38 -2.38
CA VAL A 36 -17.56 14.57 -1.18
C VAL A 36 -16.89 15.42 -0.09
N LEU A 37 -17.43 15.33 1.12
CA LEU A 37 -16.89 16.07 2.25
C LEU A 37 -15.54 15.51 2.66
N PHE A 38 -14.64 16.40 3.04
CA PHE A 38 -13.30 15.99 3.43
C PHE A 38 -13.35 15.13 4.69
N GLU A 39 -14.17 15.53 5.65
CA GLU A 39 -14.30 14.79 6.90
C GLU A 39 -14.98 13.45 6.67
N ALA A 40 -15.25 13.14 5.41
CA ALA A 40 -15.92 11.88 5.06
C ALA A 40 -15.08 10.70 5.56
N PHE A 41 -13.78 10.92 5.73
CA PHE A 41 -12.90 9.86 6.20
C PHE A 41 -13.32 9.37 7.58
N THR A 42 -12.43 8.64 8.24
CA THR A 42 -12.72 8.11 9.56
C THR A 42 -12.95 9.25 10.54
N GLY A 43 -14.07 9.19 11.27
CA GLY A 43 -14.39 10.23 12.27
C GLY A 43 -15.89 10.35 12.45
N LEU A 44 -16.58 10.72 11.38
CA LEU A 44 -18.04 10.86 11.41
C LEU A 44 -18.69 9.49 11.44
N LYS A 45 -17.95 8.47 11.84
CA LYS A 45 -18.48 7.11 11.87
C LYS A 45 -18.75 6.62 10.46
N THR A 46 -17.75 6.77 9.58
CA THR A 46 -17.91 6.33 8.21
C THR A 46 -18.31 4.86 8.15
N GLY A 47 -18.28 4.21 9.28
CA GLY A 47 -18.62 2.79 9.35
C GLY A 47 -20.04 2.55 8.86
N SER A 48 -21.01 3.23 9.48
CA SER A 48 -22.42 3.09 9.12
C SER A 48 -23.04 4.45 8.82
N LYS A 49 -22.21 5.50 8.88
CA LYS A 49 -22.68 6.86 8.62
C LYS A 49 -21.88 7.52 7.51
N VAL A 50 -21.49 6.74 6.54
CA VAL A 50 -20.73 7.27 5.42
C VAL A 50 -21.52 8.39 4.73
N THR A 51 -22.56 8.01 3.99
CA THR A 51 -23.39 8.95 3.27
C THR A 51 -22.54 9.80 2.31
N SER A 52 -21.78 10.73 2.87
CA SER A 52 -20.96 11.61 2.07
C SER A 52 -20.08 10.83 1.11
N GLY A 53 -19.40 9.81 1.63
CA GLY A 53 -18.53 8.99 0.80
C GLY A 53 -19.31 8.35 -0.34
N GLY A 54 -20.46 7.78 -0.02
CA GLY A 54 -21.30 7.14 -1.02
C GLY A 54 -20.54 6.01 -1.69
N LEU A 55 -21.18 5.35 -2.64
CA LEU A 55 -20.57 4.24 -3.35
C LEU A 55 -19.41 4.73 -4.21
N ALA A 56 -19.51 5.95 -4.69
CA ALA A 56 -18.48 6.50 -5.54
C ALA A 56 -17.13 6.47 -4.83
N LEU A 57 -17.09 7.00 -3.63
CA LEU A 57 -15.85 7.03 -2.87
C LEU A 57 -15.36 5.62 -2.61
N ARG A 58 -16.24 4.77 -2.07
CA ARG A 58 -15.87 3.40 -1.77
C ARG A 58 -15.13 2.76 -2.94
N GLU A 59 -15.62 3.02 -4.14
CA GLU A 59 -15.00 2.47 -5.34
C GLU A 59 -13.56 2.96 -5.46
N ALA A 60 -13.30 4.16 -4.95
CA ALA A 60 -11.96 4.73 -5.00
C ALA A 60 -10.97 3.86 -4.24
N LYS A 61 -11.44 3.28 -3.14
CA LYS A 61 -10.59 2.42 -2.32
C LYS A 61 -10.09 1.23 -3.12
N VAL A 62 -10.88 0.81 -4.10
CA VAL A 62 -10.51 -0.32 -4.95
C VAL A 62 -9.61 0.12 -6.10
N GLN A 63 -10.01 1.19 -6.78
CA GLN A 63 -9.23 1.70 -7.91
C GLN A 63 -7.78 1.95 -7.49
N ALA A 64 -7.58 2.18 -6.21
CA ALA A 64 -6.25 2.44 -5.71
C ALA A 64 -5.35 1.24 -5.96
N ILE A 65 -5.69 0.11 -5.36
CA ILE A 65 -4.90 -1.10 -5.50
C ILE A 65 -4.48 -1.31 -6.95
N VAL A 66 -5.44 -1.20 -7.86
CA VAL A 66 -5.16 -1.37 -9.29
C VAL A 66 -3.91 -0.61 -9.69
N GLU A 67 -3.66 0.51 -9.03
CA GLU A 67 -2.48 1.33 -9.32
C GLU A 67 -1.27 0.81 -8.56
N THR A 68 -1.51 0.23 -7.39
CA THR A 68 -0.43 -0.29 -6.57
C THR A 68 0.23 -1.49 -7.24
N GLY A 69 -0.56 -2.25 -8.00
CA GLY A 69 -0.05 -3.42 -8.68
C GLY A 69 0.93 -3.02 -9.76
N LYS A 70 0.78 -1.80 -10.25
CA LYS A 70 1.66 -1.32 -11.30
C LYS A 70 3.06 -1.10 -10.79
N PHE A 71 3.16 -0.43 -9.66
CA PHE A 71 4.46 -0.13 -9.07
C PHE A 71 5.07 -1.40 -8.48
N LEU A 72 4.20 -2.33 -8.12
CA LEU A 72 4.65 -3.58 -7.53
C LEU A 72 5.44 -4.42 -8.52
N LYS A 73 5.01 -4.39 -9.78
CA LYS A 73 5.66 -5.14 -10.84
C LYS A 73 7.01 -4.54 -11.17
N ILE A 74 7.22 -3.29 -10.77
CA ILE A 74 8.48 -2.61 -11.05
C ILE A 74 9.55 -3.01 -10.04
N ILE A 75 9.18 -2.97 -8.76
CA ILE A 75 10.11 -3.30 -7.69
C ILE A 75 10.57 -4.75 -7.81
N GLU A 76 9.61 -5.63 -8.08
CA GLU A 76 9.92 -7.04 -8.21
C GLU A 76 11.08 -7.26 -9.17
N GLU A 77 11.03 -6.57 -10.30
CA GLU A 77 12.09 -6.70 -11.30
C GLU A 77 13.40 -6.18 -10.75
N GLU A 78 13.32 -5.43 -9.66
CA GLU A 78 14.53 -4.86 -9.04
C GLU A 78 15.07 -5.80 -7.97
N ALA A 79 14.20 -6.24 -7.08
CA ALA A 79 14.61 -7.13 -6.01
C ALA A 79 15.32 -8.35 -6.56
N LEU A 80 14.81 -8.87 -7.67
CA LEU A 80 15.41 -10.04 -8.28
C LEU A 80 16.84 -9.73 -8.73
N LYS A 81 17.03 -8.53 -9.25
CA LYS A 81 18.34 -8.15 -9.74
C LYS A 81 19.35 -8.07 -8.60
N LEU A 82 18.86 -8.15 -7.38
CA LEU A 82 19.73 -8.10 -6.20
C LEU A 82 20.03 -9.49 -5.70
N LYS A 83 19.54 -10.49 -6.40
CA LYS A 83 19.78 -11.87 -6.02
C LYS A 83 21.24 -12.24 -6.24
N GLU A 84 21.87 -11.60 -7.23
CA GLU A 84 23.25 -11.90 -7.55
C GLU A 84 24.17 -11.44 -6.41
N THR A 85 23.92 -10.24 -5.89
CA THR A 85 24.74 -9.70 -4.81
C THR A 85 24.22 -10.19 -3.45
N GLY A 86 22.91 -10.12 -3.25
CA GLY A 86 22.32 -10.57 -2.00
C GLY A 86 22.74 -9.68 -0.84
N ASN A 87 22.98 -8.40 -1.14
CA ASN A 87 23.40 -7.46 -0.11
C ASN A 87 22.24 -7.19 0.86
N SER A 88 22.32 -7.79 2.05
CA SER A 88 21.28 -7.62 3.05
C SER A 88 20.93 -6.15 3.23
N GLY A 89 21.94 -5.30 3.33
CA GLY A 89 21.73 -3.87 3.49
C GLY A 89 20.82 -3.33 2.42
N GLN A 90 21.03 -3.78 1.19
CA GLN A 90 20.22 -3.31 0.07
C GLN A 90 18.78 -3.80 0.21
N PHE A 91 18.62 -5.06 0.64
CA PHE A 91 17.30 -5.65 0.81
C PHE A 91 16.59 -5.01 1.98
N LEU A 92 17.34 -4.70 3.02
CA LEU A 92 16.74 -4.11 4.22
C LEU A 92 16.05 -2.81 3.86
N ALA A 93 16.71 -2.01 3.05
CA ALA A 93 16.14 -0.73 2.66
C ALA A 93 14.83 -0.97 1.89
N MET A 94 14.82 -2.00 1.06
CA MET A 94 13.64 -2.33 0.29
C MET A 94 12.51 -2.76 1.23
N PHE A 95 12.86 -3.45 2.31
CA PHE A 95 11.86 -3.93 3.25
C PHE A 95 11.01 -2.76 3.75
N ASP A 96 11.67 -1.67 4.09
CA ASP A 96 10.97 -0.49 4.58
C ASP A 96 10.21 0.20 3.44
N LEU A 97 10.63 -0.09 2.22
CA LEU A 97 10.00 0.52 1.05
C LEU A 97 8.70 -0.17 0.70
N MET A 98 8.79 -1.46 0.37
CA MET A 98 7.62 -2.23 -0.01
C MET A 98 6.51 -2.05 1.00
N LEU A 99 6.88 -1.76 2.23
CA LEU A 99 5.92 -1.56 3.30
C LEU A 99 5.38 -0.13 3.29
N GLU A 100 6.19 0.80 2.79
CA GLU A 100 5.77 2.20 2.77
C GLU A 100 4.64 2.42 1.77
N VAL A 101 4.75 1.81 0.62
CA VAL A 101 3.72 1.97 -0.41
C VAL A 101 2.33 1.67 0.13
N VAL A 102 2.21 0.60 0.90
CA VAL A 102 0.94 0.17 1.47
C VAL A 102 0.57 1.02 2.69
N GLU A 103 1.51 1.82 3.15
CA GLU A 103 1.26 2.69 4.31
C GLU A 103 0.50 3.94 3.91
N SER A 104 0.64 4.36 2.66
CA SER A 104 -0.04 5.56 2.18
C SER A 104 -1.53 5.27 2.00
N LEU A 105 -1.86 4.00 1.80
CA LEU A 105 -3.25 3.62 1.60
C LEU A 105 -4.10 4.10 2.77
N GLU A 106 -3.46 4.59 3.81
CA GLU A 106 -4.20 5.08 4.97
C GLU A 106 -4.97 6.35 4.60
N ASP A 107 -4.56 6.99 3.51
CA ASP A 107 -5.22 8.23 3.08
C ASP A 107 -6.62 7.96 2.56
N VAL A 108 -6.88 6.71 2.19
CA VAL A 108 -8.20 6.30 1.68
C VAL A 108 -8.94 5.46 2.70
N GLY A 109 -8.63 5.66 3.99
CA GLY A 109 -9.32 4.92 5.03
C GLY A 109 -9.20 3.43 4.85
N ILE A 110 -8.02 2.97 4.46
CA ILE A 110 -7.76 1.53 4.27
C ILE A 110 -6.76 1.02 5.30
N ILE A 111 -6.97 -0.20 5.75
CA ILE A 111 -6.06 -0.81 6.72
C ILE A 111 -6.06 -2.34 6.55
N GLY A 112 -4.95 -2.85 6.08
CA GLY A 112 -4.81 -4.28 5.87
C GLY A 112 -4.25 -4.96 7.11
N LEU A 113 -3.24 -5.81 6.91
CA LEU A 113 -2.61 -6.55 8.01
C LEU A 113 -1.09 -6.45 7.92
N LYS A 114 -0.60 -5.23 7.83
CA LYS A 114 0.84 -5.02 7.76
C LYS A 114 1.51 -5.52 9.03
N ALA A 115 1.03 -5.07 10.19
CA ALA A 115 1.63 -5.46 11.46
C ALA A 115 1.92 -6.96 11.50
N ARG A 116 1.24 -7.71 10.63
CA ARG A 116 1.43 -9.15 10.56
C ARG A 116 2.74 -9.51 9.88
N VAL A 117 3.02 -8.89 8.73
CA VAL A 117 4.24 -9.18 8.00
C VAL A 117 5.46 -8.80 8.82
N LEU A 118 5.28 -7.91 9.78
CA LEU A 118 6.40 -7.48 10.62
C LEU A 118 6.91 -8.65 11.44
N GLU A 119 6.01 -9.51 11.86
CA GLU A 119 6.38 -10.65 12.68
C GLU A 119 7.38 -11.54 11.93
N GLU A 120 7.32 -11.50 10.60
CA GLU A 120 8.20 -12.32 9.78
C GLU A 120 9.66 -12.00 10.11
N SER A 121 10.00 -10.72 10.09
CA SER A 121 11.37 -10.30 10.39
C SER A 121 11.68 -10.54 11.87
N LYS A 122 10.70 -10.32 12.73
CA LYS A 122 10.88 -10.51 14.16
C LYS A 122 11.40 -11.91 14.44
N ASN A 123 10.98 -12.87 13.64
CA ASN A 123 11.41 -14.25 13.82
C ASN A 123 12.87 -14.41 13.45
N ASN A 124 13.24 -13.92 12.27
CA ASN A 124 14.63 -14.01 11.82
C ASN A 124 15.06 -12.68 11.17
N PRO A 125 16.22 -12.16 11.54
CA PRO A 125 16.74 -10.89 10.95
C PRO A 125 16.65 -10.87 9.44
N ILE A 126 16.69 -12.06 8.83
CA ILE A 126 16.63 -12.17 7.38
C ILE A 126 17.83 -11.50 6.74
N ASN A 127 18.35 -12.10 5.69
CA ASN A 127 19.48 -11.53 4.97
C ASN A 127 19.82 -12.37 3.76
N THR A 128 18.80 -12.87 3.05
CA THR A 128 19.02 -13.69 1.87
C THR A 128 17.95 -13.44 0.82
N ALA A 129 18.36 -12.97 -0.34
CA ALA A 129 17.44 -12.66 -1.43
C ALA A 129 16.52 -13.83 -1.70
N GLU A 130 17.09 -14.94 -2.19
CA GLU A 130 16.31 -16.15 -2.50
C GLU A 130 15.14 -16.33 -1.54
N ARG A 131 15.41 -16.09 -0.26
CA ARG A 131 14.36 -16.22 0.75
C ARG A 131 13.58 -14.92 0.85
N LEU A 132 14.27 -13.80 0.66
CA LEU A 132 13.62 -12.52 0.82
C LEU A 132 12.50 -12.40 -0.19
N LEU A 133 12.77 -12.80 -1.40
CA LEU A 133 11.79 -12.72 -2.45
C LEU A 133 10.46 -13.32 -1.99
N ALA A 134 10.55 -14.34 -1.14
CA ALA A 134 9.37 -15.00 -0.63
C ALA A 134 8.50 -14.01 0.16
N ALA A 135 9.14 -12.98 0.72
CA ALA A 135 8.43 -11.99 1.50
C ALA A 135 7.43 -11.24 0.62
N LYS A 136 7.95 -10.53 -0.36
CA LYS A 136 7.09 -9.77 -1.26
C LYS A 136 5.97 -10.65 -1.82
N ALA A 137 6.34 -11.85 -2.24
CA ALA A 137 5.35 -12.78 -2.78
C ALA A 137 4.23 -13.04 -1.79
N GLN A 138 4.57 -12.98 -0.50
CA GLN A 138 3.58 -13.20 0.54
C GLN A 138 2.65 -11.99 0.64
N ILE A 139 3.22 -10.80 0.50
CA ILE A 139 2.47 -9.58 0.63
C ILE A 139 1.55 -9.42 -0.55
N GLU A 140 2.04 -9.80 -1.72
CA GLU A 140 1.26 -9.69 -2.93
C GLU A 140 -0.08 -10.39 -2.77
N ASN A 141 -0.06 -11.50 -2.03
CA ASN A 141 -1.28 -12.26 -1.81
C ASN A 141 -2.26 -11.43 -1.01
N GLN A 142 -1.76 -10.43 -0.27
CA GLN A 142 -2.62 -9.58 0.53
C GLN A 142 -3.52 -8.72 -0.36
N LEU A 143 -2.92 -8.16 -1.40
CA LEU A 143 -3.65 -7.29 -2.31
C LEU A 143 -4.84 -8.02 -2.90
N LYS A 144 -4.64 -9.30 -3.20
CA LYS A 144 -5.70 -10.12 -3.77
C LYS A 144 -6.72 -10.50 -2.71
N VAL A 145 -6.35 -10.36 -1.45
CA VAL A 145 -7.25 -10.69 -0.34
C VAL A 145 -8.13 -9.50 0.02
N VAL A 146 -7.52 -8.33 0.12
CA VAL A 146 -8.26 -7.13 0.51
C VAL A 146 -9.16 -6.66 -0.63
N LYS A 147 -8.66 -6.82 -1.86
CA LYS A 147 -9.42 -6.39 -3.03
C LYS A 147 -10.75 -7.13 -3.13
N GLU A 148 -10.70 -8.45 -3.00
CA GLU A 148 -11.91 -9.26 -3.08
C GLU A 148 -12.84 -8.94 -1.93
N LYS A 149 -12.29 -8.36 -0.86
CA LYS A 149 -13.10 -8.02 0.31
C LYS A 149 -13.90 -6.76 0.08
N GLN A 150 -13.64 -6.10 -1.04
CA GLN A 150 -14.36 -4.88 -1.36
C GLN A 150 -15.88 -5.13 -1.33
N ASN A 151 -16.25 -6.40 -1.20
CA ASN A 151 -17.67 -6.76 -1.16
C ASN A 151 -18.25 -6.49 0.21
N ILE A 152 -17.43 -5.87 1.08
CA ILE A 152 -17.87 -5.55 2.44
C ILE A 152 -18.26 -6.81 3.18
N GLU A 153 -17.90 -6.89 4.47
CA GLU A 153 -18.23 -8.06 5.29
C GLU A 153 -19.34 -7.71 6.28
N ASN A 154 -20.59 -7.86 5.84
CA ASN A 154 -21.73 -7.56 6.69
C ASN A 154 -21.83 -8.57 7.82
N GLY A 155 -21.97 -8.07 9.05
CA GLY A 155 -22.07 -8.95 10.21
C GLY A 155 -21.66 -8.22 11.49
N GLY A 156 -20.65 -7.34 11.36
CA GLY A 156 -20.16 -6.58 12.51
C GLY A 156 -18.67 -6.28 12.36
N GLU A 157 -18.09 -6.73 11.27
CA GLU A 157 -16.67 -6.51 11.02
C GLU A 157 -16.36 -5.02 10.97
N LYS A 158 -16.44 -4.45 9.78
CA LYS A 158 -16.16 -3.02 9.60
C LYS A 158 -14.82 -2.65 10.24
N LYS A 159 -14.57 -1.35 10.35
CA LYS A 159 -13.32 -0.88 10.94
C LYS A 159 -13.31 -1.16 12.44
N ASN A 160 -12.17 -1.64 12.93
CA ASN A 160 -12.02 -1.94 14.36
C ASN A 160 -11.41 -0.76 15.10
N ASN A 161 -11.95 0.43 14.87
CA ASN A 161 -11.46 1.64 15.52
C ASN A 161 -11.65 1.54 17.03
N LYS A 162 -12.75 0.90 17.44
CA LYS A 162 -13.04 0.75 18.86
C LYS A 162 -11.82 0.20 19.60
N SER A 163 -10.98 -0.53 18.87
CA SER A 163 -9.78 -1.11 19.47
C SER A 163 -10.15 -2.06 20.60
N LYS A 164 -9.27 -3.01 20.88
CA LYS A 164 -9.52 -3.97 21.95
C LYS A 164 -9.50 -3.29 23.31
N LYS A 165 -9.30 -1.98 23.30
CA LYS A 165 -9.25 -1.22 24.54
C LYS A 165 -10.54 -1.41 25.34
N LYS A 166 -10.40 -1.80 26.60
CA LYS A 166 -11.56 -2.01 27.46
C LYS A 166 -11.16 -1.91 28.93
N LYS A 167 -12.05 -1.36 29.74
CA LYS A 167 -11.78 -1.21 31.16
C LYS A 167 -11.76 -2.57 31.85
N SER A 1 26.37 5.33 8.67
CA SER A 1 26.29 6.54 7.79
C SER A 1 25.90 6.10 6.38
N SER A 2 24.63 6.31 6.03
CA SER A 2 24.14 5.95 4.70
C SER A 2 24.67 6.92 3.65
N ILE A 3 24.73 6.47 2.41
CA ILE A 3 25.23 7.30 1.32
C ILE A 3 24.31 8.50 1.11
N GLY A 4 23.01 8.24 1.13
CA GLY A 4 22.02 9.30 0.95
C GLY A 4 21.79 9.58 -0.53
N LEU A 5 22.80 9.28 -1.36
CA LEU A 5 22.71 9.51 -2.81
C LEU A 5 22.25 8.23 -3.50
N VAL A 6 22.51 8.15 -4.80
CA VAL A 6 22.13 6.98 -5.59
C VAL A 6 23.33 6.49 -6.41
N GLU A 7 23.25 5.24 -6.86
CA GLU A 7 24.30 4.64 -7.65
C GLU A 7 24.33 5.23 -9.06
N ARG A 8 24.27 6.57 -9.12
CA ARG A 8 24.29 7.27 -10.40
C ARG A 8 23.15 6.81 -11.30
N THR A 9 22.31 5.92 -10.78
CA THR A 9 21.16 5.41 -11.54
C THR A 9 19.93 5.30 -10.65
N ASN A 10 18.83 5.87 -11.10
CA ASN A 10 17.58 5.82 -10.33
C ASN A 10 17.09 4.38 -10.19
N ALA A 11 17.93 3.41 -10.57
CA ALA A 11 17.56 1.99 -10.50
C ALA A 11 16.88 1.69 -9.16
N ALA A 12 17.52 2.08 -8.07
CA ALA A 12 16.97 1.86 -6.73
C ALA A 12 15.48 2.22 -6.68
N LEU A 13 15.04 3.00 -7.67
CA LEU A 13 13.65 3.41 -7.76
C LEU A 13 13.22 4.09 -6.46
N GLU A 14 14.18 4.44 -5.63
CA GLU A 14 13.88 5.09 -4.38
C GLU A 14 13.18 6.42 -4.63
N SER A 15 13.70 7.20 -5.57
CA SER A 15 13.12 8.49 -5.91
C SER A 15 11.72 8.32 -6.49
N SER A 16 11.57 7.31 -7.34
CA SER A 16 10.28 7.04 -7.97
C SER A 16 9.27 6.56 -6.94
N SER A 17 9.76 5.86 -5.92
CA SER A 17 8.87 5.35 -4.88
C SER A 17 8.12 6.49 -4.21
N LYS A 18 8.81 7.62 -4.01
CA LYS A 18 8.21 8.79 -3.37
C LYS A 18 6.88 9.14 -4.02
N ASP A 19 6.77 8.85 -5.30
CA ASP A 19 5.54 9.13 -6.02
C ASP A 19 4.39 8.34 -5.43
N LEU A 20 4.55 7.02 -5.32
CA LEU A 20 3.47 6.16 -4.84
C LEU A 20 2.81 6.75 -3.60
N LYS A 21 3.62 7.34 -2.74
CA LYS A 21 3.09 7.93 -1.53
C LYS A 21 2.08 9.02 -1.85
N ASN A 22 2.45 9.92 -2.75
CA ASN A 22 1.56 11.01 -3.14
C ASN A 22 0.62 10.58 -4.26
N LYS A 23 1.01 9.53 -4.97
CA LYS A 23 0.21 9.07 -6.10
C LYS A 23 -1.27 8.97 -5.73
N ILE A 24 -1.55 8.83 -4.45
CA ILE A 24 -2.93 8.74 -4.01
C ILE A 24 -3.68 10.02 -4.36
N LEU A 25 -2.99 11.16 -4.35
CA LEU A 25 -3.64 12.45 -4.63
C LEU A 25 -4.65 12.32 -5.78
N LYS A 26 -4.46 11.27 -6.58
CA LYS A 26 -5.32 11.03 -7.72
C LYS A 26 -6.58 10.28 -7.29
N ILE A 27 -6.40 9.31 -6.39
CA ILE A 27 -7.52 8.52 -5.90
C ILE A 27 -8.44 9.39 -5.05
N LYS A 28 -7.89 10.45 -4.47
CA LYS A 28 -8.67 11.37 -3.65
C LYS A 28 -9.58 12.24 -4.51
N LYS A 29 -9.02 12.80 -5.58
CA LYS A 29 -9.78 13.65 -6.48
C LYS A 29 -10.83 12.84 -7.22
N GLU A 30 -10.58 11.54 -7.38
CA GLU A 30 -11.52 10.68 -8.07
C GLU A 30 -12.90 10.75 -7.45
N ALA A 31 -13.00 10.33 -6.19
CA ALA A 31 -14.28 10.35 -5.49
C ALA A 31 -14.79 11.78 -5.40
N THR A 32 -13.91 12.70 -4.99
CA THR A 32 -14.29 14.11 -4.84
C THR A 32 -15.18 14.57 -5.99
N GLY A 33 -14.95 13.98 -7.16
CA GLY A 33 -15.74 14.31 -8.35
C GLY A 33 -17.23 14.09 -8.09
N LYS A 34 -17.55 13.10 -7.25
CA LYS A 34 -18.95 12.79 -6.94
C LYS A 34 -19.51 13.84 -5.96
N GLY A 35 -18.84 14.97 -5.86
CA GLY A 35 -19.31 16.03 -4.99
C GLY A 35 -19.25 15.61 -3.53
N VAL A 36 -18.45 14.58 -3.26
CA VAL A 36 -18.30 14.07 -1.90
C VAL A 36 -17.21 14.83 -1.19
N LEU A 37 -17.24 14.81 0.15
CA LEU A 37 -16.26 15.51 0.97
C LEU A 37 -15.39 14.52 1.71
N PHE A 38 -14.08 14.77 1.70
CA PHE A 38 -13.13 13.89 2.38
C PHE A 38 -13.08 14.21 3.87
N GLU A 39 -13.81 15.24 4.29
CA GLU A 39 -13.85 15.61 5.69
C GLU A 39 -14.95 14.85 6.43
N ALA A 40 -16.16 14.90 5.89
CA ALA A 40 -17.29 14.21 6.50
C ALA A 40 -16.99 12.72 6.64
N PHE A 41 -16.59 12.11 5.53
CA PHE A 41 -16.26 10.69 5.53
C PHE A 41 -17.47 9.87 5.99
N THR A 42 -17.20 8.75 6.65
CA THR A 42 -18.27 7.88 7.15
C THR A 42 -18.53 8.17 8.62
N GLY A 43 -19.75 8.60 8.92
CA GLY A 43 -20.13 8.92 10.30
C GLY A 43 -21.19 10.00 10.30
N LEU A 44 -20.85 11.18 10.85
CA LEU A 44 -21.75 12.34 10.92
C LEU A 44 -23.22 11.91 10.75
N LYS A 45 -23.82 12.31 9.63
CA LYS A 45 -25.20 11.92 9.31
C LYS A 45 -25.32 11.53 7.84
N THR A 46 -24.39 10.72 7.36
CA THR A 46 -24.40 10.27 5.97
C THR A 46 -25.73 9.58 5.66
N GLY A 47 -26.22 8.79 6.60
CA GLY A 47 -27.46 8.07 6.40
C GLY A 47 -28.59 9.02 6.03
N SER A 48 -28.51 10.27 6.49
CA SER A 48 -29.52 11.29 6.20
C SER A 48 -29.06 12.23 5.10
N LYS A 49 -27.87 12.80 5.27
CA LYS A 49 -27.33 13.73 4.29
C LYS A 49 -27.11 13.04 2.95
N VAL A 50 -26.39 11.92 2.97
CA VAL A 50 -26.10 11.18 1.75
C VAL A 50 -25.39 9.87 2.09
N THR A 51 -25.75 8.80 1.39
CA THR A 51 -25.14 7.48 1.60
C THR A 51 -24.53 6.96 0.29
N SER A 52 -25.04 7.45 -0.83
CA SER A 52 -24.54 7.03 -2.13
C SER A 52 -23.06 7.37 -2.27
N GLY A 53 -22.68 8.55 -1.79
CA GLY A 53 -21.30 8.99 -1.88
C GLY A 53 -20.38 8.02 -1.14
N GLY A 54 -20.88 7.45 -0.05
CA GLY A 54 -20.08 6.50 0.73
C GLY A 54 -19.68 5.29 -0.12
N LEU A 55 -20.66 4.72 -0.83
CA LEU A 55 -20.40 3.57 -1.68
C LEU A 55 -19.43 3.94 -2.80
N ALA A 56 -19.63 5.11 -3.39
CA ALA A 56 -18.77 5.56 -4.46
C ALA A 56 -17.37 5.83 -3.95
N LEU A 57 -17.29 6.51 -2.82
CA LEU A 57 -16.00 6.83 -2.23
C LEU A 57 -15.32 5.56 -1.74
N ARG A 58 -15.98 4.82 -0.86
CA ARG A 58 -15.41 3.58 -0.32
C ARG A 58 -14.82 2.73 -1.43
N GLU A 59 -15.38 2.88 -2.63
CA GLU A 59 -14.90 2.14 -3.80
C GLU A 59 -13.59 2.73 -4.31
N ALA A 60 -13.45 4.05 -4.15
CA ALA A 60 -12.24 4.73 -4.61
C ALA A 60 -11.01 4.21 -3.86
N LYS A 61 -11.24 3.66 -2.67
CA LYS A 61 -10.13 3.14 -1.88
C LYS A 61 -9.44 1.99 -2.61
N VAL A 62 -10.17 0.89 -2.82
CA VAL A 62 -9.61 -0.27 -3.49
C VAL A 62 -8.89 0.13 -4.76
N GLN A 63 -9.43 1.15 -5.44
CA GLN A 63 -8.84 1.64 -6.69
C GLN A 63 -7.36 1.97 -6.46
N ALA A 64 -7.00 2.27 -5.22
CA ALA A 64 -5.61 2.61 -4.91
C ALA A 64 -4.72 1.39 -5.10
N ILE A 65 -4.97 0.35 -4.30
CA ILE A 65 -4.17 -0.88 -4.36
C ILE A 65 -3.91 -1.29 -5.81
N VAL A 66 -4.87 -1.04 -6.68
CA VAL A 66 -4.73 -1.40 -8.08
C VAL A 66 -3.54 -0.65 -8.68
N GLU A 67 -3.46 0.65 -8.40
CA GLU A 67 -2.36 1.46 -8.92
C GLU A 67 -1.04 1.06 -8.27
N THR A 68 -1.09 0.76 -6.98
CA THR A 68 0.11 0.38 -6.25
C THR A 68 0.61 -0.98 -6.73
N GLY A 69 -0.31 -1.85 -7.11
CA GLY A 69 0.06 -3.16 -7.59
C GLY A 69 0.94 -3.08 -8.82
N LYS A 70 0.77 -1.99 -9.59
CA LYS A 70 1.55 -1.81 -10.81
C LYS A 70 3.01 -1.53 -10.47
N PHE A 71 3.22 -0.63 -9.52
CA PHE A 71 4.58 -0.27 -9.11
C PHE A 71 5.26 -1.45 -8.43
N LEU A 72 4.48 -2.29 -7.78
CA LEU A 72 5.01 -3.45 -7.08
C LEU A 72 5.67 -4.42 -8.06
N LYS A 73 5.17 -4.42 -9.30
CA LYS A 73 5.71 -5.32 -10.32
C LYS A 73 7.01 -4.77 -10.90
N ILE A 74 7.20 -3.46 -10.76
CA ILE A 74 8.41 -2.82 -11.28
C ILE A 74 9.56 -2.95 -10.29
N ILE A 75 9.32 -2.57 -9.04
CA ILE A 75 10.36 -2.63 -8.02
C ILE A 75 10.74 -4.08 -7.73
N GLU A 76 9.75 -4.96 -7.74
CA GLU A 76 10.01 -6.38 -7.48
C GLU A 76 11.02 -6.92 -8.47
N GLU A 77 10.92 -6.50 -9.71
CA GLU A 77 11.84 -6.97 -10.75
C GLU A 77 13.17 -6.27 -10.62
N GLU A 78 13.21 -5.19 -9.84
CA GLU A 78 14.45 -4.44 -9.65
C GLU A 78 15.32 -5.12 -8.59
N ALA A 79 14.70 -5.46 -7.46
CA ALA A 79 15.43 -6.10 -6.38
C ALA A 79 16.00 -7.44 -6.83
N LEU A 80 15.32 -8.06 -7.78
CA LEU A 80 15.75 -9.36 -8.28
C LEU A 80 17.15 -9.23 -8.84
N LYS A 81 17.52 -8.04 -9.28
CA LYS A 81 18.84 -7.85 -9.84
C LYS A 81 19.91 -8.14 -8.80
N LEU A 82 19.72 -7.63 -7.59
CA LEU A 82 20.69 -7.83 -6.53
C LEU A 82 20.84 -9.31 -6.21
N LYS A 83 19.99 -10.13 -6.80
CA LYS A 83 20.04 -11.58 -6.56
C LYS A 83 21.48 -12.09 -6.66
N GLU A 84 22.21 -11.59 -7.65
CA GLU A 84 23.60 -12.00 -7.85
C GLU A 84 24.48 -11.45 -6.71
N THR A 85 24.22 -10.22 -6.30
CA THR A 85 25.00 -9.60 -5.23
C THR A 85 24.65 -10.21 -3.88
N GLY A 86 23.36 -10.41 -3.64
CA GLY A 86 22.90 -10.99 -2.39
C GLY A 86 23.29 -10.10 -1.21
N ASN A 87 23.53 -8.83 -1.49
CA ASN A 87 23.90 -7.89 -0.45
C ASN A 87 22.72 -7.65 0.49
N SER A 88 22.65 -8.42 1.57
CA SER A 88 21.57 -8.29 2.54
C SER A 88 21.27 -6.82 2.85
N GLY A 89 22.30 -6.07 3.22
CA GLY A 89 22.13 -4.67 3.55
C GLY A 89 21.37 -3.92 2.46
N GLN A 90 21.77 -4.14 1.21
CA GLN A 90 21.10 -3.48 0.10
C GLN A 90 19.66 -3.97 -0.01
N PHE A 91 19.46 -5.27 0.24
CA PHE A 91 18.12 -5.86 0.16
C PHE A 91 17.23 -5.32 1.27
N LEU A 92 17.83 -5.08 2.43
CA LEU A 92 17.06 -4.57 3.56
C LEU A 92 16.46 -3.22 3.22
N ALA A 93 17.13 -2.46 2.38
CA ALA A 93 16.63 -1.15 2.00
C ALA A 93 15.26 -1.26 1.37
N MET A 94 15.11 -2.18 0.42
CA MET A 94 13.85 -2.37 -0.26
C MET A 94 12.79 -2.86 0.74
N PHE A 95 13.23 -3.66 1.69
CA PHE A 95 12.32 -4.24 2.67
C PHE A 95 11.62 -3.16 3.44
N ASP A 96 12.37 -2.11 3.76
CA ASP A 96 11.81 -0.99 4.50
C ASP A 96 11.05 -0.04 3.57
N LEU A 97 11.34 -0.13 2.27
CA LEU A 97 10.69 0.74 1.30
C LEU A 97 9.31 0.22 0.93
N MET A 98 9.24 -1.02 0.45
CA MET A 98 7.96 -1.61 0.06
C MET A 98 6.89 -1.36 1.13
N LEU A 99 7.33 -1.19 2.37
CA LEU A 99 6.42 -0.95 3.47
C LEU A 99 5.92 0.48 3.49
N GLU A 100 6.69 1.39 2.91
CA GLU A 100 6.30 2.80 2.87
C GLU A 100 5.04 2.97 2.04
N VAL A 101 4.94 2.24 0.94
CA VAL A 101 3.76 2.37 0.07
C VAL A 101 2.48 2.12 0.88
N VAL A 102 2.33 0.90 1.37
CA VAL A 102 1.16 0.51 2.16
C VAL A 102 0.96 1.46 3.34
N GLU A 103 1.99 2.27 3.62
CA GLU A 103 1.92 3.22 4.73
C GLU A 103 1.21 4.50 4.33
N SER A 104 1.49 5.00 3.13
CA SER A 104 0.86 6.22 2.65
C SER A 104 -0.62 6.03 2.40
N LEU A 105 -1.04 4.77 2.33
CA LEU A 105 -2.45 4.45 2.09
C LEU A 105 -3.28 4.71 3.34
N GLU A 106 -2.65 4.62 4.51
CA GLU A 106 -3.35 4.84 5.77
C GLU A 106 -4.23 6.09 5.69
N ASP A 107 -3.98 6.93 4.69
CA ASP A 107 -4.75 8.15 4.50
C ASP A 107 -6.25 7.86 4.50
N VAL A 108 -6.66 6.90 3.67
CA VAL A 108 -8.08 6.54 3.59
C VAL A 108 -8.50 5.69 4.79
N GLY A 109 -7.79 5.86 5.92
CA GLY A 109 -8.14 5.14 7.13
C GLY A 109 -8.12 3.64 6.91
N ILE A 110 -7.16 3.16 6.11
CA ILE A 110 -7.01 1.74 5.82
C ILE A 110 -5.78 1.18 6.51
N ILE A 111 -5.92 0.02 7.13
CA ILE A 111 -4.82 -0.62 7.84
C ILE A 111 -4.67 -2.07 7.41
N GLY A 112 -3.66 -2.33 6.60
CA GLY A 112 -3.40 -3.68 6.13
C GLY A 112 -2.76 -4.51 7.23
N LEU A 113 -2.83 -5.83 7.07
CA LEU A 113 -2.25 -6.73 8.05
C LEU A 113 -0.74 -6.75 7.92
N LYS A 114 -0.20 -5.76 7.21
CA LYS A 114 1.24 -5.69 7.01
C LYS A 114 1.97 -5.94 8.33
N ALA A 115 1.57 -5.22 9.38
CA ALA A 115 2.21 -5.37 10.68
C ALA A 115 2.50 -6.83 11.00
N ARG A 116 1.73 -7.73 10.35
CA ARG A 116 1.89 -9.17 10.56
C ARG A 116 3.10 -9.71 9.80
N VAL A 117 3.48 -9.03 8.72
CA VAL A 117 4.63 -9.47 7.93
C VAL A 117 5.93 -9.16 8.68
N LEU A 118 5.86 -8.22 9.61
CA LEU A 118 7.06 -7.82 10.34
C LEU A 118 7.65 -8.98 11.13
N GLU A 119 6.78 -9.73 11.79
CA GLU A 119 7.24 -10.88 12.56
C GLU A 119 7.81 -11.95 11.63
N GLU A 120 7.49 -11.86 10.34
CA GLU A 120 7.97 -12.84 9.39
C GLU A 120 9.50 -12.95 9.43
N SER A 121 10.15 -11.78 9.42
CA SER A 121 11.61 -11.74 9.46
C SER A 121 12.11 -12.00 10.88
N LYS A 122 11.28 -11.71 11.87
CA LYS A 122 11.67 -11.89 13.26
C LYS A 122 11.94 -13.36 13.56
N ASN A 123 11.11 -14.24 13.01
CA ASN A 123 11.26 -15.68 13.24
C ASN A 123 12.33 -16.25 12.34
N ASN A 124 12.39 -15.76 11.09
CA ASN A 124 13.37 -16.25 10.11
C ASN A 124 14.41 -15.16 9.78
N PRO A 125 15.70 -15.49 9.78
CA PRO A 125 16.76 -14.49 9.47
C PRO A 125 16.75 -14.08 7.99
N ILE A 126 16.41 -12.82 7.74
CA ILE A 126 16.37 -12.29 6.37
C ILE A 126 17.69 -11.60 6.04
N ASN A 127 18.45 -12.21 5.14
CA ASN A 127 19.75 -11.67 4.73
C ASN A 127 20.16 -12.23 3.37
N THR A 128 19.17 -12.64 2.58
CA THR A 128 19.42 -13.17 1.24
C THR A 128 18.34 -12.70 0.27
N ALA A 129 18.53 -13.01 -1.01
CA ALA A 129 17.59 -12.59 -2.05
C ALA A 129 16.58 -13.69 -2.34
N GLU A 130 16.99 -14.95 -2.14
CA GLU A 130 16.12 -16.09 -2.40
C GLU A 130 14.98 -16.19 -1.38
N ARG A 131 15.34 -16.20 -0.11
CA ARG A 131 14.36 -16.33 0.97
C ARG A 131 13.55 -15.07 1.12
N LEU A 132 14.21 -13.95 0.89
CA LEU A 132 13.56 -12.66 1.03
C LEU A 132 12.42 -12.52 0.05
N LEU A 133 12.60 -13.06 -1.14
CA LEU A 133 11.58 -12.98 -2.16
C LEU A 133 10.31 -13.67 -1.67
N ALA A 134 10.47 -14.76 -0.95
CA ALA A 134 9.32 -15.47 -0.42
C ALA A 134 8.49 -14.58 0.49
N ALA A 135 9.16 -13.59 1.09
CA ALA A 135 8.46 -12.66 1.98
C ALA A 135 7.53 -11.74 1.20
N LYS A 136 8.01 -11.22 0.09
CA LYS A 136 7.21 -10.32 -0.74
C LYS A 136 6.01 -11.06 -1.33
N ALA A 137 6.28 -12.23 -1.90
CA ALA A 137 5.23 -13.03 -2.53
C ALA A 137 4.01 -13.11 -1.63
N GLN A 138 4.25 -13.21 -0.32
CA GLN A 138 3.16 -13.28 0.65
C GLN A 138 2.37 -11.96 0.67
N ILE A 139 3.10 -10.85 0.60
CA ILE A 139 2.48 -9.53 0.61
C ILE A 139 1.67 -9.33 -0.66
N GLU A 140 2.22 -9.75 -1.79
CA GLU A 140 1.54 -9.60 -3.06
C GLU A 140 0.25 -10.40 -3.09
N ASN A 141 0.33 -11.67 -2.75
CA ASN A 141 -0.85 -12.52 -2.75
C ASN A 141 -1.94 -11.97 -1.84
N GLN A 142 -1.53 -11.18 -0.84
CA GLN A 142 -2.48 -10.59 0.08
C GLN A 142 -3.40 -9.59 -0.60
N LEU A 143 -2.82 -8.82 -1.52
CA LEU A 143 -3.59 -7.80 -2.22
C LEU A 143 -4.79 -8.44 -2.94
N LYS A 144 -4.61 -9.69 -3.37
CA LYS A 144 -5.67 -10.42 -4.08
C LYS A 144 -6.77 -10.84 -3.10
N VAL A 145 -6.41 -10.89 -1.83
CA VAL A 145 -7.35 -11.28 -0.78
C VAL A 145 -8.20 -10.09 -0.33
N VAL A 146 -7.55 -8.96 -0.11
CA VAL A 146 -8.26 -7.76 0.35
C VAL A 146 -9.07 -7.14 -0.79
N LYS A 147 -8.58 -7.27 -2.01
CA LYS A 147 -9.26 -6.71 -3.17
C LYS A 147 -10.60 -7.39 -3.42
N GLU A 148 -10.59 -8.71 -3.41
CA GLU A 148 -11.82 -9.47 -3.64
C GLU A 148 -12.81 -9.26 -2.50
N LYS A 149 -12.30 -8.90 -1.34
CA LYS A 149 -13.14 -8.69 -0.17
C LYS A 149 -14.22 -7.64 -0.48
N GLN A 150 -14.10 -7.00 -1.63
CA GLN A 150 -15.06 -5.98 -2.02
C GLN A 150 -16.35 -6.64 -2.49
N ASN A 151 -16.51 -7.91 -2.17
CA ASN A 151 -17.71 -8.64 -2.57
C ASN A 151 -18.94 -8.00 -1.95
N ILE A 152 -18.98 -7.94 -0.62
CA ILE A 152 -20.11 -7.35 0.09
C ILE A 152 -19.81 -7.26 1.58
N GLU A 153 -18.54 -7.22 1.95
CA GLU A 153 -18.14 -7.15 3.36
C GLU A 153 -17.74 -5.72 3.71
N ASN A 154 -16.53 -5.55 4.22
CA ASN A 154 -16.04 -4.23 4.59
C ASN A 154 -15.96 -3.31 3.38
N GLY A 155 -15.48 -3.85 2.26
CA GLY A 155 -15.35 -3.06 1.04
C GLY A 155 -16.71 -2.77 0.42
N GLY A 156 -17.69 -2.45 1.27
CA GLY A 156 -19.03 -2.16 0.81
C GLY A 156 -20.01 -2.15 1.96
N GLU A 157 -20.32 -3.34 2.47
CA GLU A 157 -21.26 -3.46 3.59
C GLU A 157 -20.60 -2.96 4.87
N LYS A 158 -21.31 -2.10 5.60
CA LYS A 158 -20.80 -1.55 6.86
C LYS A 158 -21.25 -2.42 8.03
N LYS A 159 -20.30 -2.93 8.78
CA LYS A 159 -20.60 -3.78 9.92
C LYS A 159 -21.35 -2.98 10.98
N ASN A 160 -20.87 -1.76 11.24
CA ASN A 160 -21.51 -0.89 12.24
C ASN A 160 -21.17 0.57 11.98
N ASN A 161 -22.19 1.39 11.79
CA ASN A 161 -22.00 2.81 11.54
C ASN A 161 -21.39 3.49 12.76
N LYS A 162 -21.81 3.05 13.94
CA LYS A 162 -21.31 3.62 15.18
C LYS A 162 -19.80 3.51 15.25
N SER A 163 -19.22 2.72 14.34
CA SER A 163 -17.77 2.55 14.31
C SER A 163 -17.08 3.86 13.93
N LYS A 164 -17.12 4.83 14.85
CA LYS A 164 -16.49 6.13 14.61
C LYS A 164 -15.02 6.07 14.99
N LYS A 165 -14.16 5.88 14.00
CA LYS A 165 -12.72 5.81 14.23
C LYS A 165 -12.12 7.20 14.25
N LYS A 166 -12.91 8.19 13.83
CA LYS A 166 -12.43 9.57 13.79
C LYS A 166 -12.09 10.05 15.20
N LYS A 167 -13.01 9.81 16.12
CA LYS A 167 -12.81 10.24 17.51
C LYS A 167 -12.03 9.19 18.29
N SER A 1 10.84 -0.93 -22.79
CA SER A 1 11.53 -0.61 -21.50
C SER A 1 12.95 -1.15 -21.55
N SER A 2 13.11 -2.32 -22.17
CA SER A 2 14.44 -2.95 -22.26
C SER A 2 15.05 -3.07 -20.88
N ILE A 3 16.21 -3.74 -20.80
CA ILE A 3 16.91 -3.93 -19.54
C ILE A 3 18.42 -3.81 -19.75
N GLY A 4 19.18 -4.13 -18.70
CA GLY A 4 20.63 -4.06 -18.75
C GLY A 4 21.11 -2.64 -18.54
N LEU A 5 20.18 -1.68 -18.56
CA LEU A 5 20.51 -0.27 -18.37
C LEU A 5 20.45 0.10 -16.91
N VAL A 6 21.44 0.85 -16.45
CA VAL A 6 21.49 1.27 -15.05
C VAL A 6 20.69 2.54 -14.84
N GLU A 7 20.68 3.40 -15.86
CA GLU A 7 19.96 4.67 -15.79
C GLU A 7 20.30 5.41 -14.49
N ARG A 8 21.59 5.60 -14.25
CA ARG A 8 22.05 6.29 -13.06
C ARG A 8 21.52 5.59 -11.81
N THR A 9 22.05 4.40 -11.55
CA THR A 9 21.62 3.62 -10.38
C THR A 9 20.10 3.53 -10.33
N ASN A 10 19.57 2.42 -10.82
CA ASN A 10 18.11 2.20 -10.83
C ASN A 10 17.69 1.39 -9.61
N ALA A 11 18.63 1.15 -8.71
CA ALA A 11 18.34 0.38 -7.50
C ALA A 11 17.51 1.21 -6.52
N ALA A 12 17.97 2.43 -6.24
CA ALA A 12 17.26 3.31 -5.31
C ALA A 12 15.80 3.42 -5.70
N LEU A 13 15.55 3.79 -6.95
CA LEU A 13 14.19 3.94 -7.45
C LEU A 13 13.35 4.77 -6.49
N GLU A 14 14.01 5.43 -5.55
CA GLU A 14 13.32 6.24 -4.56
C GLU A 14 12.67 7.45 -5.22
N SER A 15 13.20 7.85 -6.38
CA SER A 15 12.66 9.00 -7.09
C SER A 15 11.26 8.71 -7.61
N SER A 16 11.03 7.49 -8.08
CA SER A 16 9.73 7.09 -8.61
C SER A 16 8.84 6.56 -7.48
N SER A 17 9.46 6.10 -6.40
CA SER A 17 8.71 5.54 -5.28
C SER A 17 7.87 6.62 -4.59
N LYS A 18 8.47 7.80 -4.43
CA LYS A 18 7.77 8.91 -3.78
C LYS A 18 6.50 9.25 -4.55
N ASP A 19 6.44 8.86 -5.81
CA ASP A 19 5.27 9.15 -6.61
C ASP A 19 4.03 8.49 -6.00
N LEU A 20 4.11 7.19 -5.76
CA LEU A 20 2.99 6.46 -5.21
C LEU A 20 2.43 7.15 -3.98
N LYS A 21 3.30 7.80 -3.22
CA LYS A 21 2.89 8.44 -2.00
C LYS A 21 1.86 9.55 -2.29
N ASN A 22 2.14 10.36 -3.32
CA ASN A 22 1.23 11.45 -3.70
C ASN A 22 0.23 10.96 -4.72
N LYS A 23 0.56 9.88 -5.41
CA LYS A 23 -0.29 9.34 -6.46
C LYS A 23 -1.74 9.18 -5.98
N ILE A 24 -1.92 9.22 -4.68
CA ILE A 24 -3.27 9.09 -4.10
C ILE A 24 -4.12 10.32 -4.38
N LEU A 25 -3.49 11.48 -4.42
CA LEU A 25 -4.19 12.72 -4.71
C LEU A 25 -5.16 12.53 -5.89
N LYS A 26 -4.99 11.44 -6.65
CA LYS A 26 -5.84 11.15 -7.80
C LYS A 26 -7.09 10.40 -7.37
N ILE A 27 -6.92 9.49 -6.42
CA ILE A 27 -8.03 8.69 -5.94
C ILE A 27 -8.97 9.55 -5.12
N LYS A 28 -8.43 10.60 -4.51
CA LYS A 28 -9.24 11.50 -3.71
C LYS A 28 -10.09 12.41 -4.59
N LYS A 29 -9.47 12.97 -5.63
CA LYS A 29 -10.17 13.86 -6.55
C LYS A 29 -11.12 13.07 -7.43
N GLU A 30 -10.87 11.77 -7.55
CA GLU A 30 -11.71 10.90 -8.37
C GLU A 30 -13.07 10.69 -7.71
N ALA A 31 -13.07 10.58 -6.38
CA ALA A 31 -14.32 10.37 -5.64
C ALA A 31 -15.10 11.66 -5.52
N THR A 32 -14.46 12.69 -4.96
CA THR A 32 -15.12 13.99 -4.78
C THR A 32 -15.82 14.42 -6.06
N GLY A 33 -15.39 13.87 -7.19
CA GLY A 33 -15.99 14.21 -8.47
C GLY A 33 -17.31 13.47 -8.68
N LYS A 34 -17.72 12.70 -7.66
CA LYS A 34 -18.98 11.94 -7.71
C LYS A 34 -20.05 12.60 -6.85
N GLY A 35 -19.81 13.85 -6.47
CA GLY A 35 -20.78 14.59 -5.64
C GLY A 35 -20.70 14.14 -4.18
N VAL A 36 -19.85 13.15 -3.93
CA VAL A 36 -19.67 12.63 -2.58
C VAL A 36 -18.98 13.67 -1.71
N LEU A 37 -19.36 13.71 -0.44
CA LEU A 37 -18.77 14.66 0.50
C LEU A 37 -17.61 14.02 1.25
N PHE A 38 -16.41 14.54 1.02
CA PHE A 38 -15.23 14.02 1.67
C PHE A 38 -15.31 14.20 3.18
N GLU A 39 -15.75 15.38 3.61
CA GLU A 39 -15.89 15.68 5.04
C GLU A 39 -16.47 14.49 5.80
N ALA A 40 -17.41 13.81 5.17
CA ALA A 40 -18.05 12.66 5.78
C ALA A 40 -17.01 11.59 6.09
N PHE A 41 -16.56 10.91 5.05
CA PHE A 41 -15.57 9.87 5.22
C PHE A 41 -16.08 8.76 6.13
N THR A 42 -17.38 8.50 6.05
CA THR A 42 -18.00 7.47 6.88
C THR A 42 -17.54 7.60 8.33
N GLY A 43 -18.11 8.57 9.05
CA GLY A 43 -17.74 8.79 10.46
C GLY A 43 -18.82 9.58 11.21
N LEU A 44 -19.61 10.34 10.44
CA LEU A 44 -20.67 11.19 10.98
C LEU A 44 -22.01 10.47 10.85
N LYS A 45 -21.94 9.16 10.74
CA LYS A 45 -23.15 8.35 10.61
C LYS A 45 -23.89 8.73 9.33
N THR A 46 -23.31 9.64 8.56
CA THR A 46 -23.93 10.09 7.32
C THR A 46 -25.43 10.31 7.50
N GLY A 47 -25.81 10.65 8.73
CA GLY A 47 -27.22 10.87 9.03
C GLY A 47 -27.74 12.14 8.36
N SER A 48 -27.11 13.27 8.67
CA SER A 48 -27.50 14.55 8.08
C SER A 48 -26.85 14.75 6.72
N LYS A 49 -25.67 14.15 6.55
CA LYS A 49 -24.93 14.27 5.29
C LYS A 49 -25.50 13.35 4.24
N VAL A 50 -26.22 12.32 4.68
CA VAL A 50 -26.83 11.35 3.76
C VAL A 50 -25.98 11.18 2.49
N THR A 51 -25.02 10.29 2.52
CA THR A 51 -24.18 10.09 1.37
C THR A 51 -24.93 9.36 0.26
N SER A 52 -25.13 10.04 -0.86
CA SER A 52 -25.83 9.44 -1.98
C SER A 52 -24.99 8.35 -2.62
N GLY A 53 -23.70 8.62 -2.78
CA GLY A 53 -22.79 7.66 -3.38
C GLY A 53 -22.74 6.36 -2.59
N GLY A 54 -22.47 6.47 -1.30
CA GLY A 54 -22.39 5.30 -0.45
C GLY A 54 -21.28 4.35 -0.89
N LEU A 55 -21.60 3.43 -1.79
CA LEU A 55 -20.63 2.46 -2.28
C LEU A 55 -19.75 3.09 -3.37
N ALA A 56 -20.12 4.29 -3.80
CA ALA A 56 -19.36 4.99 -4.83
C ALA A 56 -18.08 5.56 -4.25
N LEU A 57 -18.16 6.04 -3.00
CA LEU A 57 -16.98 6.61 -2.34
C LEU A 57 -15.97 5.52 -2.01
N ARG A 58 -16.48 4.35 -1.61
CA ARG A 58 -15.61 3.24 -1.23
C ARG A 58 -14.98 2.61 -2.46
N GLU A 59 -15.53 2.93 -3.62
CA GLU A 59 -15.01 2.37 -4.86
C GLU A 59 -13.63 2.93 -5.18
N ALA A 60 -13.46 4.23 -4.98
CA ALA A 60 -12.17 4.89 -5.25
C ALA A 60 -11.13 4.51 -4.22
N LYS A 61 -11.48 4.66 -2.95
CA LYS A 61 -10.55 4.34 -1.87
C LYS A 61 -9.88 2.99 -2.09
N VAL A 62 -10.51 2.16 -2.92
CA VAL A 62 -9.97 0.85 -3.25
C VAL A 62 -9.06 0.91 -4.48
N GLN A 63 -9.41 1.77 -5.44
CA GLN A 63 -8.62 1.90 -6.67
C GLN A 63 -7.13 1.97 -6.35
N ALA A 64 -6.79 2.55 -5.20
CA ALA A 64 -5.39 2.67 -4.83
C ALA A 64 -4.75 1.28 -4.80
N ILE A 65 -5.15 0.47 -3.81
CA ILE A 65 -4.59 -0.89 -3.67
C ILE A 65 -4.41 -1.53 -5.04
N VAL A 66 -5.41 -1.43 -5.89
CA VAL A 66 -5.31 -1.99 -7.22
C VAL A 66 -4.14 -1.35 -7.97
N GLU A 67 -4.01 -0.03 -7.85
CA GLU A 67 -2.94 0.69 -8.52
C GLU A 67 -1.59 0.39 -7.87
N THR A 68 -1.60 0.20 -6.56
CA THR A 68 -0.36 -0.08 -5.83
C THR A 68 0.31 -1.33 -6.38
N GLY A 69 -0.49 -2.24 -6.92
CA GLY A 69 0.02 -3.46 -7.47
C GLY A 69 0.89 -3.18 -8.68
N LYS A 70 0.62 -2.08 -9.36
CA LYS A 70 1.39 -1.72 -10.53
C LYS A 70 2.83 -1.42 -10.18
N PHE A 71 3.02 -0.58 -9.16
CA PHE A 71 4.35 -0.20 -8.73
C PHE A 71 5.03 -1.37 -8.04
N LEU A 72 4.23 -2.17 -7.35
CA LEU A 72 4.77 -3.31 -6.64
C LEU A 72 5.52 -4.24 -7.59
N LYS A 73 5.19 -4.16 -8.87
CA LYS A 73 5.84 -5.01 -9.86
C LYS A 73 7.18 -4.41 -10.28
N ILE A 74 7.33 -3.10 -10.06
CA ILE A 74 8.57 -2.43 -10.42
C ILE A 74 9.69 -2.75 -9.45
N ILE A 75 9.41 -2.63 -8.16
CA ILE A 75 10.40 -2.90 -7.14
C ILE A 75 10.82 -4.37 -7.21
N GLU A 76 9.95 -5.20 -7.74
CA GLU A 76 10.25 -6.63 -7.85
C GLU A 76 11.43 -6.86 -8.78
N GLU A 77 11.53 -6.04 -9.83
CA GLU A 77 12.61 -6.17 -10.81
C GLU A 77 13.86 -5.46 -10.33
N GLU A 78 13.78 -4.86 -9.13
CA GLU A 78 14.93 -4.16 -8.55
C GLU A 78 15.73 -5.07 -7.62
N ALA A 79 15.01 -5.87 -6.84
CA ALA A 79 15.66 -6.79 -5.91
C ALA A 79 16.46 -7.85 -6.67
N LEU A 80 16.12 -8.01 -7.95
CA LEU A 80 16.79 -9.01 -8.77
C LEU A 80 18.30 -8.76 -8.76
N LYS A 81 18.68 -7.49 -8.73
CA LYS A 81 20.09 -7.16 -8.75
C LYS A 81 20.77 -7.72 -7.49
N LEU A 82 20.20 -7.44 -6.33
CA LEU A 82 20.76 -7.90 -5.08
C LEU A 82 20.93 -9.41 -5.09
N LYS A 83 20.36 -10.04 -6.10
CA LYS A 83 20.46 -11.48 -6.22
C LYS A 83 21.90 -11.89 -6.52
N GLU A 84 22.75 -10.90 -6.83
CA GLU A 84 24.15 -11.19 -7.15
C GLU A 84 25.03 -11.07 -5.91
N THR A 85 24.90 -9.96 -5.20
CA THR A 85 25.69 -9.73 -3.98
C THR A 85 24.94 -10.25 -2.76
N GLY A 86 23.65 -9.95 -2.69
CA GLY A 86 22.84 -10.39 -1.56
C GLY A 86 23.31 -9.76 -0.26
N ASN A 87 23.95 -8.60 -0.37
CA ASN A 87 24.44 -7.90 0.81
C ASN A 87 23.27 -7.57 1.73
N SER A 88 23.20 -8.30 2.85
CA SER A 88 22.11 -8.09 3.81
C SER A 88 21.91 -6.62 4.10
N GLY A 89 23.01 -5.89 4.32
CA GLY A 89 22.92 -4.46 4.63
C GLY A 89 22.26 -3.69 3.50
N GLN A 90 22.76 -3.87 2.28
CA GLN A 90 22.20 -3.16 1.13
C GLN A 90 20.76 -3.61 0.85
N PHE A 91 20.48 -4.88 1.12
CA PHE A 91 19.15 -5.41 0.89
C PHE A 91 18.11 -4.59 1.66
N LEU A 92 18.38 -4.35 2.93
CA LEU A 92 17.44 -3.60 3.78
C LEU A 92 16.90 -2.38 3.07
N ALA A 93 17.62 -1.96 2.04
CA ALA A 93 17.20 -0.80 1.28
C ALA A 93 15.81 -1.00 0.68
N MET A 94 15.61 -2.14 0.02
CA MET A 94 14.32 -2.43 -0.59
C MET A 94 13.30 -2.73 0.50
N PHE A 95 13.76 -3.33 1.58
CA PHE A 95 12.87 -3.72 2.66
C PHE A 95 12.13 -2.52 3.18
N ASP A 96 12.85 -1.42 3.35
CA ASP A 96 12.23 -0.20 3.84
C ASP A 96 11.37 0.44 2.76
N LEU A 97 11.64 0.10 1.50
CA LEU A 97 10.89 0.66 0.39
C LEU A 97 9.59 -0.11 0.18
N MET A 98 9.67 -1.42 0.25
CA MET A 98 8.50 -2.27 0.04
C MET A 98 7.45 -2.00 1.10
N LEU A 99 7.90 -1.57 2.27
CA LEU A 99 7.00 -1.27 3.39
C LEU A 99 6.46 0.16 3.28
N GLU A 100 7.18 1.02 2.56
CA GLU A 100 6.77 2.41 2.40
C GLU A 100 5.48 2.51 1.61
N VAL A 101 5.42 1.85 0.47
CA VAL A 101 4.23 1.91 -0.37
C VAL A 101 2.95 1.71 0.46
N VAL A 102 2.87 0.58 1.15
CA VAL A 102 1.74 0.23 2.00
C VAL A 102 1.57 1.26 3.12
N GLU A 103 2.51 2.18 3.20
CA GLU A 103 2.48 3.22 4.24
C GLU A 103 1.58 4.39 3.83
N SER A 104 1.74 4.86 2.60
CA SER A 104 0.95 6.01 2.13
C SER A 104 -0.54 5.73 2.22
N LEU A 105 -0.92 4.49 1.97
CA LEU A 105 -2.32 4.11 2.00
C LEU A 105 -2.93 4.47 3.35
N GLU A 106 -2.16 4.30 4.41
CA GLU A 106 -2.65 4.63 5.75
C GLU A 106 -3.34 6.00 5.75
N ASP A 107 -3.05 6.80 4.73
CA ASP A 107 -3.65 8.13 4.62
C ASP A 107 -5.16 8.03 4.39
N VAL A 108 -5.55 7.21 3.42
CA VAL A 108 -6.97 7.04 3.08
C VAL A 108 -7.66 6.15 4.12
N GLY A 109 -7.08 6.05 5.31
CA GLY A 109 -7.65 5.24 6.37
C GLY A 109 -7.65 3.76 6.02
N ILE A 110 -6.71 3.37 5.16
CA ILE A 110 -6.56 1.96 4.76
C ILE A 110 -5.29 1.39 5.39
N ILE A 111 -5.45 0.35 6.19
CA ILE A 111 -4.33 -0.31 6.86
C ILE A 111 -4.16 -1.73 6.34
N GLY A 112 -2.96 -2.03 5.87
CA GLY A 112 -2.64 -3.35 5.35
C GLY A 112 -2.41 -4.32 6.51
N LEU A 113 -1.78 -5.45 6.22
CA LEU A 113 -1.48 -6.47 7.24
C LEU A 113 0.03 -6.51 7.51
N LYS A 114 0.64 -5.34 7.60
CA LYS A 114 2.07 -5.29 7.85
C LYS A 114 2.40 -5.96 9.17
N ALA A 115 1.68 -5.58 10.23
CA ALA A 115 1.92 -6.13 11.56
C ALA A 115 2.05 -7.66 11.49
N ARG A 116 1.48 -8.24 10.44
CA ARG A 116 1.55 -9.69 10.25
C ARG A 116 2.82 -10.06 9.47
N VAL A 117 3.25 -9.18 8.56
CA VAL A 117 4.45 -9.45 7.78
C VAL A 117 5.68 -9.43 8.67
N LEU A 118 5.59 -8.73 9.79
CA LEU A 118 6.72 -8.66 10.70
C LEU A 118 7.08 -10.04 11.22
N GLU A 119 6.08 -10.83 11.58
CA GLU A 119 6.34 -12.15 12.09
C GLU A 119 6.98 -13.03 11.03
N GLU A 120 6.78 -12.69 9.76
CA GLU A 120 7.33 -13.47 8.69
C GLU A 120 8.85 -13.42 8.71
N SER A 121 9.40 -12.20 8.76
CA SER A 121 10.84 -12.02 8.77
C SER A 121 11.44 -12.43 10.11
N LYS A 122 10.75 -12.07 11.19
CA LYS A 122 11.24 -12.40 12.53
C LYS A 122 11.46 -13.90 12.66
N ASN A 123 10.80 -14.67 11.79
CA ASN A 123 10.95 -16.13 11.83
C ASN A 123 12.32 -16.52 11.30
N ASN A 124 12.76 -15.86 10.23
CA ASN A 124 14.06 -16.16 9.63
C ASN A 124 14.62 -14.93 8.91
N PRO A 125 15.93 -14.87 8.74
CA PRO A 125 16.60 -13.74 8.03
C PRO A 125 16.15 -13.63 6.58
N ILE A 126 15.14 -12.81 6.34
CA ILE A 126 14.62 -12.63 4.98
C ILE A 126 15.63 -11.86 4.13
N ASN A 127 16.67 -11.37 4.77
CA ASN A 127 17.70 -10.60 4.06
C ASN A 127 18.57 -11.53 3.25
N THR A 128 17.98 -12.64 2.80
CA THR A 128 18.73 -13.61 2.01
C THR A 128 18.99 -13.11 0.62
N ALA A 129 17.91 -12.66 -0.08
CA ALA A 129 17.95 -12.15 -1.47
C ALA A 129 17.00 -12.92 -2.38
N GLU A 130 17.34 -14.18 -2.64
CA GLU A 130 16.53 -15.04 -3.51
C GLU A 130 15.19 -15.37 -2.85
N ARG A 131 15.24 -16.11 -1.75
CA ARG A 131 14.04 -16.53 -1.04
C ARG A 131 13.09 -15.36 -0.90
N LEU A 132 13.65 -14.15 -0.99
CA LEU A 132 12.84 -12.96 -0.81
C LEU A 132 11.54 -13.07 -1.59
N LEU A 133 11.65 -13.40 -2.85
CA LEU A 133 10.47 -13.54 -3.70
C LEU A 133 9.36 -14.30 -2.98
N ALA A 134 9.75 -15.07 -1.96
CA ALA A 134 8.79 -15.82 -1.17
C ALA A 134 8.02 -14.89 -0.22
N ALA A 135 8.70 -13.89 0.34
CA ALA A 135 8.06 -12.94 1.25
C ALA A 135 7.08 -12.05 0.49
N LYS A 136 7.50 -11.59 -0.68
CA LYS A 136 6.64 -10.73 -1.48
C LYS A 136 5.38 -11.47 -1.90
N ALA A 137 5.56 -12.70 -2.40
CA ALA A 137 4.44 -13.50 -2.86
C ALA A 137 3.34 -13.54 -1.81
N GLN A 138 3.72 -13.49 -0.54
CA GLN A 138 2.76 -13.50 0.53
C GLN A 138 1.94 -12.20 0.52
N ILE A 139 2.65 -11.09 0.29
CA ILE A 139 2.01 -9.77 0.30
C ILE A 139 1.26 -9.52 -1.00
N GLU A 140 1.86 -9.95 -2.10
CA GLU A 140 1.27 -9.76 -3.40
C GLU A 140 0.00 -10.58 -3.53
N ASN A 141 0.06 -11.83 -3.10
CA ASN A 141 -1.10 -12.71 -3.20
C ASN A 141 -2.22 -12.22 -2.30
N GLN A 142 -1.85 -11.74 -1.11
CA GLN A 142 -2.84 -11.27 -0.16
C GLN A 142 -3.59 -10.07 -0.72
N LEU A 143 -2.96 -9.33 -1.61
CA LEU A 143 -3.59 -8.16 -2.18
C LEU A 143 -4.89 -8.55 -2.88
N LYS A 144 -4.85 -9.66 -3.60
CA LYS A 144 -6.02 -10.15 -4.31
C LYS A 144 -7.06 -10.68 -3.33
N VAL A 145 -6.63 -10.98 -2.11
CA VAL A 145 -7.53 -11.49 -1.08
C VAL A 145 -8.33 -10.37 -0.45
N VAL A 146 -7.63 -9.38 0.09
CA VAL A 146 -8.29 -8.25 0.74
C VAL A 146 -9.17 -7.49 -0.24
N LYS A 147 -8.74 -7.42 -1.48
CA LYS A 147 -9.50 -6.70 -2.50
C LYS A 147 -10.92 -7.25 -2.59
N GLU A 148 -11.04 -8.57 -2.53
CA GLU A 148 -12.35 -9.22 -2.61
C GLU A 148 -13.18 -8.87 -1.38
N LYS A 149 -12.56 -8.89 -0.21
CA LYS A 149 -13.26 -8.58 1.04
C LYS A 149 -13.45 -7.08 1.19
N GLN A 150 -12.64 -6.31 0.47
CA GLN A 150 -12.74 -4.85 0.56
C GLN A 150 -13.77 -4.35 -0.44
N ASN A 151 -13.80 -4.96 -1.62
CA ASN A 151 -14.74 -4.54 -2.65
C ASN A 151 -16.17 -4.71 -2.16
N ILE A 152 -16.50 -5.91 -1.71
CA ILE A 152 -17.84 -6.20 -1.21
C ILE A 152 -17.87 -7.57 -0.55
N GLU A 153 -18.74 -7.72 0.44
CA GLU A 153 -18.88 -9.00 1.15
C GLU A 153 -20.29 -9.57 0.95
N ASN A 154 -20.51 -10.12 -0.24
CA ASN A 154 -21.81 -10.72 -0.58
C ASN A 154 -22.96 -9.85 -0.08
N GLY A 155 -22.85 -8.55 -0.32
CA GLY A 155 -23.87 -7.59 0.12
C GLY A 155 -23.70 -7.28 1.60
N GLY A 156 -24.28 -6.16 2.04
CA GLY A 156 -24.19 -5.77 3.43
C GLY A 156 -22.74 -5.54 3.84
N GLU A 157 -21.96 -4.96 2.93
CA GLU A 157 -20.56 -4.69 3.22
C GLU A 157 -20.41 -3.88 4.49
N LYS A 158 -19.50 -4.31 5.36
CA LYS A 158 -19.25 -3.61 6.62
C LYS A 158 -17.83 -3.86 7.10
N LYS A 159 -17.16 -2.79 7.51
CA LYS A 159 -15.80 -2.89 8.02
C LYS A 159 -15.44 -1.68 8.88
N ASN A 160 -14.93 -1.95 10.07
CA ASN A 160 -14.54 -0.87 10.97
C ASN A 160 -13.76 -1.42 12.16
N ASN A 161 -12.79 -0.66 12.63
CA ASN A 161 -11.96 -1.08 13.77
C ASN A 161 -12.77 -0.98 15.07
N LYS A 162 -13.92 -0.34 14.99
CA LYS A 162 -14.77 -0.18 16.16
C LYS A 162 -15.26 -1.54 16.64
N SER A 163 -15.58 -2.42 15.71
CA SER A 163 -16.07 -3.76 16.06
C SER A 163 -17.23 -3.67 17.04
N LYS A 164 -16.92 -3.75 18.34
CA LYS A 164 -17.95 -3.68 19.38
C LYS A 164 -18.45 -2.24 19.53
N LYS A 165 -19.76 -2.10 19.76
CA LYS A 165 -20.35 -0.79 19.91
C LYS A 165 -19.82 -0.11 21.17
N LYS A 166 -19.20 1.06 20.99
CA LYS A 166 -18.64 1.79 22.11
C LYS A 166 -19.74 2.26 23.04
N LYS A 167 -20.88 2.65 22.47
CA LYS A 167 -22.01 3.13 23.25
C LYS A 167 -21.59 4.28 24.14
N SER A 1 35.59 5.47 -11.84
CA SER A 1 35.67 6.92 -12.16
C SER A 1 35.12 7.16 -13.56
N SER A 2 34.79 6.07 -14.25
CA SER A 2 34.25 6.16 -15.61
C SER A 2 33.72 4.82 -16.08
N ILE A 3 33.75 3.83 -15.18
CA ILE A 3 33.26 2.47 -15.50
C ILE A 3 32.47 1.92 -14.33
N GLY A 4 31.79 0.79 -14.58
CA GLY A 4 30.99 0.14 -13.55
C GLY A 4 29.60 0.77 -13.47
N LEU A 5 29.24 1.53 -14.51
CA LEU A 5 27.94 2.18 -14.56
C LEU A 5 27.71 2.99 -13.31
N VAL A 6 27.06 2.37 -12.32
CA VAL A 6 26.78 3.03 -11.05
C VAL A 6 26.97 2.07 -9.89
N GLU A 7 27.61 2.56 -8.83
CA GLU A 7 27.85 1.74 -7.65
C GLU A 7 26.56 1.57 -6.86
N ARG A 8 26.00 2.69 -6.42
CA ARG A 8 24.76 2.67 -5.65
C ARG A 8 24.16 4.07 -5.56
N THR A 9 23.04 4.27 -6.25
CA THR A 9 22.37 5.56 -6.23
C THR A 9 20.97 5.44 -6.80
N ASN A 10 20.88 5.06 -8.07
CA ASN A 10 19.59 4.91 -8.74
C ASN A 10 19.07 3.49 -8.58
N ALA A 11 19.72 2.71 -7.72
CA ALA A 11 19.31 1.33 -7.49
C ALA A 11 18.16 1.27 -6.49
N ALA A 12 18.20 2.16 -5.50
CA ALA A 12 17.15 2.19 -4.48
C ALA A 12 15.78 2.30 -5.12
N LEU A 13 15.71 3.02 -6.23
CA LEU A 13 14.46 3.19 -6.93
C LEU A 13 13.41 3.82 -6.02
N GLU A 14 13.83 4.22 -4.84
CA GLU A 14 12.92 4.83 -3.88
C GLU A 14 12.48 6.21 -4.38
N SER A 15 13.18 6.73 -5.37
CA SER A 15 12.86 8.04 -5.92
C SER A 15 11.45 8.05 -6.50
N SER A 16 11.07 6.93 -7.11
CA SER A 16 9.74 6.80 -7.72
C SER A 16 8.73 6.28 -6.70
N SER A 17 9.23 5.64 -5.64
CA SER A 17 8.36 5.07 -4.62
C SER A 17 7.60 6.15 -3.88
N LYS A 18 8.24 7.28 -3.67
CA LYS A 18 7.60 8.40 -2.96
C LYS A 18 6.45 8.97 -3.78
N ASP A 19 6.51 8.75 -5.09
CA ASP A 19 5.48 9.26 -5.97
C ASP A 19 4.16 8.57 -5.68
N LEU A 20 4.22 7.38 -5.07
CA LEU A 20 3.00 6.64 -4.77
C LEU A 20 2.23 7.28 -3.62
N LYS A 21 2.89 7.36 -2.48
CA LYS A 21 2.28 7.95 -1.27
C LYS A 21 1.56 9.24 -1.62
N ASN A 22 2.13 9.99 -2.56
CA ASN A 22 1.54 11.24 -3.01
C ASN A 22 0.51 10.98 -4.10
N LYS A 23 0.62 9.85 -4.76
CA LYS A 23 -0.30 9.54 -5.85
C LYS A 23 -1.74 9.56 -5.38
N ILE A 24 -1.98 9.07 -4.18
CA ILE A 24 -3.34 9.00 -3.64
C ILE A 24 -4.04 10.34 -3.79
N LEU A 25 -3.33 11.43 -3.51
CA LEU A 25 -3.93 12.75 -3.59
C LEU A 25 -4.85 12.87 -4.81
N LYS A 26 -4.55 12.07 -5.83
CA LYS A 26 -5.33 12.10 -7.06
C LYS A 26 -6.55 11.22 -6.94
N ILE A 27 -6.36 10.01 -6.44
CA ILE A 27 -7.47 9.07 -6.31
C ILE A 27 -8.65 9.72 -5.62
N LYS A 28 -8.43 10.28 -4.45
CA LYS A 28 -9.51 10.90 -3.70
C LYS A 28 -10.37 11.79 -4.59
N LYS A 29 -9.72 12.63 -5.40
CA LYS A 29 -10.44 13.54 -6.29
C LYS A 29 -11.52 12.78 -7.05
N GLU A 30 -11.27 11.50 -7.32
CA GLU A 30 -12.24 10.68 -8.04
C GLU A 30 -13.63 10.80 -7.38
N ALA A 31 -13.66 10.65 -6.06
CA ALA A 31 -14.92 10.74 -5.33
C ALA A 31 -15.46 12.17 -5.39
N THR A 32 -14.59 13.13 -5.13
CA THR A 32 -15.00 14.54 -5.13
C THR A 32 -15.72 14.88 -6.43
N GLY A 33 -15.25 14.32 -7.52
CA GLY A 33 -15.87 14.56 -8.83
C GLY A 33 -17.25 13.94 -8.90
N LYS A 34 -17.61 13.18 -7.88
CA LYS A 34 -18.92 12.52 -7.81
C LYS A 34 -19.87 13.27 -6.89
N GLY A 35 -19.56 14.53 -6.64
CA GLY A 35 -20.40 15.35 -5.77
C GLY A 35 -20.20 14.98 -4.31
N VAL A 36 -19.13 14.22 -4.04
CA VAL A 36 -18.83 13.81 -2.67
C VAL A 36 -18.19 14.97 -1.90
N LEU A 37 -18.56 15.09 -0.64
CA LEU A 37 -18.03 16.15 0.22
C LEU A 37 -16.63 15.80 0.68
N PHE A 38 -15.83 16.82 0.96
CA PHE A 38 -14.45 16.62 1.41
C PHE A 38 -14.09 17.64 2.48
N GLU A 39 -14.47 17.33 3.73
CA GLU A 39 -14.19 18.22 4.86
C GLU A 39 -12.91 17.78 5.55
N ALA A 40 -12.91 16.57 6.12
CA ALA A 40 -11.74 16.04 6.82
C ALA A 40 -11.50 14.59 6.44
N PHE A 41 -12.37 13.71 6.94
CA PHE A 41 -12.25 12.29 6.64
C PHE A 41 -13.46 11.53 7.16
N THR A 42 -13.30 10.83 8.28
CA THR A 42 -14.39 10.04 8.88
C THR A 42 -14.37 10.18 10.41
N GLY A 43 -13.83 11.31 10.89
CA GLY A 43 -13.73 11.57 12.33
C GLY A 43 -14.73 12.64 12.77
N LEU A 44 -15.08 13.52 11.84
CA LEU A 44 -16.03 14.59 12.11
C LEU A 44 -17.35 14.01 12.65
N LYS A 45 -18.42 14.78 12.51
CA LYS A 45 -19.73 14.34 12.97
C LYS A 45 -20.08 12.96 12.39
N THR A 46 -19.29 12.51 11.41
CA THR A 46 -19.51 11.22 10.76
C THR A 46 -20.99 11.05 10.38
N GLY A 47 -21.73 12.16 10.42
CA GLY A 47 -23.14 12.14 10.09
C GLY A 47 -23.35 12.02 8.59
N SER A 48 -22.45 12.63 7.82
CA SER A 48 -22.55 12.60 6.36
C SER A 48 -21.84 11.37 5.80
N LYS A 49 -21.32 10.54 6.69
CA LYS A 49 -20.61 9.34 6.27
C LYS A 49 -21.59 8.28 5.75
N VAL A 50 -22.86 8.65 5.68
CA VAL A 50 -23.88 7.73 5.22
C VAL A 50 -23.59 7.29 3.79
N THR A 51 -24.58 6.66 3.15
CA THR A 51 -24.42 6.18 1.79
C THR A 51 -24.54 7.34 0.79
N SER A 52 -24.12 8.53 1.22
CA SER A 52 -24.20 9.70 0.35
C SER A 52 -23.34 9.50 -0.90
N GLY A 53 -22.12 9.00 -0.69
CA GLY A 53 -21.21 8.75 -1.81
C GLY A 53 -21.66 7.55 -2.62
N GLY A 54 -22.13 6.51 -1.94
CA GLY A 54 -22.58 5.30 -2.61
C GLY A 54 -21.40 4.43 -3.00
N LEU A 55 -21.61 3.58 -4.01
CA LEU A 55 -20.55 2.69 -4.49
C LEU A 55 -19.49 3.48 -5.23
N ALA A 56 -19.69 4.79 -5.33
CA ALA A 56 -18.74 5.65 -6.02
C ALA A 56 -17.55 5.95 -5.12
N LEU A 57 -17.78 5.92 -3.81
CA LEU A 57 -16.71 6.18 -2.86
C LEU A 57 -15.89 4.93 -2.57
N ARG A 58 -16.51 3.78 -2.79
CA ARG A 58 -15.84 2.51 -2.54
C ARG A 58 -14.84 2.21 -3.65
N GLU A 59 -15.10 2.73 -4.83
CA GLU A 59 -14.21 2.49 -5.96
C GLU A 59 -12.91 3.27 -5.79
N ALA A 60 -12.93 4.27 -4.90
CA ALA A 60 -11.74 5.07 -4.64
C ALA A 60 -10.74 4.30 -3.78
N LYS A 61 -11.23 3.71 -2.70
CA LYS A 61 -10.38 2.97 -1.79
C LYS A 61 -9.75 1.77 -2.48
N VAL A 62 -10.48 1.22 -3.45
CA VAL A 62 -10.00 0.06 -4.23
C VAL A 62 -9.08 0.50 -5.35
N GLN A 63 -9.43 1.61 -6.01
CA GLN A 63 -8.63 2.11 -7.14
C GLN A 63 -7.15 2.12 -6.77
N ALA A 64 -6.84 2.55 -5.56
CA ALA A 64 -5.46 2.61 -5.13
C ALA A 64 -4.79 1.26 -5.32
N ILE A 65 -5.27 0.26 -4.57
CA ILE A 65 -4.69 -1.09 -4.63
C ILE A 65 -4.42 -1.50 -6.07
N VAL A 66 -5.41 -1.33 -6.92
CA VAL A 66 -5.26 -1.67 -8.33
C VAL A 66 -4.06 -0.94 -8.90
N GLU A 67 -3.89 0.33 -8.52
CA GLU A 67 -2.77 1.12 -9.01
C GLU A 67 -1.45 0.61 -8.42
N THR A 68 -1.49 0.22 -7.15
CA THR A 68 -0.29 -0.26 -6.47
C THR A 68 0.22 -1.54 -7.12
N GLY A 69 -0.71 -2.37 -7.57
CA GLY A 69 -0.35 -3.62 -8.21
C GLY A 69 0.57 -3.38 -9.40
N LYS A 70 0.41 -2.23 -10.05
CA LYS A 70 1.22 -1.89 -11.20
C LYS A 70 2.63 -1.51 -10.77
N PHE A 71 2.72 -0.73 -9.71
CA PHE A 71 4.02 -0.29 -9.20
C PHE A 71 4.75 -1.45 -8.56
N LEU A 72 4.01 -2.36 -7.95
CA LEU A 72 4.59 -3.50 -7.29
C LEU A 72 5.35 -4.38 -8.27
N LYS A 73 4.88 -4.40 -9.51
CA LYS A 73 5.51 -5.21 -10.56
C LYS A 73 6.86 -4.62 -10.92
N ILE A 74 7.05 -3.34 -10.64
CA ILE A 74 8.31 -2.67 -10.94
C ILE A 74 9.42 -3.13 -10.00
N ILE A 75 9.09 -3.21 -8.72
CA ILE A 75 10.06 -3.61 -7.70
C ILE A 75 10.43 -5.08 -7.87
N GLU A 76 9.43 -5.90 -8.14
CA GLU A 76 9.66 -7.33 -8.30
C GLU A 76 10.81 -7.61 -9.26
N GLU A 77 10.78 -6.95 -10.41
CA GLU A 77 11.82 -7.12 -11.42
C GLU A 77 13.10 -6.41 -11.00
N GLU A 78 13.00 -5.60 -9.95
CA GLU A 78 14.16 -4.86 -9.45
C GLU A 78 14.93 -5.68 -8.42
N ALA A 79 14.21 -6.57 -7.74
CA ALA A 79 14.84 -7.43 -6.72
C ALA A 79 15.59 -8.57 -7.37
N LEU A 80 15.03 -9.10 -8.45
CA LEU A 80 15.65 -10.22 -9.14
C LEU A 80 17.10 -9.94 -9.45
N LYS A 81 17.39 -8.73 -9.88
CA LYS A 81 18.75 -8.36 -10.22
C LYS A 81 19.66 -8.42 -9.00
N LEU A 82 19.22 -7.78 -7.92
CA LEU A 82 20.01 -7.74 -6.69
C LEU A 82 20.34 -9.14 -6.23
N LYS A 83 19.58 -10.10 -6.70
CA LYS A 83 19.81 -11.47 -6.31
C LYS A 83 21.27 -11.86 -6.55
N GLU A 84 21.85 -11.32 -7.61
CA GLU A 84 23.24 -11.62 -7.93
C GLU A 84 24.19 -11.00 -6.91
N THR A 85 23.91 -9.75 -6.52
CA THR A 85 24.75 -9.05 -5.55
C THR A 85 24.50 -9.57 -4.14
N GLY A 86 23.24 -9.71 -3.79
CA GLY A 86 22.88 -10.21 -2.47
C GLY A 86 23.21 -9.19 -1.38
N ASN A 87 23.30 -7.93 -1.79
CA ASN A 87 23.63 -6.87 -0.84
C ASN A 87 22.52 -6.74 0.20
N SER A 88 22.57 -7.58 1.22
CA SER A 88 21.55 -7.57 2.28
C SER A 88 21.26 -6.14 2.72
N GLY A 89 22.32 -5.36 2.93
CA GLY A 89 22.15 -3.98 3.37
C GLY A 89 21.21 -3.22 2.45
N GLN A 90 21.35 -3.44 1.14
CA GLN A 90 20.50 -2.76 0.18
C GLN A 90 19.05 -3.25 0.29
N PHE A 91 18.89 -4.53 0.60
CA PHE A 91 17.57 -5.11 0.71
C PHE A 91 16.80 -4.48 1.87
N LEU A 92 17.53 -3.95 2.84
CA LEU A 92 16.89 -3.36 4.00
C LEU A 92 15.96 -2.24 3.58
N ALA A 93 16.41 -1.44 2.63
CA ALA A 93 15.60 -0.35 2.13
C ALA A 93 14.41 -0.88 1.34
N MET A 94 14.65 -1.92 0.54
CA MET A 94 13.59 -2.51 -0.25
C MET A 94 12.52 -3.11 0.66
N PHE A 95 12.95 -3.77 1.73
CA PHE A 95 12.02 -4.39 2.64
C PHE A 95 11.10 -3.34 3.24
N ASP A 96 11.70 -2.26 3.69
CA ASP A 96 10.93 -1.16 4.28
C ASP A 96 10.12 -0.45 3.22
N LEU A 97 10.41 -0.72 1.96
CA LEU A 97 9.70 -0.08 0.85
C LEU A 97 8.31 -0.70 0.64
N MET A 98 8.29 -2.01 0.42
CA MET A 98 7.03 -2.72 0.19
C MET A 98 6.04 -2.43 1.30
N LEU A 99 6.56 -2.20 2.50
CA LEU A 99 5.73 -1.90 3.66
C LEU A 99 5.27 -0.45 3.63
N GLU A 100 6.09 0.43 3.06
CA GLU A 100 5.77 1.85 3.02
C GLU A 100 4.59 2.12 2.09
N VAL A 101 4.62 1.54 0.91
CA VAL A 101 3.56 1.76 -0.07
C VAL A 101 2.19 1.48 0.54
N VAL A 102 2.10 0.40 1.30
CA VAL A 102 0.86 0.01 1.96
C VAL A 102 0.61 0.86 3.20
N GLU A 103 1.62 1.64 3.58
CA GLU A 103 1.51 2.50 4.75
C GLU A 103 0.78 3.80 4.43
N SER A 104 1.10 4.39 3.28
CA SER A 104 0.49 5.65 2.89
C SER A 104 -1.02 5.50 2.75
N LEU A 105 -1.46 4.26 2.54
CA LEU A 105 -2.88 3.99 2.37
C LEU A 105 -3.60 4.06 3.71
N GLU A 106 -2.84 4.17 4.79
CA GLU A 106 -3.43 4.25 6.12
C GLU A 106 -4.55 5.28 6.15
N ASP A 107 -4.56 6.17 5.17
CA ASP A 107 -5.57 7.22 5.09
C ASP A 107 -6.97 6.62 4.96
N VAL A 108 -7.12 5.73 3.97
CA VAL A 108 -8.42 5.10 3.72
C VAL A 108 -8.71 4.04 4.78
N GLY A 109 -8.22 4.27 6.00
CA GLY A 109 -8.47 3.34 7.08
C GLY A 109 -7.91 1.96 6.79
N ILE A 110 -6.72 1.91 6.20
CA ILE A 110 -6.09 0.63 5.87
C ILE A 110 -5.22 0.16 7.03
N ILE A 111 -5.51 -1.05 7.52
CA ILE A 111 -4.75 -1.62 8.62
C ILE A 111 -4.72 -3.14 8.51
N GLY A 112 -4.23 -3.79 9.55
CA GLY A 112 -4.14 -5.24 9.58
C GLY A 112 -3.33 -5.76 8.41
N LEU A 113 -2.02 -5.57 8.50
CA LEU A 113 -1.13 -6.03 7.43
C LEU A 113 0.33 -5.82 7.82
N LYS A 114 0.76 -4.56 7.74
CA LYS A 114 2.15 -4.22 8.03
C LYS A 114 2.62 -4.97 9.28
N ALA A 115 1.94 -4.74 10.38
CA ALA A 115 2.29 -5.40 11.62
C ALA A 115 2.29 -6.92 11.45
N ARG A 116 1.30 -7.43 10.72
CA ARG A 116 1.20 -8.87 10.51
C ARG A 116 2.38 -9.41 9.71
N VAL A 117 2.55 -8.91 8.49
CA VAL A 117 3.63 -9.38 7.63
C VAL A 117 4.99 -9.17 8.28
N LEU A 118 5.03 -8.27 9.24
CA LEU A 118 6.29 -7.96 9.90
C LEU A 118 6.88 -9.19 10.55
N GLU A 119 6.02 -10.05 11.08
CA GLU A 119 6.50 -11.24 11.75
C GLU A 119 7.50 -12.00 10.88
N GLU A 120 7.41 -11.78 9.58
CA GLU A 120 8.31 -12.47 8.65
C GLU A 120 9.76 -12.17 8.98
N SER A 121 10.14 -10.90 8.91
CA SER A 121 11.51 -10.52 9.20
C SER A 121 11.91 -10.95 10.58
N LYS A 122 10.94 -11.06 11.48
CA LYS A 122 11.21 -11.48 12.85
C LYS A 122 11.58 -12.96 12.90
N ASN A 123 10.78 -13.78 12.24
CA ASN A 123 11.03 -15.23 12.24
C ASN A 123 12.28 -15.55 11.45
N ASN A 124 12.38 -14.99 10.25
CA ASN A 124 13.53 -15.25 9.38
C ASN A 124 14.49 -14.04 9.37
N PRO A 125 15.78 -14.28 9.23
CA PRO A 125 16.79 -13.18 9.19
C PRO A 125 16.65 -12.32 7.95
N ILE A 126 16.20 -12.93 6.86
CA ILE A 126 16.02 -12.23 5.60
C ILE A 126 17.35 -11.76 5.06
N ASN A 127 17.97 -10.76 5.74
CA ASN A 127 19.27 -10.18 5.35
C ASN A 127 19.88 -10.89 4.14
N THR A 128 19.12 -10.89 3.04
CA THR A 128 19.56 -11.56 1.82
C THR A 128 18.51 -11.38 0.73
N ALA A 129 18.73 -12.04 -0.40
CA ALA A 129 17.81 -11.96 -1.55
C ALA A 129 16.99 -13.25 -1.65
N GLU A 130 17.61 -14.32 -2.17
CA GLU A 130 16.94 -15.61 -2.36
C GLU A 130 15.72 -15.79 -1.44
N ARG A 131 15.99 -15.90 -0.14
CA ARG A 131 14.92 -16.09 0.83
C ARG A 131 14.00 -14.89 0.88
N LEU A 132 14.57 -13.69 0.84
CA LEU A 132 13.75 -12.49 0.88
C LEU A 132 12.62 -12.56 -0.13
N LEU A 133 12.86 -13.26 -1.22
CA LEU A 133 11.85 -13.37 -2.25
C LEU A 133 10.61 -14.04 -1.68
N ALA A 134 10.82 -15.03 -0.83
CA ALA A 134 9.72 -15.74 -0.20
C ALA A 134 8.85 -14.76 0.58
N ALA A 135 9.44 -13.63 0.96
CA ALA A 135 8.72 -12.60 1.71
C ALA A 135 7.74 -11.87 0.80
N LYS A 136 8.18 -11.59 -0.43
CA LYS A 136 7.32 -10.91 -1.39
C LYS A 136 6.14 -11.78 -1.78
N ALA A 137 6.44 -13.03 -2.11
CA ALA A 137 5.39 -14.00 -2.51
C ALA A 137 4.19 -13.88 -1.57
N GLN A 138 4.45 -13.42 -0.35
CA GLN A 138 3.39 -13.26 0.65
C GLN A 138 2.72 -11.89 0.49
N ILE A 139 3.50 -10.90 0.10
CA ILE A 139 2.94 -9.56 -0.08
C ILE A 139 1.84 -9.56 -1.12
N GLU A 140 2.15 -10.09 -2.29
CA GLU A 140 1.15 -10.14 -3.35
C GLU A 140 -0.10 -10.87 -2.86
N ASN A 141 0.09 -11.86 -1.99
CA ASN A 141 -1.04 -12.63 -1.47
C ASN A 141 -1.83 -11.79 -0.47
N GLN A 142 -1.18 -10.80 0.12
CA GLN A 142 -1.83 -9.92 1.10
C GLN A 142 -2.60 -8.82 0.41
N LEU A 143 -1.95 -8.12 -0.50
CA LEU A 143 -2.61 -7.03 -1.23
C LEU A 143 -3.77 -7.56 -2.05
N LYS A 144 -3.54 -8.67 -2.72
CA LYS A 144 -4.58 -9.24 -3.55
C LYS A 144 -5.88 -9.40 -2.76
N VAL A 145 -5.75 -9.85 -1.52
CA VAL A 145 -6.92 -10.04 -0.68
C VAL A 145 -7.62 -8.70 -0.43
N VAL A 146 -6.85 -7.67 -0.10
CA VAL A 146 -7.42 -6.36 0.17
C VAL A 146 -8.34 -5.95 -0.97
N LYS A 147 -7.92 -6.21 -2.20
CA LYS A 147 -8.72 -5.86 -3.34
C LYS A 147 -10.04 -6.65 -3.34
N GLU A 148 -9.93 -7.95 -3.08
CA GLU A 148 -11.11 -8.81 -3.06
C GLU A 148 -12.06 -8.36 -1.95
N LYS A 149 -11.51 -7.78 -0.91
CA LYS A 149 -12.32 -7.34 0.22
C LYS A 149 -13.37 -6.33 -0.24
N GLN A 150 -13.26 -5.91 -1.49
CA GLN A 150 -14.21 -4.95 -2.02
C GLN A 150 -15.64 -5.37 -1.72
N ASN A 151 -16.04 -6.52 -2.25
CA ASN A 151 -17.39 -7.04 -2.03
C ASN A 151 -17.36 -8.14 -0.99
N ILE A 152 -18.37 -8.14 -0.11
CA ILE A 152 -18.45 -9.14 0.94
C ILE A 152 -19.79 -9.04 1.66
N GLU A 153 -20.14 -7.83 2.08
CA GLU A 153 -21.39 -7.60 2.80
C GLU A 153 -21.56 -8.61 3.93
N ASN A 154 -22.78 -8.69 4.46
CA ASN A 154 -23.06 -9.63 5.54
C ASN A 154 -22.11 -9.40 6.72
N GLY A 155 -21.79 -8.14 6.98
CA GLY A 155 -20.89 -7.80 8.06
C GLY A 155 -20.67 -6.29 8.14
N GLY A 156 -19.43 -5.86 7.93
CA GLY A 156 -19.11 -4.44 7.97
C GLY A 156 -17.71 -4.19 7.44
N GLU A 157 -17.62 -3.90 6.14
CA GLU A 157 -16.33 -3.64 5.52
C GLU A 157 -15.78 -2.29 5.98
N LYS A 158 -16.69 -1.36 6.24
CA LYS A 158 -16.28 -0.02 6.68
C LYS A 158 -15.61 -0.07 8.03
N LYS A 159 -15.64 -1.24 8.67
CA LYS A 159 -15.01 -1.40 9.97
C LYS A 159 -13.55 -0.97 9.92
N ASN A 160 -13.31 0.29 10.29
CA ASN A 160 -11.95 0.82 10.30
C ASN A 160 -11.91 2.18 10.98
N ASN A 161 -13.08 2.80 11.12
CA ASN A 161 -13.17 4.10 11.75
C ASN A 161 -12.72 4.04 13.21
N LYS A 162 -13.04 2.93 13.86
CA LYS A 162 -12.67 2.74 15.25
C LYS A 162 -11.16 2.81 15.42
N SER A 163 -10.43 2.29 14.43
CA SER A 163 -8.97 2.30 14.48
C SER A 163 -8.45 3.73 14.37
N LYS A 164 -8.42 4.43 15.51
CA LYS A 164 -7.92 5.82 15.53
C LYS A 164 -6.40 5.83 15.59
N LYS A 165 -5.80 6.75 14.86
CA LYS A 165 -4.33 6.86 14.84
C LYS A 165 -3.87 7.95 15.80
N LYS A 166 -2.94 7.60 16.66
CA LYS A 166 -2.42 8.55 17.63
C LYS A 166 -1.70 9.70 16.94
N LYS A 167 -0.91 9.38 15.93
CA LYS A 167 -0.16 10.39 15.19
C LYS A 167 -1.04 10.96 14.07
#